data_7N82
#
_entry.id   7N82
#
_entity_poly.entity_id   1
_entity_poly.type   'polypeptide(L)'
_entity_poly.pdbx_seq_one_letter_code
;MRIDELVPADPRAVSLYTPYYSQANRRRYLPYALSLYQGSSIEGSRAVEGGAPISFVATWTVTPLPADMTRCHLQFNNDA
ELTYEILLPNHEFLEYLIDMLMGYQRMQKTDFPGAFYRRLLGYDS
;
_entity_poly.pdbx_strand_id   A
#
# COMPACT_ATOMS: atom_id res chain seq x y z
N MET A 1 2.95 -12.61 -7.49
CA MET A 1 3.60 -12.53 -8.84
C MET A 1 3.32 -11.21 -9.54
N ARG A 2 2.03 -10.77 -9.56
CA ARG A 2 1.67 -9.52 -10.21
C ARG A 2 0.40 -9.06 -9.55
N ILE A 3 0.15 -7.72 -9.52
CA ILE A 3 -1.04 -7.15 -8.87
C ILE A 3 -2.33 -7.60 -9.57
N ASP A 4 -2.37 -7.66 -10.93
CA ASP A 4 -3.58 -8.10 -11.65
C ASP A 4 -3.86 -9.59 -11.40
N GLU A 5 -2.86 -10.35 -10.88
CA GLU A 5 -3.04 -11.78 -10.63
C GLU A 5 -3.47 -11.99 -9.18
N LEU A 6 -3.69 -10.90 -8.40
CA LEU A 6 -4.12 -11.04 -7.01
C LEU A 6 -5.60 -11.33 -7.01
N VAL A 7 -6.04 -12.28 -6.14
CA VAL A 7 -7.44 -12.61 -6.04
C VAL A 7 -8.09 -11.59 -5.10
N PRO A 8 -9.29 -11.12 -5.43
CA PRO A 8 -9.97 -10.15 -4.60
C PRO A 8 -10.57 -10.72 -3.33
N ALA A 9 -10.72 -9.85 -2.30
CA ALA A 9 -11.29 -10.25 -1.03
C ALA A 9 -12.80 -10.44 -1.21
N ASP A 10 -13.44 -11.21 -0.27
CA ASP A 10 -14.86 -11.49 -0.37
C ASP A 10 -15.68 -10.19 -0.19
N PRO A 11 -16.80 -10.07 -0.93
CA PRO A 11 -17.64 -8.86 -0.88
C PRO A 11 -18.28 -8.55 0.44
N ARG A 12 -18.55 -9.59 1.28
CA ARG A 12 -19.15 -9.39 2.60
C ARG A 12 -18.18 -8.63 3.50
N ALA A 13 -16.88 -9.00 3.41
CA ALA A 13 -15.83 -8.37 4.19
C ALA A 13 -15.49 -7.00 3.60
N VAL A 14 -15.40 -6.90 2.25
CA VAL A 14 -15.02 -5.64 1.61
C VAL A 14 -16.13 -4.59 1.76
N SER A 15 -17.42 -4.99 1.59
CA SER A 15 -18.53 -4.00 1.64
C SER A 15 -18.66 -3.41 3.03
N LEU A 16 -18.10 -4.09 4.05
CA LEU A 16 -18.13 -3.62 5.42
C LEU A 16 -17.13 -2.47 5.58
N TYR A 17 -16.00 -2.45 4.82
CA TYR A 17 -15.03 -1.37 4.97
C TYR A 17 -15.39 -0.20 4.06
N THR A 18 -16.19 -0.47 2.98
CA THR A 18 -16.58 0.54 1.96
C THR A 18 -17.10 1.89 2.52
N PRO A 19 -18.07 1.94 3.46
CA PRO A 19 -18.59 3.23 3.96
C PRO A 19 -17.63 4.04 4.80
N TYR A 20 -16.46 3.46 5.15
CA TYR A 20 -15.49 4.18 5.99
C TYR A 20 -14.57 5.01 5.10
N TYR A 21 -14.66 4.88 3.75
CA TYR A 21 -13.77 5.62 2.85
C TYR A 21 -14.62 6.33 1.82
N SER A 22 -13.95 6.99 0.83
CA SER A 22 -14.67 7.68 -0.23
C SER A 22 -15.27 6.66 -1.16
N GLN A 23 -16.60 6.74 -1.39
CA GLN A 23 -17.29 5.78 -2.23
C GLN A 23 -17.30 6.29 -3.65
N ALA A 24 -16.30 5.84 -4.44
CA ALA A 24 -16.18 6.24 -5.82
C ALA A 24 -15.27 5.23 -6.50
N ASN A 25 -14.16 5.69 -7.14
CA ASN A 25 -13.22 4.78 -7.83
C ASN A 25 -12.44 3.95 -6.82
N ARG A 26 -12.43 4.35 -5.51
CA ARG A 26 -11.72 3.59 -4.49
C ARG A 26 -12.44 2.27 -4.23
N ARG A 27 -13.77 2.20 -4.53
CA ARG A 27 -14.56 0.99 -4.34
C ARG A 27 -14.05 -0.10 -5.29
N ARG A 28 -13.65 0.31 -6.51
CA ARG A 28 -13.16 -0.60 -7.55
C ARG A 28 -11.91 -1.37 -7.11
N TYR A 29 -10.95 -0.68 -6.44
CA TYR A 29 -9.68 -1.33 -6.05
C TYR A 29 -9.74 -1.79 -4.61
N LEU A 30 -10.87 -1.55 -3.90
CA LEU A 30 -10.99 -1.94 -2.49
C LEU A 30 -10.81 -3.46 -2.32
N PRO A 31 -11.54 -4.32 -3.07
CA PRO A 31 -11.37 -5.78 -2.93
C PRO A 31 -9.98 -6.28 -3.21
N TYR A 32 -9.23 -5.60 -4.13
CA TYR A 32 -7.90 -6.06 -4.48
C TYR A 32 -6.88 -5.54 -3.48
N ALA A 33 -7.07 -4.28 -2.99
CA ALA A 33 -6.13 -3.70 -2.04
C ALA A 33 -6.35 -4.29 -0.65
N LEU A 34 -7.62 -4.72 -0.33
CA LEU A 34 -7.88 -5.37 0.97
C LEU A 34 -7.14 -6.71 0.98
N SER A 35 -7.12 -7.42 -0.19
CA SER A 35 -6.40 -8.70 -0.31
C SER A 35 -4.90 -8.44 -0.11
N LEU A 36 -4.36 -7.35 -0.72
CA LEU A 36 -2.93 -6.99 -0.58
C LEU A 36 -2.63 -6.65 0.88
N TYR A 37 -3.58 -5.92 1.55
CA TYR A 37 -3.48 -5.54 2.96
C TYR A 37 -3.33 -6.79 3.83
N GLN A 38 -4.21 -7.82 3.59
CA GLN A 38 -4.20 -9.07 4.37
C GLN A 38 -2.92 -9.87 4.13
N GLY A 39 -2.21 -9.61 3.01
CA GLY A 39 -0.94 -10.28 2.66
C GLY A 39 0.11 -10.02 3.73
N SER A 40 0.19 -8.76 4.25
CA SER A 40 1.13 -8.38 5.33
C SER A 40 2.60 -8.36 4.89
N SER A 41 2.90 -8.74 3.63
CA SER A 41 4.29 -8.74 3.15
C SER A 41 4.23 -8.57 1.66
N ILE A 42 4.96 -7.56 1.10
CA ILE A 42 4.93 -7.35 -0.33
C ILE A 42 6.26 -6.72 -0.77
N GLU A 43 6.67 -7.01 -2.04
CA GLU A 43 7.87 -6.43 -2.62
C GLU A 43 7.34 -5.35 -3.53
N GLY A 44 7.96 -4.16 -3.54
CA GLY A 44 7.43 -3.07 -4.36
C GLY A 44 8.54 -2.20 -4.83
N SER A 45 8.27 -1.33 -5.83
CA SER A 45 9.31 -0.48 -6.37
C SER A 45 8.86 0.96 -6.35
N ARG A 46 9.83 1.86 -6.07
CA ARG A 46 9.59 3.29 -6.08
C ARG A 46 10.12 3.79 -7.40
N ALA A 47 9.25 4.48 -8.18
CA ALA A 47 9.64 4.99 -9.49
C ALA A 47 10.14 6.41 -9.33
N VAL A 48 11.27 6.72 -9.99
CA VAL A 48 11.87 8.05 -9.91
C VAL A 48 11.88 8.60 -11.33
N GLU A 49 11.31 9.81 -11.54
CA GLU A 49 11.26 10.40 -12.88
C GLU A 49 12.64 10.92 -13.23
N GLY A 50 13.19 10.46 -14.39
CA GLY A 50 14.53 10.88 -14.83
C GLY A 50 15.57 9.96 -14.25
N GLY A 51 15.14 8.92 -13.51
CA GLY A 51 16.06 7.97 -12.90
C GLY A 51 15.57 6.59 -13.16
N ALA A 52 16.03 5.62 -12.34
CA ALA A 52 15.62 4.23 -12.47
C ALA A 52 14.88 3.87 -11.20
N PRO A 53 13.96 2.91 -11.26
CA PRO A 53 13.19 2.50 -10.08
C PRO A 53 14.02 1.71 -9.07
N ILE A 54 13.66 1.82 -7.76
CA ILE A 54 14.40 1.12 -6.71
C ILE A 54 13.48 0.11 -6.04
N SER A 55 14.00 -1.13 -5.87
CA SER A 55 13.28 -2.25 -5.22
C SER A 55 13.39 -2.16 -3.71
N PHE A 56 12.21 -2.21 -3.02
CA PHE A 56 12.17 -2.22 -1.56
C PHE A 56 11.38 -3.43 -1.08
N VAL A 57 11.49 -3.73 0.23
CA VAL A 57 10.76 -4.86 0.83
C VAL A 57 9.85 -4.25 1.87
N ALA A 58 8.52 -4.57 1.92
CA ALA A 58 7.66 -3.96 2.95
C ALA A 58 6.88 -5.03 3.68
N THR A 59 6.79 -4.89 5.03
CA THR A 59 6.03 -5.85 5.86
C THR A 59 5.21 -5.04 6.84
N TRP A 60 4.07 -5.60 7.35
CA TRP A 60 3.25 -4.84 8.30
C TRP A 60 2.34 -5.79 9.07
N THR A 61 1.70 -5.27 10.15
CA THR A 61 0.76 -6.06 10.97
C THR A 61 -0.63 -5.56 10.66
N VAL A 62 -1.62 -6.48 10.49
CA VAL A 62 -2.98 -6.08 10.14
C VAL A 62 -3.93 -6.31 11.30
N THR A 63 -5.04 -5.51 11.31
CA THR A 63 -6.07 -5.61 12.35
C THR A 63 -7.42 -5.43 11.66
N PRO A 64 -8.49 -6.03 12.21
CA PRO A 64 -9.83 -5.95 11.61
C PRO A 64 -10.58 -4.64 11.81
N LEU A 65 -10.16 -3.79 12.78
CA LEU A 65 -10.86 -2.54 13.02
C LEU A 65 -10.20 -1.44 12.19
N PRO A 66 -10.98 -0.74 11.35
CA PRO A 66 -10.41 0.31 10.47
C PRO A 66 -9.93 1.55 11.21
N ALA A 67 -10.32 1.72 12.49
CA ALA A 67 -9.90 2.86 13.28
C ALA A 67 -8.56 2.56 13.96
N ASP A 68 -8.04 1.31 13.84
CA ASP A 68 -6.78 0.95 14.47
C ASP A 68 -5.63 1.45 13.58
N MET A 69 -4.42 1.59 14.21
CA MET A 69 -3.24 2.05 13.49
C MET A 69 -2.34 0.85 13.24
N THR A 70 -1.74 0.80 12.03
CA THR A 70 -0.87 -0.32 11.65
C THR A 70 0.56 0.19 11.64
N ARG A 71 1.56 -0.68 12.00
CA ARG A 71 2.95 -0.27 11.93
C ARG A 71 3.52 -1.03 10.76
N CYS A 72 4.10 -0.29 9.79
CA CYS A 72 4.67 -0.90 8.61
C CYS A 72 6.15 -0.67 8.64
N HIS A 73 6.90 -1.70 8.18
CA HIS A 73 8.34 -1.68 8.14
C HIS A 73 8.73 -1.76 6.68
N LEU A 74 9.62 -0.84 6.25
CA LEU A 74 10.08 -0.78 4.87
C LEU A 74 11.59 -0.79 4.87
N GLN A 75 12.17 -1.62 3.97
CA GLN A 75 13.60 -1.73 3.80
C GLN A 75 13.91 -1.50 2.34
N PHE A 76 14.71 -0.47 2.02
CA PHE A 76 15.04 -0.18 0.62
C PHE A 76 16.38 -0.80 0.28
N ASN A 77 16.44 -1.52 -0.88
CA ASN A 77 17.66 -2.17 -1.37
C ASN A 77 18.17 -3.25 -0.41
N ASN A 78 17.27 -3.76 0.50
CA ASN A 78 17.61 -4.81 1.48
C ASN A 78 18.78 -4.36 2.37
N ASP A 79 18.81 -3.07 2.76
CA ASP A 79 19.87 -2.55 3.60
C ASP A 79 19.29 -2.25 4.97
N ALA A 80 19.98 -2.73 6.04
CA ALA A 80 19.54 -2.52 7.42
C ALA A 80 19.61 -1.04 7.81
N GLU A 81 20.51 -0.25 7.17
CA GLU A 81 20.64 1.17 7.49
C GLU A 81 19.60 1.99 6.72
N LEU A 82 18.81 1.33 5.84
CA LEU A 82 17.77 2.02 5.08
C LEU A 82 16.44 1.47 5.53
N THR A 83 16.30 1.30 6.87
CA THR A 83 15.08 0.77 7.47
C THR A 83 14.18 1.92 7.83
N TYR A 84 12.88 1.79 7.50
CA TYR A 84 11.91 2.82 7.80
C TYR A 84 10.77 2.19 8.58
N GLU A 85 10.24 2.95 9.57
CA GLU A 85 9.12 2.51 10.39
C GLU A 85 8.10 3.61 10.24
N ILE A 86 6.90 3.20 9.79
CA ILE A 86 5.80 4.13 9.55
C ILE A 86 4.56 3.52 10.16
N LEU A 87 3.90 4.38 10.97
CA LEU A 87 2.69 4.08 11.71
C LEU A 87 1.70 5.12 11.27
N LEU A 88 0.46 4.67 10.93
CA LEU A 88 -0.56 5.56 10.43
C LEU A 88 -1.85 4.73 10.55
N PRO A 89 -3.02 5.37 10.49
CA PRO A 89 -4.30 4.66 10.60
C PRO A 89 -4.60 3.71 9.45
N ASN A 90 -5.37 2.62 9.72
CA ASN A 90 -5.77 1.66 8.69
C ASN A 90 -6.54 2.37 7.57
N HIS A 91 -7.44 3.35 7.94
CA HIS A 91 -8.19 4.12 6.94
C HIS A 91 -7.24 4.83 5.97
N GLU A 92 -6.14 5.41 6.50
CA GLU A 92 -5.21 6.15 5.67
C GLU A 92 -4.26 5.21 4.94
N PHE A 93 -3.85 4.07 5.60
CA PHE A 93 -2.93 3.12 4.95
C PHE A 93 -3.55 2.54 3.68
N LEU A 94 -4.87 2.22 3.72
CA LEU A 94 -5.53 1.65 2.53
C LEU A 94 -5.67 2.70 1.43
N GLU A 95 -5.68 4.04 1.75
CA GLU A 95 -5.76 5.05 0.69
C GLU A 95 -4.47 4.96 -0.16
N TYR A 96 -3.31 4.75 0.53
CA TYR A 96 -2.02 4.57 -0.13
C TYR A 96 -2.04 3.30 -0.99
N LEU A 97 -2.49 2.15 -0.40
CA LEU A 97 -2.55 0.89 -1.17
C LEU A 97 -3.51 1.01 -2.35
N ILE A 98 -4.67 1.71 -2.20
CA ILE A 98 -5.59 1.93 -3.31
C ILE A 98 -4.94 2.82 -4.37
N ASP A 99 -4.20 3.90 -3.95
CA ASP A 99 -3.53 4.79 -4.92
C ASP A 99 -2.48 4.00 -5.70
N MET A 100 -1.80 3.01 -5.03
CA MET A 100 -0.82 2.15 -5.68
C MET A 100 -1.49 1.36 -6.82
N LEU A 101 -2.75 0.90 -6.59
CA LEU A 101 -3.47 0.13 -7.62
C LEU A 101 -3.87 1.06 -8.76
N MET A 102 -4.12 2.36 -8.47
CA MET A 102 -4.44 3.34 -9.53
C MET A 102 -3.20 3.54 -10.40
N GLY A 103 -1.98 3.62 -9.78
CA GLY A 103 -0.73 3.75 -10.55
C GLY A 103 -0.49 2.49 -11.36
N TYR A 104 -0.79 1.31 -10.75
CA TYR A 104 -0.67 0.01 -11.40
C TYR A 104 -1.59 -0.04 -12.61
N GLN A 105 -2.87 0.37 -12.44
CA GLN A 105 -3.83 0.34 -13.54
C GLN A 105 -3.38 1.20 -14.72
N ARG A 106 -2.85 2.41 -14.47
CA ARG A 106 -2.52 3.31 -15.57
C ARG A 106 -1.27 2.88 -16.34
N MET A 107 -0.20 2.39 -15.64
CA MET A 107 1.06 2.05 -16.33
C MET A 107 1.26 0.54 -16.49
N GLN A 108 0.49 -0.30 -15.75
CA GLN A 108 0.59 -1.77 -15.82
C GLN A 108 1.94 -2.25 -15.28
N LYS A 109 2.48 -1.53 -14.27
CA LYS A 109 3.75 -1.88 -13.65
C LYS A 109 3.55 -1.66 -12.16
N THR A 110 4.29 -2.41 -11.29
CA THR A 110 4.12 -2.24 -9.84
C THR A 110 5.00 -1.09 -9.40
N ASP A 111 4.35 0.06 -9.09
CA ASP A 111 5.08 1.23 -8.65
C ASP A 111 4.31 1.82 -7.49
N PHE A 112 5.03 2.19 -6.40
CA PHE A 112 4.38 2.79 -5.24
C PHE A 112 4.31 4.29 -5.49
N PRO A 113 3.28 4.95 -4.96
CA PRO A 113 3.11 6.40 -5.17
C PRO A 113 4.09 7.26 -4.39
N GLY A 114 4.48 8.41 -5.00
CA GLY A 114 5.43 9.36 -4.41
C GLY A 114 4.96 9.89 -3.08
N ALA A 115 3.62 10.09 -2.91
CA ALA A 115 3.07 10.61 -1.66
C ALA A 115 3.33 9.67 -0.48
N PHE A 116 3.54 8.35 -0.75
CA PHE A 116 3.82 7.39 0.32
C PHE A 116 5.21 7.69 0.87
N TYR A 117 6.21 7.95 -0.04
CA TYR A 117 7.58 8.21 0.40
C TYR A 117 7.65 9.59 1.06
N ARG A 118 6.74 10.53 0.68
CA ARG A 118 6.72 11.88 1.28
C ARG A 118 6.46 11.79 2.77
N ARG A 119 5.53 10.87 3.14
CA ARG A 119 5.14 10.68 4.54
C ARG A 119 6.11 9.72 5.21
N LEU A 120 6.74 8.81 4.42
CA LEU A 120 7.72 7.86 4.93
C LEU A 120 8.97 8.62 5.38
N LEU A 121 9.38 9.64 4.59
CA LEU A 121 10.54 10.46 4.91
C LEU A 121 10.13 11.47 6.00
N GLY A 122 8.83 11.90 5.98
CA GLY A 122 8.34 12.86 6.97
C GLY A 122 8.55 14.26 6.45
N TYR A 123 8.36 14.47 5.12
CA TYR A 123 8.55 15.80 4.53
C TYR A 123 7.42 16.74 4.92
N ASP A 124 6.27 16.18 5.36
CA ASP A 124 5.14 16.99 5.77
C ASP A 124 5.23 17.19 7.29
N SER A 125 6.37 16.78 7.91
CA SER A 125 6.56 16.93 9.37
C SER A 125 5.51 16.09 10.16
N MET A 1 3.47 -9.68 -5.61
CA MET A 1 4.12 -8.45 -6.20
C MET A 1 3.33 -7.90 -7.38
N ARG A 2 2.67 -8.78 -8.16
CA ARG A 2 1.88 -8.36 -9.31
C ARG A 2 0.44 -8.21 -8.88
N ILE A 3 -0.06 -6.95 -8.89
CA ILE A 3 -1.44 -6.65 -8.49
C ILE A 3 -2.41 -7.26 -9.50
N ASP A 4 -2.05 -7.30 -10.81
CA ASP A 4 -2.93 -7.87 -11.85
C ASP A 4 -3.20 -9.35 -11.60
N GLU A 5 -2.35 -10.06 -10.80
CA GLU A 5 -2.55 -11.47 -10.54
C GLU A 5 -3.30 -11.66 -9.21
N LEU A 6 -3.71 -10.55 -8.54
CA LEU A 6 -4.44 -10.66 -7.28
C LEU A 6 -5.92 -10.81 -7.58
N VAL A 7 -6.62 -11.63 -6.76
CA VAL A 7 -8.04 -11.86 -6.95
C VAL A 7 -8.79 -10.98 -5.97
N PRO A 8 -10.02 -10.54 -6.32
CA PRO A 8 -10.84 -9.71 -5.43
C PRO A 8 -11.23 -10.36 -4.12
N ALA A 9 -11.28 -9.54 -3.05
CA ALA A 9 -11.71 -10.01 -1.74
C ALA A 9 -13.22 -10.21 -1.76
N ASP A 10 -13.76 -10.97 -0.77
CA ASP A 10 -15.20 -11.26 -0.71
C ASP A 10 -15.99 -9.95 -0.54
N PRO A 11 -17.12 -9.82 -1.26
CA PRO A 11 -17.93 -8.58 -1.22
C PRO A 11 -18.54 -8.26 0.12
N ARG A 12 -18.80 -9.28 0.97
CA ARG A 12 -19.37 -9.06 2.30
C ARG A 12 -18.36 -8.30 3.16
N ALA A 13 -17.06 -8.66 3.03
CA ALA A 13 -16.00 -8.02 3.78
C ALA A 13 -15.70 -6.66 3.18
N VAL A 14 -15.67 -6.56 1.83
CA VAL A 14 -15.32 -5.30 1.18
C VAL A 14 -16.43 -4.27 1.32
N SER A 15 -17.73 -4.66 1.12
CA SER A 15 -18.81 -3.67 1.19
C SER A 15 -18.98 -3.16 2.61
N LEU A 16 -18.47 -3.92 3.60
CA LEU A 16 -18.53 -3.54 5.00
C LEU A 16 -17.50 -2.46 5.28
N TYR A 17 -16.33 -2.45 4.57
CA TYR A 17 -15.31 -1.44 4.83
C TYR A 17 -15.56 -0.18 4.00
N THR A 18 -16.29 -0.29 2.85
CA THR A 18 -16.57 0.86 1.93
C THR A 18 -17.13 2.12 2.61
N PRO A 19 -18.14 2.06 3.52
CA PRO A 19 -18.70 3.26 4.18
C PRO A 19 -17.73 4.06 5.00
N TYR A 20 -16.57 3.45 5.36
CA TYR A 20 -15.59 4.14 6.19
C TYR A 20 -14.70 5.01 5.32
N TYR A 21 -14.88 5.00 3.97
CA TYR A 21 -14.03 5.78 3.08
C TYR A 21 -14.88 6.73 2.26
N SER A 22 -15.25 6.34 1.02
CA SER A 22 -16.06 7.20 0.18
C SER A 22 -16.58 6.35 -0.95
N GLN A 23 -17.75 6.74 -1.52
CA GLN A 23 -18.32 6.00 -2.63
C GLN A 23 -17.94 6.73 -3.90
N ALA A 24 -16.91 6.21 -4.60
CA ALA A 24 -16.44 6.83 -5.81
C ALA A 24 -15.57 5.81 -6.51
N ASN A 25 -14.48 6.23 -7.20
CA ASN A 25 -13.60 5.29 -7.90
C ASN A 25 -12.73 4.53 -6.90
N ARG A 26 -12.67 4.98 -5.62
CA ARG A 26 -11.85 4.32 -4.60
C ARG A 26 -12.40 2.94 -4.25
N ARG A 27 -13.76 2.75 -4.21
CA ARG A 27 -14.33 1.44 -3.85
C ARG A 27 -14.07 0.41 -4.94
N ARG A 28 -13.71 0.87 -6.17
CA ARG A 28 -13.36 -0.01 -7.28
C ARG A 28 -12.05 -0.75 -6.97
N TYR A 29 -11.09 -0.08 -6.30
CA TYR A 29 -9.79 -0.68 -6.00
C TYR A 29 -9.81 -1.31 -4.61
N LEU A 30 -10.88 -1.06 -3.82
CA LEU A 30 -10.99 -1.61 -2.46
C LEU A 30 -10.92 -3.15 -2.43
N PRO A 31 -11.71 -3.89 -3.24
CA PRO A 31 -11.65 -5.35 -3.20
C PRO A 31 -10.35 -5.94 -3.67
N TYR A 32 -9.55 -5.18 -4.45
CA TYR A 32 -8.28 -5.68 -4.94
C TYR A 32 -7.19 -5.34 -3.94
N ALA A 33 -7.31 -4.14 -3.27
CA ALA A 33 -6.29 -3.71 -2.32
C ALA A 33 -6.47 -4.43 -0.98
N LEU A 34 -7.70 -4.90 -0.63
CA LEU A 34 -7.87 -5.64 0.64
C LEU A 34 -7.07 -6.95 0.57
N SER A 35 -7.03 -7.61 -0.63
CA SER A 35 -6.24 -8.84 -0.79
C SER A 35 -4.75 -8.54 -0.60
N LEU A 36 -4.27 -7.38 -1.13
CA LEU A 36 -2.86 -6.97 -0.99
C LEU A 36 -2.59 -6.64 0.49
N TYR A 37 -3.55 -5.93 1.13
CA TYR A 37 -3.50 -5.54 2.54
C TYR A 37 -3.35 -6.78 3.44
N GLN A 38 -4.19 -7.83 3.17
CA GLN A 38 -4.19 -9.08 3.93
C GLN A 38 -2.85 -9.81 3.85
N GLY A 39 -2.05 -9.54 2.78
CA GLY A 39 -0.74 -10.16 2.56
C GLY A 39 0.21 -9.90 3.71
N SER A 40 0.23 -8.65 4.25
CA SER A 40 1.07 -8.28 5.43
C SER A 40 2.58 -8.23 5.10
N SER A 41 3.02 -8.83 3.98
CA SER A 41 4.43 -8.83 3.60
C SER A 41 4.46 -8.80 2.09
N ILE A 42 5.20 -7.85 1.48
CA ILE A 42 5.24 -7.76 0.04
C ILE A 42 6.59 -7.17 -0.39
N GLU A 43 6.99 -7.44 -1.66
CA GLU A 43 8.21 -6.87 -2.22
C GLU A 43 7.73 -5.74 -3.07
N GLY A 44 8.42 -4.58 -3.03
CA GLY A 44 7.96 -3.41 -3.77
C GLY A 44 9.09 -2.82 -4.53
N SER A 45 8.79 -2.00 -5.58
CA SER A 45 9.85 -1.35 -6.33
C SER A 45 9.50 0.11 -6.39
N ARG A 46 10.47 1.00 -6.09
CA ARG A 46 10.22 2.43 -6.16
C ARG A 46 10.91 2.93 -7.40
N ALA A 47 10.11 3.51 -8.34
CA ALA A 47 10.65 4.02 -9.59
C ALA A 47 11.30 5.38 -9.38
N VAL A 48 12.39 5.63 -10.13
CA VAL A 48 13.11 6.89 -10.03
C VAL A 48 13.09 7.48 -11.43
N GLU A 49 12.62 8.74 -11.57
CA GLU A 49 12.54 9.37 -12.89
C GLU A 49 13.95 9.76 -13.33
N GLY A 50 14.40 9.17 -14.47
CA GLY A 50 15.73 9.45 -15.00
C GLY A 50 16.74 8.49 -14.41
N GLY A 51 16.26 7.50 -13.60
CA GLY A 51 17.16 6.53 -12.98
C GLY A 51 16.58 5.16 -13.15
N ALA A 52 17.04 4.23 -12.28
CA ALA A 52 16.56 2.85 -12.32
C ALA A 52 15.78 2.64 -11.04
N PRO A 53 14.82 1.70 -11.04
CA PRO A 53 14.00 1.42 -9.85
C PRO A 53 14.77 0.73 -8.73
N ILE A 54 14.32 0.94 -7.47
CA ILE A 54 15.00 0.32 -6.31
C ILE A 54 14.06 -0.67 -5.66
N SER A 55 14.57 -1.89 -5.42
CA SER A 55 13.83 -2.97 -4.78
C SER A 55 13.86 -2.81 -3.26
N PHE A 56 12.64 -2.81 -2.63
CA PHE A 56 12.54 -2.71 -1.18
C PHE A 56 11.69 -3.86 -0.66
N VAL A 57 11.74 -4.09 0.67
CA VAL A 57 10.95 -5.16 1.30
C VAL A 57 10.00 -4.44 2.22
N ALA A 58 8.66 -4.72 2.20
CA ALA A 58 7.76 -4.00 3.12
C ALA A 58 6.93 -5.00 3.88
N THR A 59 6.79 -4.78 5.21
CA THR A 59 5.96 -5.66 6.05
C THR A 59 5.10 -4.77 6.92
N TRP A 60 3.92 -5.27 7.36
CA TRP A 60 3.04 -4.47 8.19
C TRP A 60 2.09 -5.36 8.96
N THR A 61 1.42 -4.79 9.99
CA THR A 61 0.45 -5.52 10.80
C THR A 61 -0.93 -5.07 10.38
N VAL A 62 -1.91 -6.01 10.35
CA VAL A 62 -3.27 -5.68 9.90
C VAL A 62 -4.24 -5.74 11.08
N THR A 63 -5.35 -4.97 10.99
CA THR A 63 -6.34 -4.92 12.07
C THR A 63 -7.71 -4.56 11.44
N PRO A 64 -8.80 -5.17 11.94
CA PRO A 64 -10.15 -4.87 11.43
C PRO A 64 -10.72 -3.53 11.85
N LEU A 65 -10.12 -2.86 12.88
CA LEU A 65 -10.65 -1.58 13.34
C LEU A 65 -9.97 -0.45 12.55
N PRO A 66 -10.77 0.39 11.88
CA PRO A 66 -10.21 1.48 11.03
C PRO A 66 -9.54 2.60 11.80
N ALA A 67 -9.85 2.74 13.11
CA ALA A 67 -9.27 3.79 13.94
C ALA A 67 -7.95 3.31 14.55
N ASP A 68 -7.57 2.01 14.36
CA ASP A 68 -6.34 1.50 14.93
C ASP A 68 -5.16 1.88 14.03
N MET A 69 -3.96 1.98 14.63
CA MET A 69 -2.76 2.32 13.89
C MET A 69 -2.04 1.05 13.50
N THR A 70 -1.54 1.02 12.24
CA THR A 70 -0.80 -0.14 11.72
C THR A 70 0.67 0.22 11.80
N ARG A 71 1.57 -0.77 12.06
CA ARG A 71 3.00 -0.48 12.12
C ARG A 71 3.56 -1.06 10.84
N CYS A 72 4.11 -0.20 9.95
CA CYS A 72 4.63 -0.67 8.68
C CYS A 72 6.14 -0.45 8.71
N HIS A 73 6.88 -1.51 8.30
CA HIS A 73 8.33 -1.49 8.27
C HIS A 73 8.74 -1.63 6.82
N LEU A 74 9.61 -0.70 6.36
CA LEU A 74 10.10 -0.70 5.00
C LEU A 74 11.60 -0.72 5.06
N GLN A 75 12.22 -1.68 4.31
CA GLN A 75 13.67 -1.81 4.25
C GLN A 75 14.06 -1.75 2.79
N PHE A 76 14.97 -0.81 2.41
CA PHE A 76 15.38 -0.65 1.01
C PHE A 76 16.70 -1.33 0.74
N ASN A 77 16.75 -2.13 -0.38
CA ASN A 77 17.96 -2.83 -0.86
C ASN A 77 18.55 -3.76 0.21
N ASN A 78 17.70 -4.29 1.13
CA ASN A 78 18.14 -5.21 2.20
C ASN A 78 19.21 -4.55 3.09
N ASP A 79 19.18 -3.19 3.18
CA ASP A 79 20.16 -2.47 3.97
C ASP A 79 19.51 -2.09 5.30
N ALA A 80 20.12 -2.53 6.43
CA ALA A 80 19.61 -2.25 7.77
C ALA A 80 19.57 -0.76 8.05
N GLU A 81 20.55 0.02 7.51
CA GLU A 81 20.60 1.47 7.73
C GLU A 81 19.47 2.17 6.97
N LEU A 82 18.90 1.53 5.91
CA LEU A 82 17.83 2.15 5.13
C LEU A 82 16.53 1.50 5.56
N THR A 83 16.19 1.64 6.86
CA THR A 83 14.96 1.08 7.41
C THR A 83 14.09 2.22 7.85
N TYR A 84 12.77 2.10 7.56
CA TYR A 84 11.82 3.13 7.92
C TYR A 84 10.68 2.46 8.67
N GLU A 85 10.19 3.14 9.73
CA GLU A 85 9.08 2.65 10.52
C GLU A 85 8.06 3.78 10.52
N ILE A 86 6.84 3.43 10.12
CA ILE A 86 5.75 4.36 9.99
C ILE A 86 4.51 3.74 10.62
N LEU A 87 3.86 4.62 11.41
CA LEU A 87 2.64 4.36 12.15
C LEU A 87 1.70 5.42 11.70
N LEU A 88 0.43 5.04 11.45
CA LEU A 88 -0.57 5.94 10.97
C LEU A 88 -1.84 5.11 10.99
N PRO A 89 -3.02 5.72 10.94
CA PRO A 89 -4.29 4.97 10.97
C PRO A 89 -4.50 3.98 9.83
N ASN A 90 -5.23 2.88 10.13
CA ASN A 90 -5.56 1.86 9.15
C ASN A 90 -6.28 2.48 7.95
N HIS A 91 -7.22 3.42 8.22
CA HIS A 91 -7.94 4.16 7.18
C HIS A 91 -6.98 4.86 6.23
N GLU A 92 -5.96 5.57 6.77
CA GLU A 92 -5.00 6.29 5.95
C GLU A 92 -4.09 5.31 5.23
N PHE A 93 -3.74 4.16 5.87
CA PHE A 93 -2.83 3.17 5.24
C PHE A 93 -3.42 2.66 3.91
N LEU A 94 -4.75 2.41 3.87
CA LEU A 94 -5.38 1.89 2.65
C LEU A 94 -5.51 2.99 1.58
N GLU A 95 -5.43 4.31 1.93
CA GLU A 95 -5.49 5.38 0.92
C GLU A 95 -4.25 5.25 0.03
N TYR A 96 -3.09 4.95 0.66
CA TYR A 96 -1.83 4.72 -0.03
C TYR A 96 -1.92 3.47 -0.89
N LEU A 97 -2.44 2.34 -0.31
CA LEU A 97 -2.57 1.09 -1.10
C LEU A 97 -3.52 1.29 -2.28
N ILE A 98 -4.64 2.04 -2.09
CA ILE A 98 -5.58 2.30 -3.20
C ILE A 98 -4.91 3.21 -4.24
N ASP A 99 -4.15 4.26 -3.80
CA ASP A 99 -3.46 5.16 -4.75
C ASP A 99 -2.41 4.37 -5.53
N MET A 100 -1.79 3.35 -4.88
CA MET A 100 -0.80 2.46 -5.53
C MET A 100 -1.47 1.74 -6.70
N LEU A 101 -2.75 1.32 -6.52
CA LEU A 101 -3.45 0.60 -7.57
C LEU A 101 -3.77 1.52 -8.73
N MET A 102 -3.96 2.84 -8.48
CA MET A 102 -4.19 3.80 -9.56
C MET A 102 -2.92 3.91 -10.40
N GLY A 103 -1.71 3.98 -9.75
CA GLY A 103 -0.44 4.04 -10.48
C GLY A 103 -0.20 2.74 -11.22
N TYR A 104 -0.55 1.60 -10.57
CA TYR A 104 -0.42 0.28 -11.17
C TYR A 104 -1.32 0.17 -12.40
N GLN A 105 -2.60 0.58 -12.27
CA GLN A 105 -3.54 0.52 -13.37
C GLN A 105 -3.09 1.31 -14.58
N ARG A 106 -2.53 2.53 -14.38
CA ARG A 106 -2.16 3.38 -15.52
C ARG A 106 -0.91 2.88 -16.26
N MET A 107 0.12 2.36 -15.52
CA MET A 107 1.38 1.95 -16.18
C MET A 107 1.54 0.43 -16.27
N GLN A 108 0.80 -0.36 -15.45
CA GLN A 108 0.89 -1.83 -15.43
C GLN A 108 2.28 -2.27 -14.95
N LYS A 109 2.80 -1.55 -13.92
CA LYS A 109 4.10 -1.85 -13.34
C LYS A 109 3.94 -1.73 -11.84
N THR A 110 4.77 -2.47 -11.04
CA THR A 110 4.67 -2.40 -9.58
C THR A 110 5.44 -1.18 -9.15
N ASP A 111 4.71 -0.15 -8.65
CA ASP A 111 5.33 1.08 -8.23
C ASP A 111 4.48 1.65 -7.10
N PHE A 112 5.15 2.14 -6.03
CA PHE A 112 4.44 2.73 -4.90
C PHE A 112 4.25 4.22 -5.20
N PRO A 113 3.23 4.85 -4.61
CA PRO A 113 2.98 6.27 -4.85
C PRO A 113 3.97 7.19 -4.18
N GLY A 114 4.24 8.36 -4.83
CA GLY A 114 5.20 9.35 -4.33
C GLY A 114 4.81 9.87 -2.97
N ALA A 115 3.49 10.08 -2.73
CA ALA A 115 2.99 10.60 -1.44
C ALA A 115 3.33 9.65 -0.29
N PHE A 116 3.44 8.31 -0.56
CA PHE A 116 3.79 7.36 0.50
C PHE A 116 5.19 7.65 1.01
N TYR A 117 6.17 7.84 0.06
CA TYR A 117 7.55 8.10 0.45
C TYR A 117 7.68 9.50 1.05
N ARG A 118 6.81 10.46 0.63
CA ARG A 118 6.84 11.83 1.17
C ARG A 118 6.55 11.81 2.67
N ARG A 119 5.58 10.95 3.06
CA ARG A 119 5.16 10.83 4.46
C ARG A 119 6.12 9.91 5.18
N LEU A 120 6.68 8.89 4.46
CA LEU A 120 7.65 7.96 5.04
C LEU A 120 8.92 8.73 5.45
N LEU A 121 9.38 9.69 4.59
CA LEU A 121 10.55 10.52 4.92
C LEU A 121 10.19 11.50 6.03
N GLY A 122 8.90 11.94 6.06
CA GLY A 122 8.44 12.88 7.09
C GLY A 122 8.47 14.29 6.57
N TYR A 123 8.20 14.51 5.26
CA TYR A 123 8.22 15.87 4.70
C TYR A 123 7.05 16.69 5.22
N ASP A 124 5.96 16.03 5.65
CA ASP A 124 4.80 16.73 6.18
C ASP A 124 4.93 16.85 7.70
N SER A 125 6.12 16.54 8.26
CA SER A 125 6.30 16.62 9.73
C SER A 125 6.68 18.07 10.13
N MET A 1 4.99 -12.37 -10.23
CA MET A 1 4.22 -11.58 -9.22
C MET A 1 3.66 -10.29 -9.83
N ARG A 2 2.37 -10.31 -10.25
CA ARG A 2 1.74 -9.14 -10.83
C ARG A 2 0.49 -8.83 -10.05
N ILE A 3 0.15 -7.52 -9.94
CA ILE A 3 -1.04 -7.06 -9.20
C ILE A 3 -2.31 -7.61 -9.84
N ASP A 4 -2.37 -7.69 -11.21
CA ASP A 4 -3.55 -8.21 -11.91
C ASP A 4 -3.77 -9.70 -11.60
N GLU A 5 -2.77 -10.41 -10.99
CA GLU A 5 -2.93 -11.82 -10.66
C GLU A 5 -3.54 -11.95 -9.27
N LEU A 6 -3.79 -10.81 -8.56
CA LEU A 6 -4.38 -10.87 -7.23
C LEU A 6 -5.88 -11.00 -7.38
N VAL A 7 -6.47 -11.92 -6.58
CA VAL A 7 -7.91 -12.15 -6.62
C VAL A 7 -8.58 -11.19 -5.64
N PRO A 8 -9.80 -10.76 -5.94
CA PRO A 8 -10.52 -9.84 -5.06
C PRO A 8 -11.09 -10.51 -3.82
N ALA A 9 -11.19 -9.72 -2.72
CA ALA A 9 -11.73 -10.22 -1.47
C ALA A 9 -13.25 -10.35 -1.60
N ASP A 10 -13.89 -11.13 -0.68
CA ASP A 10 -15.33 -11.34 -0.72
C ASP A 10 -16.07 -10.01 -0.53
N PRO A 11 -17.19 -9.83 -1.24
CA PRO A 11 -17.96 -8.57 -1.19
C PRO A 11 -18.59 -8.27 0.15
N ARG A 12 -18.88 -9.32 0.96
CA ARG A 12 -19.48 -9.13 2.29
C ARG A 12 -18.46 -8.44 3.20
N ALA A 13 -17.19 -8.89 3.10
CA ALA A 13 -16.11 -8.33 3.89
C ALA A 13 -15.70 -6.97 3.34
N VAL A 14 -15.59 -6.83 2.01
CA VAL A 14 -15.16 -5.57 1.40
C VAL A 14 -16.21 -4.48 1.56
N SER A 15 -17.52 -4.81 1.36
CA SER A 15 -18.57 -3.76 1.43
C SER A 15 -18.68 -3.21 2.85
N LEU A 16 -18.16 -3.97 3.85
CA LEU A 16 -18.17 -3.53 5.24
C LEU A 16 -17.13 -2.43 5.42
N TYR A 17 -15.99 -2.46 4.67
CA TYR A 17 -14.97 -1.42 4.88
C TYR A 17 -15.28 -0.21 3.99
N THR A 18 -16.08 -0.39 2.89
CA THR A 18 -16.42 0.68 1.93
C THR A 18 -16.93 2.00 2.59
N PRO A 19 -17.91 1.99 3.52
CA PRO A 19 -18.41 3.24 4.12
C PRO A 19 -17.40 4.00 4.97
N TYR A 20 -16.21 3.41 5.23
CA TYR A 20 -15.18 4.07 6.03
C TYR A 20 -14.28 4.89 5.12
N TYR A 21 -14.52 4.86 3.76
CA TYR A 21 -13.68 5.61 2.83
C TYR A 21 -14.55 6.53 2.00
N SER A 22 -15.06 6.06 0.84
CA SER A 22 -15.91 6.89 0.01
C SER A 22 -16.48 6.01 -1.07
N GLN A 23 -17.55 6.50 -1.76
CA GLN A 23 -18.18 5.74 -2.83
C GLN A 23 -17.81 6.44 -4.13
N ALA A 24 -16.77 5.91 -4.81
CA ALA A 24 -16.31 6.49 -6.05
C ALA A 24 -15.40 5.47 -6.70
N ASN A 25 -14.16 5.89 -7.09
CA ASN A 25 -13.21 4.97 -7.72
C ASN A 25 -12.46 4.18 -6.66
N ARG A 26 -12.56 4.58 -5.36
CA ARG A 26 -11.87 3.87 -4.29
C ARG A 26 -12.46 2.48 -4.07
N ARG A 27 -13.81 2.34 -4.14
CA ARG A 27 -14.46 1.04 -3.91
C ARG A 27 -14.17 0.07 -5.05
N ARG A 28 -13.76 0.58 -6.23
CA ARG A 28 -13.40 -0.27 -7.37
C ARG A 28 -12.11 -1.05 -7.08
N TYR A 29 -11.11 -0.39 -6.44
CA TYR A 29 -9.82 -1.05 -6.19
C TYR A 29 -9.76 -1.57 -4.77
N LEU A 30 -10.75 -1.19 -3.93
CA LEU A 30 -10.80 -1.64 -2.52
C LEU A 30 -10.78 -3.17 -2.39
N PRO A 31 -11.61 -3.96 -3.12
CA PRO A 31 -11.56 -5.42 -2.97
C PRO A 31 -10.28 -6.06 -3.42
N TYR A 32 -9.48 -5.36 -4.29
CA TYR A 32 -8.23 -5.92 -4.76
C TYR A 32 -7.12 -5.53 -3.80
N ALA A 33 -7.21 -4.29 -3.23
CA ALA A 33 -6.19 -3.79 -2.31
C ALA A 33 -6.41 -4.40 -0.93
N LEU A 34 -7.66 -4.84 -0.61
CA LEU A 34 -7.94 -5.47 0.69
C LEU A 34 -7.19 -6.81 0.73
N SER A 35 -7.13 -7.55 -0.43
CA SER A 35 -6.38 -8.81 -0.51
C SER A 35 -4.89 -8.52 -0.32
N LEU A 36 -4.39 -7.39 -0.92
CA LEU A 36 -2.99 -6.99 -0.79
C LEU A 36 -2.69 -6.66 0.68
N TYR A 37 -3.63 -5.92 1.33
CA TYR A 37 -3.54 -5.55 2.75
C TYR A 37 -3.45 -6.82 3.60
N GLN A 38 -4.34 -7.81 3.34
CA GLN A 38 -4.39 -9.08 4.09
C GLN A 38 -3.09 -9.87 3.94
N GLY A 39 -2.40 -9.74 2.77
CA GLY A 39 -1.13 -10.45 2.49
C GLY A 39 -0.08 -10.14 3.53
N SER A 40 -0.03 -8.87 4.02
CA SER A 40 0.90 -8.46 5.10
C SER A 40 2.36 -8.40 4.67
N SER A 41 2.68 -8.71 3.38
CA SER A 41 4.06 -8.66 2.93
C SER A 41 4.05 -8.56 1.43
N ILE A 42 4.85 -7.61 0.87
CA ILE A 42 4.91 -7.45 -0.57
C ILE A 42 6.26 -6.88 -0.96
N GLU A 43 6.67 -7.12 -2.23
CA GLU A 43 7.90 -6.55 -2.77
C GLU A 43 7.42 -5.39 -3.60
N GLY A 44 8.05 -4.22 -3.46
CA GLY A 44 7.57 -3.02 -4.16
C GLY A 44 8.73 -2.28 -4.70
N SER A 45 8.48 -1.35 -5.66
CA SER A 45 9.55 -0.58 -6.25
C SER A 45 9.20 0.88 -6.20
N ARG A 46 10.24 1.71 -5.98
CA ARG A 46 10.09 3.15 -5.97
C ARG A 46 10.55 3.62 -7.33
N ALA A 47 9.67 4.37 -8.05
CA ALA A 47 10.00 4.85 -9.38
C ALA A 47 10.62 6.23 -9.26
N VAL A 48 11.78 6.42 -9.94
CA VAL A 48 12.47 7.70 -9.90
C VAL A 48 12.52 8.20 -11.33
N GLU A 49 12.02 9.44 -11.57
CA GLU A 49 12.01 9.99 -12.93
C GLU A 49 13.42 10.45 -13.28
N GLY A 50 13.97 9.92 -14.40
CA GLY A 50 15.33 10.28 -14.82
C GLY A 50 16.32 9.35 -14.17
N GLY A 51 15.83 8.32 -13.44
CA GLY A 51 16.69 7.36 -12.78
C GLY A 51 16.17 5.98 -13.05
N ALA A 52 16.56 5.02 -12.19
CA ALA A 52 16.12 3.64 -12.33
C ALA A 52 15.38 3.29 -11.04
N PRO A 53 14.43 2.36 -11.12
CA PRO A 53 13.65 1.96 -9.94
C PRO A 53 14.44 1.13 -8.95
N ILE A 54 14.09 1.24 -7.64
CA ILE A 54 14.79 0.49 -6.59
C ILE A 54 13.83 -0.51 -5.96
N SER A 55 14.29 -1.77 -5.82
CA SER A 55 13.52 -2.86 -5.24
C SER A 55 13.66 -2.84 -3.72
N PHE A 56 12.50 -2.75 -3.00
CA PHE A 56 12.51 -2.78 -1.54
C PHE A 56 11.63 -3.92 -1.06
N VAL A 57 11.69 -4.23 0.26
CA VAL A 57 10.87 -5.31 0.83
C VAL A 57 9.96 -4.62 1.84
N ALA A 58 8.60 -4.86 1.82
CA ALA A 58 7.75 -4.20 2.82
C ALA A 58 6.90 -5.24 3.52
N THR A 59 6.79 -5.10 4.87
CA THR A 59 5.98 -6.03 5.68
C THR A 59 5.16 -5.18 6.63
N TRP A 60 4.01 -5.69 7.13
CA TRP A 60 3.20 -4.89 8.05
C TRP A 60 2.27 -5.82 8.82
N THR A 61 1.63 -5.27 9.89
CA THR A 61 0.68 -6.04 10.72
C THR A 61 -0.71 -5.53 10.40
N VAL A 62 -1.71 -6.44 10.27
CA VAL A 62 -3.07 -6.03 9.92
C VAL A 62 -4.01 -6.21 11.09
N THR A 63 -5.10 -5.39 11.11
CA THR A 63 -6.10 -5.44 12.17
C THR A 63 -7.47 -5.23 11.51
N PRO A 64 -8.53 -5.79 12.09
CA PRO A 64 -9.89 -5.66 11.53
C PRO A 64 -10.61 -4.36 11.82
N LEU A 65 -10.14 -3.55 12.79
CA LEU A 65 -10.81 -2.30 13.14
C LEU A 65 -10.14 -1.16 12.36
N PRO A 66 -10.87 -0.44 11.51
CA PRO A 66 -10.31 0.69 10.70
C PRO A 66 -9.64 1.80 11.50
N ALA A 67 -10.08 2.03 12.75
CA ALA A 67 -9.51 3.09 13.58
C ALA A 67 -8.15 2.67 14.16
N ASP A 68 -7.74 1.38 14.01
CA ASP A 68 -6.46 0.93 14.54
C ASP A 68 -5.32 1.39 13.64
N MET A 69 -4.13 1.54 14.24
CA MET A 69 -2.94 1.97 13.51
C MET A 69 -2.11 0.75 13.20
N THR A 70 -1.52 0.71 11.97
CA THR A 70 -0.71 -0.43 11.54
C THR A 70 0.74 -0.01 11.57
N ARG A 71 1.69 -0.94 11.90
CA ARG A 71 3.11 -0.60 11.86
C ARG A 71 3.65 -1.31 10.65
N CYS A 72 4.23 -0.54 9.69
CA CYS A 72 4.76 -1.10 8.47
C CYS A 72 6.25 -0.89 8.48
N HIS A 73 6.98 -1.97 8.09
CA HIS A 73 8.43 -1.98 8.04
C HIS A 73 8.82 -2.05 6.58
N LEU A 74 9.76 -1.16 6.19
CA LEU A 74 10.25 -1.11 4.82
C LEU A 74 11.76 -1.17 4.87
N GLN A 75 12.35 -2.06 4.03
CA GLN A 75 13.79 -2.22 3.94
C GLN A 75 14.15 -2.09 2.47
N PHE A 76 15.05 -1.14 2.13
CA PHE A 76 15.43 -0.91 0.72
C PHE A 76 16.74 -1.59 0.41
N ASN A 77 16.74 -2.39 -0.73
CA ASN A 77 17.93 -3.09 -1.24
C ASN A 77 18.54 -4.05 -0.20
N ASN A 78 17.71 -4.52 0.78
CA ASN A 78 18.18 -5.44 1.84
C ASN A 78 19.31 -4.83 2.66
N ASP A 79 19.32 -3.48 2.79
CA ASP A 79 20.36 -2.79 3.54
C ASP A 79 19.79 -2.44 4.91
N ALA A 80 20.53 -2.79 6.00
CA ALA A 80 20.10 -2.51 7.37
C ALA A 80 19.97 -1.01 7.62
N GLU A 81 20.89 -0.19 7.04
CA GLU A 81 20.85 1.25 7.23
C GLU A 81 19.63 1.86 6.56
N LEU A 82 19.18 1.29 5.42
CA LEU A 82 18.03 1.83 4.69
C LEU A 82 16.77 1.09 5.15
N THR A 83 16.45 1.25 6.45
CA THR A 83 15.26 0.62 7.05
C THR A 83 14.37 1.74 7.53
N TYR A 84 13.05 1.58 7.31
CA TYR A 84 12.08 2.59 7.72
C TYR A 84 10.95 1.92 8.46
N GLU A 85 10.41 2.63 9.47
CA GLU A 85 9.27 2.18 10.24
C GLU A 85 8.28 3.31 10.18
N ILE A 86 7.07 2.97 9.71
CA ILE A 86 5.99 3.92 9.55
C ILE A 86 4.75 3.29 10.17
N LEU A 87 4.14 4.11 11.05
CA LEU A 87 2.97 3.77 11.81
C LEU A 87 2.01 4.89 11.56
N LEU A 88 0.73 4.54 11.24
CA LEU A 88 -0.27 5.51 10.88
C LEU A 88 -1.57 4.70 10.79
N PRO A 89 -2.74 5.34 10.76
CA PRO A 89 -4.04 4.63 10.69
C PRO A 89 -4.27 3.74 9.48
N ASN A 90 -5.10 2.67 9.67
CA ASN A 90 -5.48 1.75 8.59
C ASN A 90 -6.14 2.51 7.44
N HIS A 91 -7.00 3.52 7.77
CA HIS A 91 -7.65 4.33 6.72
C HIS A 91 -6.61 4.99 5.81
N GLU A 92 -5.55 5.58 6.41
CA GLU A 92 -4.51 6.22 5.61
C GLU A 92 -3.65 5.18 4.93
N PHE A 93 -3.38 4.03 5.61
CA PHE A 93 -2.53 2.99 5.02
C PHE A 93 -3.14 2.43 3.73
N LEU A 94 -4.49 2.18 3.71
CA LEU A 94 -5.13 1.62 2.51
C LEU A 94 -5.23 2.65 1.39
N GLU A 95 -5.12 3.99 1.68
CA GLU A 95 -5.14 4.99 0.60
C GLU A 95 -3.90 4.78 -0.27
N TYR A 96 -2.74 4.48 0.37
CA TYR A 96 -1.50 4.19 -0.35
C TYR A 96 -1.67 2.93 -1.18
N LEU A 97 -2.21 1.82 -0.57
CA LEU A 97 -2.38 0.55 -1.30
C LEU A 97 -3.36 0.74 -2.47
N ILE A 98 -4.46 1.51 -2.28
CA ILE A 98 -5.42 1.76 -3.38
C ILE A 98 -4.74 2.61 -4.46
N ASP A 99 -3.90 3.62 -4.08
CA ASP A 99 -3.21 4.45 -5.07
C ASP A 99 -2.24 3.60 -5.90
N MET A 100 -1.67 2.51 -5.30
CA MET A 100 -0.79 1.59 -6.04
C MET A 100 -1.55 0.94 -7.17
N LEU A 101 -2.84 0.59 -6.93
CA LEU A 101 -3.65 -0.07 -7.96
C LEU A 101 -3.95 0.95 -9.06
N MET A 102 -4.14 2.24 -8.71
CA MET A 102 -4.36 3.27 -9.72
C MET A 102 -3.11 3.45 -10.58
N GLY A 103 -1.90 3.46 -9.96
CA GLY A 103 -0.62 3.59 -10.71
C GLY A 103 -0.42 2.36 -11.57
N TYR A 104 -0.74 1.17 -11.00
CA TYR A 104 -0.64 -0.12 -11.69
C TYR A 104 -1.55 -0.12 -12.91
N GLN A 105 -2.82 0.30 -12.71
CA GLN A 105 -3.81 0.32 -13.77
C GLN A 105 -3.37 1.17 -14.95
N ARG A 106 -2.71 2.34 -14.72
CA ARG A 106 -2.37 3.22 -15.83
C ARG A 106 -1.09 2.78 -16.56
N MET A 107 -0.05 2.27 -15.82
CA MET A 107 1.23 1.93 -16.46
C MET A 107 1.50 0.44 -16.57
N GLN A 108 0.78 -0.42 -15.81
CA GLN A 108 0.97 -1.89 -15.83
C GLN A 108 2.30 -2.26 -15.18
N LYS A 109 2.72 -1.47 -14.15
CA LYS A 109 3.98 -1.73 -13.44
C LYS A 109 3.68 -1.64 -11.96
N THR A 110 4.42 -2.41 -11.10
CA THR A 110 4.18 -2.37 -9.66
C THR A 110 5.12 -1.35 -9.08
N ASP A 111 4.58 -0.18 -8.69
CA ASP A 111 5.39 0.88 -8.12
C ASP A 111 4.58 1.54 -7.03
N PHE A 112 5.29 2.03 -5.98
CA PHE A 112 4.62 2.72 -4.88
C PHE A 112 4.56 4.20 -5.24
N PRO A 113 3.56 4.92 -4.73
CA PRO A 113 3.42 6.35 -5.02
C PRO A 113 4.45 7.22 -4.34
N GLY A 114 4.77 8.38 -4.98
CA GLY A 114 5.76 9.34 -4.46
C GLY A 114 5.35 9.89 -3.11
N ALA A 115 4.02 10.10 -2.90
CA ALA A 115 3.52 10.62 -1.62
C ALA A 115 3.83 9.67 -0.48
N PHE A 116 3.84 8.32 -0.74
CA PHE A 116 4.15 7.35 0.31
C PHE A 116 5.57 7.58 0.81
N TYR A 117 6.55 7.72 -0.12
CA TYR A 117 7.95 7.92 0.27
C TYR A 117 8.11 9.32 0.88
N ARG A 118 7.29 10.31 0.44
CA ARG A 118 7.34 11.67 0.99
C ARG A 118 7.02 11.64 2.48
N ARG A 119 5.98 10.84 2.85
CA ARG A 119 5.54 10.68 4.25
C ARG A 119 6.51 9.76 4.96
N LEU A 120 7.05 8.73 4.26
CA LEU A 120 8.02 7.79 4.84
C LEU A 120 9.28 8.54 5.28
N LEU A 121 9.75 9.52 4.46
CA LEU A 121 10.92 10.32 4.80
C LEU A 121 10.58 11.28 5.94
N GLY A 122 9.29 11.69 6.05
CA GLY A 122 8.85 12.60 7.11
C GLY A 122 8.74 14.00 6.58
N TYR A 123 8.90 14.21 5.24
CA TYR A 123 8.79 15.55 4.66
C TYR A 123 7.36 16.02 4.66
N ASP A 124 6.40 15.07 4.57
CA ASP A 124 4.99 15.42 4.59
C ASP A 124 4.48 15.37 6.03
N SER A 125 5.39 15.47 7.04
CA SER A 125 4.95 15.42 8.45
C SER A 125 4.60 16.85 8.92
N MET A 1 1.99 -12.92 -9.13
CA MET A 1 2.75 -12.66 -10.41
C MET A 1 2.53 -11.24 -10.94
N ARG A 2 1.25 -10.85 -11.11
CA ARG A 2 0.92 -9.52 -11.62
C ARG A 2 -0.20 -8.98 -10.75
N ILE A 3 -0.25 -7.63 -10.57
CA ILE A 3 -1.28 -6.98 -9.74
C ILE A 3 -2.67 -7.21 -10.34
N ASP A 4 -2.81 -7.16 -11.70
CA ASP A 4 -4.11 -7.37 -12.35
C ASP A 4 -4.56 -8.84 -12.19
N GLU A 5 -3.65 -9.76 -11.80
CA GLU A 5 -4.00 -11.18 -11.66
C GLU A 5 -4.18 -11.53 -10.19
N LEU A 6 -4.28 -10.51 -9.29
CA LEU A 6 -4.46 -10.78 -7.87
C LEU A 6 -5.89 -11.25 -7.61
N VAL A 7 -6.03 -12.20 -6.65
CA VAL A 7 -7.33 -12.73 -6.28
C VAL A 7 -7.93 -11.75 -5.28
N PRO A 8 -9.10 -11.18 -5.57
CA PRO A 8 -9.72 -10.22 -4.65
C PRO A 8 -10.31 -10.82 -3.40
N ALA A 9 -10.43 -9.98 -2.35
CA ALA A 9 -10.99 -10.41 -1.08
C ALA A 9 -12.51 -10.56 -1.22
N ASP A 10 -13.14 -11.30 -0.28
CA ASP A 10 -14.58 -11.53 -0.33
C ASP A 10 -15.34 -10.22 -0.11
N PRO A 11 -16.45 -10.02 -0.84
CA PRO A 11 -17.24 -8.78 -0.77
C PRO A 11 -17.89 -8.52 0.57
N ARG A 12 -18.17 -9.58 1.37
CA ARG A 12 -18.78 -9.41 2.69
C ARG A 12 -17.80 -8.70 3.62
N ALA A 13 -16.50 -9.08 3.53
CA ALA A 13 -15.46 -8.49 4.34
C ALA A 13 -15.10 -7.11 3.83
N VAL A 14 -14.99 -6.96 2.49
CA VAL A 14 -14.59 -5.68 1.90
C VAL A 14 -15.69 -4.63 2.03
N SER A 15 -16.98 -5.01 1.77
CA SER A 15 -18.07 -4.01 1.79
C SER A 15 -18.28 -3.47 3.20
N LEU A 16 -17.78 -4.19 4.22
CA LEU A 16 -17.91 -3.76 5.60
C LEU A 16 -16.91 -2.64 5.87
N TYR A 17 -15.74 -2.60 5.17
CA TYR A 17 -14.79 -1.52 5.43
C TYR A 17 -15.12 -0.31 4.57
N THR A 18 -15.81 -0.53 3.40
CA THR A 18 -16.16 0.53 2.42
C THR A 18 -16.79 1.80 3.03
N PRO A 19 -17.81 1.74 3.92
CA PRO A 19 -18.42 2.98 4.48
C PRO A 19 -17.49 3.84 5.32
N TYR A 20 -16.27 3.33 5.64
CA TYR A 20 -15.32 4.10 6.44
C TYR A 20 -14.43 4.92 5.51
N TYR A 21 -14.61 4.80 4.16
CA TYR A 21 -13.77 5.52 3.21
C TYR A 21 -14.65 6.50 2.43
N SER A 22 -15.00 6.16 1.17
CA SER A 22 -15.83 7.04 0.37
C SER A 22 -16.40 6.19 -0.74
N GLN A 23 -17.59 6.56 -1.27
CA GLN A 23 -18.20 5.81 -2.35
C GLN A 23 -17.77 6.45 -3.65
N ALA A 24 -16.75 5.86 -4.29
CA ALA A 24 -16.23 6.38 -5.54
C ALA A 24 -15.39 5.28 -6.17
N ASN A 25 -14.21 5.64 -6.73
CA ASN A 25 -13.34 4.65 -7.37
C ASN A 25 -12.57 3.86 -6.32
N ARG A 26 -12.60 4.30 -5.03
CA ARG A 26 -11.86 3.60 -3.97
C ARG A 26 -12.43 2.20 -3.74
N ARG A 27 -13.78 2.01 -3.81
CA ARG A 27 -14.37 0.70 -3.58
C ARG A 27 -14.01 -0.29 -4.69
N ARG A 28 -13.58 0.22 -5.86
CA ARG A 28 -13.17 -0.63 -6.97
C ARG A 28 -11.84 -1.31 -6.66
N TYR A 29 -10.88 -0.60 -6.02
CA TYR A 29 -9.55 -1.16 -5.75
C TYR A 29 -9.50 -1.73 -4.33
N LEU A 30 -10.52 -1.43 -3.49
CA LEU A 30 -10.55 -1.93 -2.11
C LEU A 30 -10.43 -3.47 -2.02
N PRO A 31 -11.23 -4.27 -2.74
CA PRO A 31 -11.12 -5.73 -2.65
C PRO A 31 -9.82 -6.29 -3.16
N TYR A 32 -9.10 -5.54 -4.05
CA TYR A 32 -7.84 -6.04 -4.58
C TYR A 32 -6.72 -5.66 -3.62
N ALA A 33 -6.81 -4.44 -3.01
CA ALA A 33 -5.76 -3.98 -2.09
C ALA A 33 -5.91 -4.71 -0.76
N LEU A 34 -7.15 -5.17 -0.41
CA LEU A 34 -7.36 -5.92 0.84
C LEU A 34 -6.62 -7.26 0.74
N SER A 35 -6.42 -7.79 -0.51
CA SER A 35 -5.71 -9.06 -0.71
C SER A 35 -4.22 -8.86 -0.38
N LEU A 36 -3.61 -7.74 -0.90
CA LEU A 36 -2.20 -7.45 -0.62
C LEU A 36 -2.03 -7.13 0.86
N TYR A 37 -3.02 -6.37 1.41
CA TYR A 37 -3.04 -5.98 2.81
C TYR A 37 -3.03 -7.23 3.70
N GLN A 38 -3.89 -8.23 3.39
CA GLN A 38 -3.98 -9.49 4.15
C GLN A 38 -2.65 -10.26 4.08
N GLY A 39 -1.96 -10.21 2.91
CA GLY A 39 -0.66 -10.90 2.72
C GLY A 39 0.36 -10.42 3.72
N SER A 40 0.38 -9.09 4.00
CA SER A 40 1.27 -8.49 5.02
C SER A 40 2.74 -8.51 4.62
N SER A 41 3.07 -8.81 3.35
CA SER A 41 4.47 -8.84 2.94
C SER A 41 4.49 -8.70 1.44
N ILE A 42 5.29 -7.73 0.92
CA ILE A 42 5.36 -7.54 -0.52
C ILE A 42 6.73 -6.98 -0.89
N GLU A 43 7.18 -7.27 -2.14
CA GLU A 43 8.44 -6.76 -2.64
C GLU A 43 8.03 -5.61 -3.55
N GLY A 44 8.77 -4.47 -3.47
CA GLY A 44 8.37 -3.29 -4.23
C GLY A 44 9.53 -2.75 -5.01
N SER A 45 9.26 -1.86 -5.99
CA SER A 45 10.34 -1.25 -6.76
C SER A 45 10.05 0.23 -6.81
N ARG A 46 11.02 1.08 -6.41
CA ARG A 46 10.79 2.53 -6.46
C ARG A 46 11.45 3.02 -7.71
N ALA A 47 10.65 3.62 -8.62
CA ALA A 47 11.18 4.12 -9.88
C ALA A 47 11.62 5.55 -9.71
N VAL A 48 12.80 5.88 -10.30
CA VAL A 48 13.35 7.22 -10.19
C VAL A 48 13.44 7.75 -11.61
N GLU A 49 12.84 8.95 -11.87
CA GLU A 49 12.87 9.53 -13.21
C GLU A 49 14.27 10.04 -13.50
N GLY A 50 14.93 9.48 -14.56
CA GLY A 50 16.29 9.89 -14.92
C GLY A 50 17.28 9.01 -14.21
N GLY A 51 16.80 7.98 -13.48
CA GLY A 51 17.68 7.07 -12.75
C GLY A 51 17.24 5.67 -13.01
N ALA A 52 17.64 4.73 -12.12
CA ALA A 52 17.27 3.34 -12.24
C ALA A 52 16.42 3.00 -11.02
N PRO A 53 15.53 2.02 -11.14
CA PRO A 53 14.67 1.62 -10.01
C PRO A 53 15.39 0.89 -8.91
N ILE A 54 14.90 1.03 -7.65
CA ILE A 54 15.54 0.37 -6.51
C ILE A 54 14.56 -0.63 -5.89
N SER A 55 15.07 -1.85 -5.61
CA SER A 55 14.29 -2.94 -4.99
C SER A 55 14.23 -2.73 -3.49
N PHE A 56 12.96 -2.73 -2.94
CA PHE A 56 12.76 -2.59 -1.49
C PHE A 56 11.90 -3.73 -1.00
N VAL A 57 11.90 -3.98 0.33
CA VAL A 57 11.09 -5.05 0.92
C VAL A 57 10.13 -4.37 1.87
N ALA A 58 8.80 -4.66 1.84
CA ALA A 58 7.89 -3.99 2.79
C ALA A 58 7.04 -5.02 3.50
N THR A 59 6.88 -4.84 4.85
CA THR A 59 6.05 -5.74 5.65
C THR A 59 5.20 -4.87 6.57
N TRP A 60 4.08 -5.40 7.10
CA TRP A 60 3.25 -4.57 7.98
C TRP A 60 2.36 -5.45 8.84
N THR A 61 1.73 -4.84 9.88
CA THR A 61 0.83 -5.56 10.79
C THR A 61 -0.61 -5.22 10.40
N VAL A 62 -1.52 -6.22 10.45
CA VAL A 62 -2.92 -6.00 10.06
C VAL A 62 -3.80 -6.07 11.29
N THR A 63 -4.77 -5.12 11.38
CA THR A 63 -5.71 -5.06 12.50
C THR A 63 -7.13 -5.02 11.90
N PRO A 64 -8.13 -5.52 12.63
CA PRO A 64 -9.52 -5.56 12.15
C PRO A 64 -10.30 -4.26 12.26
N LEU A 65 -9.84 -3.28 13.06
CA LEU A 65 -10.58 -2.03 13.22
C LEU A 65 -9.94 -0.97 12.32
N PRO A 66 -10.77 -0.14 11.66
CA PRO A 66 -10.26 0.90 10.74
C PRO A 66 -9.60 2.08 11.42
N ALA A 67 -9.84 2.26 12.75
CA ALA A 67 -9.27 3.38 13.49
C ALA A 67 -7.96 2.98 14.15
N ASP A 68 -7.54 1.68 14.01
CA ASP A 68 -6.30 1.23 14.64
C ASP A 68 -5.12 1.63 13.76
N MET A 69 -3.93 1.79 14.39
CA MET A 69 -2.73 2.16 13.67
C MET A 69 -1.97 0.90 13.28
N THR A 70 -1.47 0.86 12.03
CA THR A 70 -0.71 -0.28 11.53
C THR A 70 0.76 0.11 11.57
N ARG A 71 1.69 -0.85 11.84
CA ARG A 71 3.11 -0.51 11.82
C ARG A 71 3.64 -1.12 10.55
N CYS A 72 4.17 -0.28 9.64
CA CYS A 72 4.70 -0.77 8.37
C CYS A 72 6.19 -0.55 8.39
N HIS A 73 6.93 -1.61 7.99
CA HIS A 73 8.38 -1.58 7.93
C HIS A 73 8.79 -1.64 6.48
N LEU A 74 9.70 -0.73 6.09
CA LEU A 74 10.19 -0.67 4.73
C LEU A 74 11.70 -0.70 4.81
N GLN A 75 12.33 -1.63 4.05
CA GLN A 75 13.78 -1.78 4.03
C GLN A 75 14.21 -1.73 2.57
N PHE A 76 15.21 -0.87 2.24
CA PHE A 76 15.67 -0.72 0.85
C PHE A 76 16.98 -1.45 0.63
N ASN A 77 17.02 -2.29 -0.46
CA ASN A 77 18.22 -3.04 -0.88
C ASN A 77 18.83 -3.90 0.25
N ASN A 78 17.98 -4.37 1.20
CA ASN A 78 18.42 -5.21 2.34
C ASN A 78 19.47 -4.48 3.20
N ASP A 79 19.44 -3.13 3.21
CA ASP A 79 20.40 -2.35 3.98
C ASP A 79 19.74 -1.98 5.30
N ALA A 80 20.40 -2.37 6.43
CA ALA A 80 19.89 -2.09 7.78
C ALA A 80 19.80 -0.58 8.03
N GLU A 81 20.74 0.21 7.44
CA GLU A 81 20.73 1.66 7.64
C GLU A 81 19.62 2.33 6.82
N LEU A 82 18.99 1.59 5.87
CA LEU A 82 17.91 2.15 5.05
C LEU A 82 16.64 1.46 5.46
N THR A 83 16.30 1.58 6.77
CA THR A 83 15.09 0.97 7.31
C THR A 83 14.19 2.09 7.79
N TYR A 84 12.88 1.96 7.49
CA TYR A 84 11.92 2.99 7.90
C TYR A 84 10.75 2.32 8.59
N GLU A 85 10.21 3.02 9.61
CA GLU A 85 9.06 2.55 10.38
C GLU A 85 8.06 3.67 10.29
N ILE A 86 6.84 3.33 9.86
CA ILE A 86 5.76 4.28 9.69
C ILE A 86 4.49 3.68 10.28
N LEU A 87 3.81 4.58 11.03
CA LEU A 87 2.57 4.32 11.74
C LEU A 87 1.63 5.38 11.26
N LEU A 88 0.35 4.99 11.06
CA LEU A 88 -0.69 5.87 10.58
C LEU A 88 -1.93 4.99 10.72
N PRO A 89 -3.13 5.55 10.72
CA PRO A 89 -4.34 4.73 10.85
C PRO A 89 -4.62 3.83 9.65
N ASN A 90 -5.33 2.70 9.92
CA ASN A 90 -5.71 1.70 8.91
C ASN A 90 -6.36 2.36 7.68
N HIS A 91 -7.31 3.29 7.92
CA HIS A 91 -7.98 4.03 6.84
C HIS A 91 -6.97 4.70 5.90
N GLU A 92 -5.95 5.37 6.47
CA GLU A 92 -4.95 6.07 5.67
C GLU A 92 -4.05 5.08 4.94
N PHE A 93 -3.72 3.90 5.59
CA PHE A 93 -2.82 2.93 4.96
C PHE A 93 -3.43 2.36 3.68
N LEU A 94 -4.77 2.08 3.67
CA LEU A 94 -5.39 1.54 2.46
C LEU A 94 -5.48 2.62 1.38
N GLU A 95 -5.45 3.94 1.73
CA GLU A 95 -5.47 4.99 0.69
C GLU A 95 -4.18 4.89 -0.13
N TYR A 96 -3.04 4.61 0.56
CA TYR A 96 -1.75 4.42 -0.10
C TYR A 96 -1.81 3.19 -0.99
N LEU A 97 -2.30 2.03 -0.46
CA LEU A 97 -2.39 0.80 -1.27
C LEU A 97 -3.34 1.00 -2.47
N ILE A 98 -4.47 1.74 -2.29
CA ILE A 98 -5.39 2.02 -3.40
C ILE A 98 -4.71 2.94 -4.42
N ASP A 99 -3.97 3.98 -3.96
CA ASP A 99 -3.28 4.90 -4.88
C ASP A 99 -2.19 4.12 -5.65
N MET A 100 -1.57 3.11 -4.99
CA MET A 100 -0.57 2.25 -5.62
C MET A 100 -1.20 1.49 -6.79
N LEU A 101 -2.47 1.04 -6.62
CA LEU A 101 -3.17 0.31 -7.68
C LEU A 101 -3.52 1.28 -8.81
N MET A 102 -3.76 2.57 -8.49
CA MET A 102 -4.03 3.58 -9.52
C MET A 102 -2.77 3.80 -10.35
N GLY A 103 -1.56 3.83 -9.70
CA GLY A 103 -0.28 3.98 -10.43
C GLY A 103 -0.08 2.79 -11.33
N TYR A 104 -0.42 1.57 -10.81
CA TYR A 104 -0.36 0.33 -11.57
C TYR A 104 -1.29 0.42 -12.77
N GLN A 105 -2.55 0.86 -12.55
CA GLN A 105 -3.53 0.95 -13.63
C GLN A 105 -3.06 1.86 -14.76
N ARG A 106 -2.41 3.03 -14.45
CA ARG A 106 -2.05 3.95 -15.52
C ARG A 106 -0.76 3.55 -16.26
N MET A 107 0.26 2.98 -15.52
CA MET A 107 1.56 2.67 -16.18
C MET A 107 1.83 1.18 -16.31
N GLN A 108 1.10 0.30 -15.58
CA GLN A 108 1.31 -1.16 -15.61
C GLN A 108 2.71 -1.52 -15.10
N LYS A 109 3.14 -0.81 -14.03
CA LYS A 109 4.44 -1.06 -13.41
C LYS A 109 4.19 -1.14 -11.92
N THR A 110 5.04 -1.91 -11.19
CA THR A 110 4.88 -2.05 -9.74
C THR A 110 5.71 -1.00 -9.05
N ASP A 111 5.06 0.04 -8.49
CA ASP A 111 5.77 1.09 -7.78
C ASP A 111 4.77 1.77 -6.87
N PHE A 112 5.26 2.36 -5.74
CA PHE A 112 4.38 3.05 -4.80
C PHE A 112 4.36 4.52 -5.20
N PRO A 113 3.32 5.25 -4.79
CA PRO A 113 3.18 6.67 -5.15
C PRO A 113 4.14 7.60 -4.42
N GLY A 114 4.38 8.80 -5.03
CA GLY A 114 5.30 9.80 -4.47
C GLY A 114 4.87 10.27 -3.10
N ALA A 115 3.53 10.43 -2.88
CA ALA A 115 3.02 10.90 -1.59
C ALA A 115 3.38 9.91 -0.47
N PHE A 116 3.39 8.59 -0.78
CA PHE A 116 3.75 7.57 0.22
C PHE A 116 5.17 7.79 0.70
N TYR A 117 6.14 7.99 -0.24
CA TYR A 117 7.54 8.17 0.13
C TYR A 117 7.74 9.53 0.78
N ARG A 118 6.93 10.55 0.38
CA ARG A 118 7.01 11.89 0.97
C ARG A 118 6.71 11.81 2.46
N ARG A 119 5.68 11.00 2.83
CA ARG A 119 5.28 10.84 4.23
C ARG A 119 6.28 9.91 4.91
N LEU A 120 6.74 8.85 4.19
CA LEU A 120 7.70 7.88 4.73
C LEU A 120 9.00 8.57 5.14
N LEU A 121 9.48 9.56 4.33
CA LEU A 121 10.71 10.27 4.64
C LEU A 121 10.45 11.35 5.71
N GLY A 122 9.15 11.61 6.04
CA GLY A 122 8.81 12.60 7.06
C GLY A 122 8.84 13.99 6.47
N TYR A 123 8.79 14.12 5.13
CA TYR A 123 8.84 15.43 4.48
C TYR A 123 7.54 16.17 4.71
N ASP A 124 6.42 15.42 4.75
CA ASP A 124 5.11 16.02 4.99
C ASP A 124 4.71 15.72 6.43
N SER A 125 5.70 15.68 7.37
CA SER A 125 5.39 15.41 8.78
C SER A 125 4.92 16.72 9.46
N MET A 1 3.53 -12.93 -8.10
CA MET A 1 3.83 -11.71 -7.27
C MET A 1 3.26 -10.42 -7.89
N ARG A 2 2.56 -10.53 -9.06
CA ARG A 2 2.01 -9.36 -9.71
C ARG A 2 0.68 -9.01 -9.06
N ILE A 3 0.36 -7.69 -8.98
CA ILE A 3 -0.89 -7.22 -8.37
C ILE A 3 -2.07 -7.69 -9.20
N ASP A 4 -1.95 -7.69 -10.56
CA ASP A 4 -3.02 -8.15 -11.45
C ASP A 4 -3.32 -9.64 -11.23
N GLU A 5 -2.38 -10.39 -10.58
CA GLU A 5 -2.58 -11.81 -10.32
C GLU A 5 -3.18 -12.01 -8.93
N LEU A 6 -3.44 -10.90 -8.18
CA LEU A 6 -4.02 -11.03 -6.85
C LEU A 6 -5.52 -11.24 -7.00
N VAL A 7 -6.07 -12.21 -6.24
CA VAL A 7 -7.49 -12.48 -6.29
C VAL A 7 -8.14 -11.52 -5.30
N PRO A 8 -9.36 -11.09 -5.61
CA PRO A 8 -10.07 -10.16 -4.73
C PRO A 8 -10.58 -10.81 -3.47
N ALA A 9 -10.71 -9.98 -2.40
CA ALA A 9 -11.22 -10.46 -1.13
C ALA A 9 -12.72 -10.69 -1.26
N ASP A 10 -13.31 -11.47 -0.30
CA ASP A 10 -14.74 -11.78 -0.36
C ASP A 10 -15.57 -10.49 -0.22
N PRO A 11 -16.68 -10.40 -0.98
CA PRO A 11 -17.52 -9.19 -0.99
C PRO A 11 -18.19 -8.86 0.33
N ARG A 12 -18.45 -9.89 1.17
CA ARG A 12 -19.07 -9.67 2.49
C ARG A 12 -18.11 -8.89 3.38
N ALA A 13 -16.80 -9.24 3.30
CA ALA A 13 -15.77 -8.59 4.09
C ALA A 13 -15.43 -7.22 3.51
N VAL A 14 -15.31 -7.14 2.15
CA VAL A 14 -14.93 -5.88 1.50
C VAL A 14 -16.04 -4.85 1.59
N SER A 15 -17.32 -5.27 1.37
CA SER A 15 -18.45 -4.31 1.36
C SER A 15 -18.65 -3.70 2.74
N LEU A 16 -18.09 -4.35 3.79
CA LEU A 16 -18.21 -3.85 5.15
C LEU A 16 -17.24 -2.67 5.34
N TYR A 17 -16.11 -2.59 4.57
CA TYR A 17 -15.19 -1.46 4.74
C TYR A 17 -15.63 -0.29 3.86
N THR A 18 -16.43 -0.59 2.80
CA THR A 18 -16.91 0.42 1.82
C THR A 18 -17.61 1.64 2.43
N PRO A 19 -18.57 1.52 3.38
CA PRO A 19 -19.25 2.71 3.95
C PRO A 19 -18.35 3.69 4.69
N TYR A 20 -17.07 3.33 4.92
CA TYR A 20 -16.14 4.22 5.58
C TYR A 20 -15.47 5.13 4.56
N TYR A 21 -15.79 4.95 3.23
CA TYR A 21 -15.17 5.76 2.19
C TYR A 21 -16.27 6.36 1.33
N SER A 22 -16.25 7.70 1.18
CA SER A 22 -17.25 8.39 0.36
C SER A 22 -16.68 8.56 -1.04
N GLN A 23 -16.48 7.43 -1.76
CA GLN A 23 -15.91 7.49 -3.09
C GLN A 23 -16.38 6.26 -3.85
N ALA A 24 -16.85 6.44 -5.11
CA ALA A 24 -17.34 5.34 -5.91
C ALA A 24 -16.23 4.71 -6.75
N ASN A 25 -15.05 5.38 -6.86
CA ASN A 25 -13.95 4.82 -7.66
C ASN A 25 -13.01 4.04 -6.75
N ARG A 26 -12.94 4.42 -5.44
CA ARG A 26 -12.05 3.73 -4.51
C ARG A 26 -12.55 2.33 -4.20
N ARG A 27 -13.91 2.11 -4.19
CA ARG A 27 -14.47 0.79 -3.88
C ARG A 27 -14.10 -0.23 -4.97
N ARG A 28 -13.72 0.25 -6.17
CA ARG A 28 -13.29 -0.61 -7.27
C ARG A 28 -11.97 -1.30 -6.93
N TYR A 29 -11.03 -0.60 -6.27
CA TYR A 29 -9.72 -1.17 -5.95
C TYR A 29 -9.73 -1.71 -4.53
N LEU A 30 -10.81 -1.45 -3.74
CA LEU A 30 -10.90 -1.93 -2.36
C LEU A 30 -10.76 -3.45 -2.23
N PRO A 31 -11.48 -4.29 -3.00
CA PRO A 31 -11.32 -5.75 -2.85
C PRO A 31 -9.97 -6.28 -3.25
N TYR A 32 -9.22 -5.54 -4.10
CA TYR A 32 -7.92 -6.00 -4.54
C TYR A 32 -6.86 -5.49 -3.57
N ALA A 33 -7.04 -4.24 -3.03
CA ALA A 33 -6.08 -3.68 -2.09
C ALA A 33 -6.28 -4.31 -0.72
N LEU A 34 -7.52 -4.76 -0.39
CA LEU A 34 -7.78 -5.43 0.90
C LEU A 34 -7.03 -6.76 0.87
N SER A 35 -7.02 -7.44 -0.30
CA SER A 35 -6.29 -8.71 -0.48
C SER A 35 -4.79 -8.45 -0.29
N LEU A 36 -4.26 -7.32 -0.87
CA LEU A 36 -2.84 -6.95 -0.74
C LEU A 36 -2.52 -6.66 0.73
N TYR A 37 -3.45 -5.94 1.42
CA TYR A 37 -3.35 -5.59 2.84
C TYR A 37 -3.22 -6.85 3.69
N GLN A 38 -4.07 -7.89 3.42
CA GLN A 38 -4.06 -9.15 4.18
C GLN A 38 -2.74 -9.91 4.00
N GLY A 39 -1.99 -9.61 2.92
CA GLY A 39 -0.68 -10.24 2.62
C GLY A 39 0.31 -9.99 3.73
N SER A 40 0.33 -8.76 4.31
CA SER A 40 1.21 -8.40 5.45
C SER A 40 2.70 -8.34 5.10
N SER A 41 3.11 -8.83 3.91
CA SER A 41 4.52 -8.80 3.53
C SER A 41 4.55 -8.77 2.03
N ILE A 42 5.29 -7.81 1.43
CA ILE A 42 5.35 -7.72 -0.02
C ILE A 42 6.68 -7.10 -0.42
N GLU A 43 7.12 -7.37 -1.68
CA GLU A 43 8.33 -6.79 -2.20
C GLU A 43 7.85 -5.65 -3.08
N GLY A 44 8.49 -4.46 -2.98
CA GLY A 44 8.02 -3.29 -3.71
C GLY A 44 9.12 -2.76 -4.55
N SER A 45 8.79 -1.98 -5.61
CA SER A 45 9.83 -1.38 -6.42
C SER A 45 9.48 0.07 -6.56
N ARG A 46 10.42 0.99 -6.29
CA ARG A 46 10.13 2.42 -6.44
C ARG A 46 10.82 2.84 -7.71
N ALA A 47 10.04 3.36 -8.69
CA ALA A 47 10.60 3.79 -9.96
C ALA A 47 10.97 5.26 -9.84
N VAL A 48 12.18 5.61 -10.33
CA VAL A 48 12.67 6.97 -10.28
C VAL A 48 12.78 7.44 -11.71
N GLU A 49 12.14 8.60 -12.04
CA GLU A 49 12.19 9.11 -13.41
C GLU A 49 13.57 9.69 -13.66
N GLY A 50 14.27 9.16 -14.70
CA GLY A 50 15.62 9.62 -15.04
C GLY A 50 16.63 8.79 -14.29
N GLY A 51 16.17 7.77 -13.53
CA GLY A 51 17.07 6.92 -12.77
C GLY A 51 16.68 5.49 -13.01
N ALA A 52 17.09 4.60 -12.08
CA ALA A 52 16.77 3.18 -12.16
C ALA A 52 15.90 2.86 -10.96
N PRO A 53 15.06 1.82 -11.07
CA PRO A 53 14.18 1.43 -9.96
C PRO A 53 14.92 0.79 -8.81
N ILE A 54 14.38 0.95 -7.57
CA ILE A 54 15.03 0.39 -6.38
C ILE A 54 14.10 -0.64 -5.75
N SER A 55 14.68 -1.79 -5.36
CA SER A 55 13.95 -2.89 -4.70
C SER A 55 13.92 -2.65 -3.20
N PHE A 56 12.69 -2.66 -2.62
CA PHE A 56 12.54 -2.51 -1.17
C PHE A 56 11.72 -3.66 -0.63
N VAL A 57 11.77 -3.88 0.71
CA VAL A 57 11.03 -4.97 1.34
C VAL A 57 10.04 -4.29 2.26
N ALA A 58 8.71 -4.63 2.25
CA ALA A 58 7.79 -3.96 3.16
C ALA A 58 6.98 -5.00 3.91
N THR A 59 6.82 -4.79 5.25
CA THR A 59 6.04 -5.70 6.10
C THR A 59 5.16 -4.86 6.98
N TRP A 60 3.99 -5.39 7.46
CA TRP A 60 3.13 -4.58 8.32
C TRP A 60 2.22 -5.47 9.14
N THR A 61 1.61 -4.89 10.21
CA THR A 61 0.69 -5.61 11.08
C THR A 61 -0.73 -5.32 10.62
N VAL A 62 -1.59 -6.36 10.56
CA VAL A 62 -2.97 -6.19 10.08
C VAL A 62 -3.96 -6.35 11.21
N THR A 63 -4.95 -5.42 11.29
CA THR A 63 -6.01 -5.47 12.31
C THR A 63 -7.34 -5.26 11.58
N PRO A 64 -8.42 -5.86 12.07
CA PRO A 64 -9.74 -5.75 11.40
C PRO A 64 -10.50 -4.45 11.55
N LEU A 65 -10.19 -3.62 12.58
CA LEU A 65 -10.94 -2.38 12.77
C LEU A 65 -10.27 -1.26 11.97
N PRO A 66 -11.04 -0.52 11.16
CA PRO A 66 -10.47 0.57 10.32
C PRO A 66 -9.95 1.77 11.10
N ALA A 67 -10.35 1.89 12.39
CA ALA A 67 -9.91 2.99 13.24
C ALA A 67 -8.60 2.62 13.94
N ASP A 68 -8.12 1.36 13.79
CA ASP A 68 -6.87 0.95 14.44
C ASP A 68 -5.70 1.42 13.58
N MET A 69 -4.51 1.54 14.21
CA MET A 69 -3.32 2.00 13.51
C MET A 69 -2.44 0.80 13.22
N THR A 70 -1.89 0.76 11.98
CA THR A 70 -1.02 -0.34 11.54
C THR A 70 0.40 0.15 11.60
N ARG A 71 1.39 -0.73 11.91
CA ARG A 71 2.78 -0.30 11.92
C ARG A 71 3.39 -0.97 10.71
N CYS A 72 3.89 -0.15 9.76
CA CYS A 72 4.46 -0.67 8.54
C CYS A 72 5.94 -0.39 8.57
N HIS A 73 6.73 -1.42 8.22
CA HIS A 73 8.18 -1.35 8.21
C HIS A 73 8.62 -1.49 6.78
N LEU A 74 9.50 -0.57 6.34
CA LEU A 74 10.02 -0.56 4.98
C LEU A 74 11.53 -0.53 5.07
N GLN A 75 12.18 -1.44 4.29
CA GLN A 75 13.63 -1.52 4.25
C GLN A 75 14.03 -1.45 2.79
N PHE A 76 14.90 -0.48 2.42
CA PHE A 76 15.32 -0.31 1.03
C PHE A 76 16.70 -0.92 0.81
N ASN A 77 16.83 -1.70 -0.31
CA ASN A 77 18.10 -2.32 -0.74
C ASN A 77 18.67 -3.27 0.32
N ASN A 78 17.82 -3.79 1.25
CA ASN A 78 18.25 -4.71 2.32
C ASN A 78 19.32 -4.06 3.21
N ASP A 79 19.29 -2.71 3.35
CA ASP A 79 20.27 -2.00 4.15
C ASP A 79 19.62 -1.61 5.47
N ALA A 80 20.32 -1.92 6.60
CA ALA A 80 19.83 -1.62 7.94
C ALA A 80 19.69 -0.12 8.15
N GLU A 81 20.61 0.69 7.56
CA GLU A 81 20.57 2.14 7.73
C GLU A 81 19.46 2.77 6.90
N LEU A 82 18.84 1.99 5.95
CA LEU A 82 17.77 2.52 5.11
C LEU A 82 16.49 1.82 5.51
N THR A 83 16.15 1.93 6.82
CA THR A 83 14.95 1.32 7.37
C THR A 83 14.03 2.43 7.78
N TYR A 84 12.71 2.27 7.48
CA TYR A 84 11.73 3.26 7.82
C TYR A 84 10.57 2.59 8.52
N GLU A 85 9.96 3.32 9.48
CA GLU A 85 8.80 2.84 10.21
C GLU A 85 7.76 3.91 10.03
N ILE A 86 6.60 3.50 9.51
CA ILE A 86 5.49 4.37 9.25
C ILE A 86 4.26 3.71 9.85
N LEU A 87 3.62 4.50 10.72
CA LEU A 87 2.46 4.11 11.48
C LEU A 87 1.43 5.15 11.17
N LEU A 88 0.19 4.71 10.84
CA LEU A 88 -0.87 5.59 10.45
C LEU A 88 -2.11 4.70 10.55
N PRO A 89 -3.31 5.28 10.56
CA PRO A 89 -4.56 4.50 10.64
C PRO A 89 -4.78 3.55 9.47
N ASN A 90 -5.50 2.43 9.73
CA ASN A 90 -5.86 1.46 8.67
C ASN A 90 -6.63 2.13 7.56
N HIS A 91 -7.58 3.03 7.94
CA HIS A 91 -8.37 3.78 6.96
C HIS A 91 -7.47 4.56 6.01
N GLU A 92 -6.45 5.26 6.55
CA GLU A 92 -5.51 6.03 5.74
C GLU A 92 -4.52 5.12 5.03
N PHE A 93 -4.11 3.98 5.68
CA PHE A 93 -3.14 3.05 5.06
C PHE A 93 -3.72 2.47 3.79
N LEU A 94 -5.04 2.12 3.78
CA LEU A 94 -5.67 1.57 2.58
C LEU A 94 -5.81 2.66 1.52
N GLU A 95 -5.85 3.97 1.90
CA GLU A 95 -5.92 5.04 0.88
C GLU A 95 -4.63 5.01 0.06
N TYR A 96 -3.47 4.80 0.77
CA TYR A 96 -2.16 4.67 0.13
C TYR A 96 -2.15 3.44 -0.76
N LEU A 97 -2.59 2.26 -0.23
CA LEU A 97 -2.63 1.03 -1.03
C LEU A 97 -3.54 1.19 -2.26
N ILE A 98 -4.70 1.87 -2.12
CA ILE A 98 -5.60 2.08 -3.26
C ILE A 98 -4.93 3.00 -4.28
N ASP A 99 -4.25 4.11 -3.82
CA ASP A 99 -3.56 5.02 -4.74
C ASP A 99 -2.42 4.27 -5.44
N MET A 100 -1.74 3.37 -4.71
CA MET A 100 -0.66 2.53 -5.25
C MET A 100 -1.23 1.62 -6.34
N LEU A 101 -2.46 1.08 -6.13
CA LEU A 101 -3.09 0.20 -7.11
C LEU A 101 -3.49 1.03 -8.34
N MET A 102 -3.86 2.32 -8.15
CA MET A 102 -4.17 3.19 -9.29
C MET A 102 -2.90 3.41 -10.12
N GLY A 103 -1.73 3.60 -9.45
CA GLY A 103 -0.44 3.75 -10.17
C GLY A 103 -0.13 2.47 -10.92
N TYR A 104 -0.40 1.30 -10.28
CA TYR A 104 -0.21 -0.01 -10.89
C TYR A 104 -1.11 -0.13 -12.11
N GLN A 105 -2.41 0.20 -11.95
CA GLN A 105 -3.39 0.13 -13.02
C GLN A 105 -3.02 1.00 -14.21
N ARG A 106 -2.55 2.25 -13.97
CA ARG A 106 -2.24 3.16 -15.08
C ARG A 106 -0.95 2.78 -15.81
N MET A 107 0.12 2.34 -15.08
CA MET A 107 1.41 2.06 -15.76
C MET A 107 1.57 0.58 -16.07
N GLN A 108 0.84 -0.31 -15.36
CA GLN A 108 0.92 -1.78 -15.53
C GLN A 108 2.29 -2.28 -15.07
N LYS A 109 2.86 -1.61 -14.04
CA LYS A 109 4.15 -1.97 -13.48
C LYS A 109 4.03 -1.73 -11.99
N THR A 110 4.88 -2.40 -11.17
CA THR A 110 4.82 -2.21 -9.71
C THR A 110 5.53 -0.92 -9.39
N ASP A 111 4.79 0.05 -8.79
CA ASP A 111 5.37 1.32 -8.44
C ASP A 111 4.55 1.88 -7.30
N PHE A 112 5.23 2.51 -6.31
CA PHE A 112 4.53 3.10 -5.17
C PHE A 112 4.40 4.59 -5.44
N PRO A 113 3.39 5.23 -4.87
CA PRO A 113 3.16 6.65 -5.09
C PRO A 113 4.09 7.56 -4.32
N GLY A 114 4.35 8.77 -4.90
CA GLY A 114 5.25 9.77 -4.30
C GLY A 114 4.76 10.22 -2.95
N ALA A 115 3.42 10.33 -2.77
CA ALA A 115 2.85 10.78 -1.49
C ALA A 115 3.16 9.79 -0.37
N PHE A 116 3.41 8.49 -0.69
CA PHE A 116 3.72 7.50 0.33
C PHE A 116 5.10 7.80 0.89
N TYR A 117 6.10 8.07 -0.01
CA TYR A 117 7.47 8.35 0.42
C TYR A 117 7.52 9.74 1.06
N ARG A 118 6.61 10.66 0.64
CA ARG A 118 6.54 12.02 1.19
C ARG A 118 6.23 11.95 2.70
N ARG A 119 5.27 11.06 3.07
CA ARG A 119 4.87 10.91 4.48
C ARG A 119 5.86 9.98 5.18
N LEU A 120 6.55 9.11 4.40
CA LEU A 120 7.55 8.18 4.96
C LEU A 120 8.72 9.01 5.51
N LEU A 121 9.18 10.05 4.76
CA LEU A 121 10.24 10.93 5.26
C LEU A 121 9.64 11.84 6.32
N GLY A 122 8.34 12.18 6.12
CA GLY A 122 7.58 13.03 7.03
C GLY A 122 7.69 14.47 6.60
N TYR A 123 8.48 14.73 5.53
CA TYR A 123 8.71 16.08 4.95
C TYR A 123 9.01 17.15 5.99
N ASP A 124 7.97 17.87 6.48
CA ASP A 124 8.17 18.96 7.44
C ASP A 124 7.90 18.46 8.85
N SER A 125 7.54 17.18 9.01
CA SER A 125 7.26 16.63 10.35
C SER A 125 8.58 16.10 10.97
N MET A 1 5.05 -11.33 -8.39
CA MET A 1 3.58 -11.22 -8.04
C MET A 1 2.98 -9.92 -8.56
N ARG A 2 2.15 -10.01 -9.63
CA ARG A 2 1.51 -8.83 -10.18
C ARG A 2 0.22 -8.58 -9.40
N ILE A 3 -0.16 -7.29 -9.24
CA ILE A 3 -1.39 -6.92 -8.51
C ILE A 3 -2.61 -7.46 -9.25
N ASP A 4 -2.61 -7.43 -10.62
CA ASP A 4 -3.74 -7.95 -11.40
C ASP A 4 -3.88 -9.47 -11.22
N GLU A 5 -2.84 -10.16 -10.66
CA GLU A 5 -2.90 -11.60 -10.45
C GLU A 5 -3.43 -11.87 -9.04
N LEU A 6 -3.69 -10.81 -8.23
CA LEU A 6 -4.20 -10.99 -6.89
C LEU A 6 -5.69 -11.19 -6.97
N VAL A 7 -6.22 -12.17 -6.22
CA VAL A 7 -7.65 -12.44 -6.20
C VAL A 7 -8.27 -11.48 -5.19
N PRO A 8 -9.47 -10.99 -5.47
CA PRO A 8 -10.14 -10.06 -4.57
C PRO A 8 -10.67 -10.71 -3.30
N ALA A 9 -10.75 -9.91 -2.22
CA ALA A 9 -11.27 -10.39 -0.95
C ALA A 9 -12.78 -10.56 -1.06
N ASP A 10 -13.39 -11.34 -0.13
CA ASP A 10 -14.83 -11.60 -0.18
C ASP A 10 -15.60 -10.29 0.01
N PRO A 11 -16.72 -10.14 -0.72
CA PRO A 11 -17.53 -8.91 -0.68
C PRO A 11 -18.15 -8.59 0.66
N ARG A 12 -18.43 -9.63 1.49
CA ARG A 12 -19.01 -9.42 2.81
C ARG A 12 -18.02 -8.68 3.70
N ALA A 13 -16.72 -9.05 3.59
CA ALA A 13 -15.65 -8.44 4.36
C ALA A 13 -15.30 -7.08 3.77
N VAL A 14 -15.18 -6.98 2.43
CA VAL A 14 -14.77 -5.72 1.79
C VAL A 14 -15.85 -4.67 1.89
N SER A 15 -17.14 -5.04 1.64
CA SER A 15 -18.25 -4.05 1.65
C SER A 15 -18.45 -3.51 3.06
N LEU A 16 -17.92 -4.21 4.09
CA LEU A 16 -18.05 -3.78 5.47
C LEU A 16 -17.06 -2.64 5.72
N TYR A 17 -15.92 -2.56 4.96
CA TYR A 17 -14.98 -1.47 5.21
C TYR A 17 -15.36 -0.24 4.38
N THR A 18 -16.15 -0.45 3.28
CA THR A 18 -16.58 0.63 2.35
C THR A 18 -17.24 1.84 3.04
N PRO A 19 -18.24 1.69 3.94
CA PRO A 19 -18.89 2.85 4.59
C PRO A 19 -18.00 3.69 5.48
N TYR A 20 -16.74 3.24 5.73
CA TYR A 20 -15.82 3.99 6.56
C TYR A 20 -15.06 5.00 5.68
N TYR A 21 -15.32 5.00 4.34
CA TYR A 21 -14.64 5.91 3.43
C TYR A 21 -15.69 6.70 2.67
N SER A 22 -16.12 6.20 1.49
CA SER A 22 -17.12 6.88 0.69
C SER A 22 -17.39 5.98 -0.49
N GLN A 23 -18.26 6.43 -1.43
CA GLN A 23 -18.58 5.66 -2.61
C GLN A 23 -17.99 6.40 -3.79
N ALA A 24 -17.02 5.77 -4.48
CA ALA A 24 -16.34 6.40 -5.60
C ALA A 24 -15.50 5.31 -6.24
N ASN A 25 -14.45 5.69 -7.01
CA ASN A 25 -13.58 4.70 -7.67
C ASN A 25 -12.70 3.99 -6.65
N ARG A 26 -12.64 4.50 -5.39
CA ARG A 26 -11.81 3.88 -4.35
C ARG A 26 -12.34 2.48 -4.00
N ARG A 27 -13.69 2.27 -4.01
CA ARG A 27 -14.25 0.96 -3.65
C ARG A 27 -13.89 -0.09 -4.70
N ARG A 28 -13.52 0.35 -5.93
CA ARG A 28 -13.11 -0.56 -7.00
C ARG A 28 -11.78 -1.23 -6.64
N TYR A 29 -10.84 -0.47 -6.01
CA TYR A 29 -9.52 -1.01 -5.67
C TYR A 29 -9.55 -1.59 -4.27
N LEU A 30 -10.62 -1.33 -3.48
CA LEU A 30 -10.73 -1.82 -2.10
C LEU A 30 -10.59 -3.35 -1.99
N PRO A 31 -11.33 -4.18 -2.75
CA PRO A 31 -11.21 -5.63 -2.62
C PRO A 31 -9.88 -6.18 -3.05
N TYR A 32 -9.13 -5.44 -3.92
CA TYR A 32 -7.84 -5.92 -4.38
C TYR A 32 -6.75 -5.46 -3.41
N ALA A 33 -6.91 -4.22 -2.84
CA ALA A 33 -5.91 -3.70 -1.92
C ALA A 33 -6.12 -4.35 -0.55
N LEU A 34 -7.36 -4.79 -0.22
CA LEU A 34 -7.61 -5.49 1.05
C LEU A 34 -6.88 -6.84 0.97
N SER A 35 -6.90 -7.48 -0.24
CA SER A 35 -6.20 -8.75 -0.47
C SER A 35 -4.68 -8.52 -0.33
N LEU A 36 -4.16 -7.40 -0.92
CA LEU A 36 -2.73 -7.04 -0.82
C LEU A 36 -2.36 -6.81 0.65
N TYR A 37 -3.25 -6.08 1.38
CA TYR A 37 -3.11 -5.78 2.80
C TYR A 37 -3.01 -7.08 3.60
N GLN A 38 -3.92 -8.06 3.33
CA GLN A 38 -3.95 -9.35 4.03
C GLN A 38 -2.64 -10.13 3.83
N GLY A 39 -1.94 -9.89 2.68
CA GLY A 39 -0.67 -10.55 2.35
C GLY A 39 0.37 -10.32 3.43
N SER A 40 0.35 -9.11 4.08
CA SER A 40 1.25 -8.77 5.20
C SER A 40 2.68 -8.48 4.77
N SER A 41 3.15 -8.98 3.61
CA SER A 41 4.50 -8.69 3.18
C SER A 41 4.51 -8.77 1.67
N ILE A 42 5.21 -7.83 1.02
CA ILE A 42 5.25 -7.81 -0.44
C ILE A 42 6.57 -7.18 -0.88
N GLU A 43 6.98 -7.45 -2.14
CA GLU A 43 8.19 -6.85 -2.70
C GLU A 43 7.65 -5.75 -3.59
N GLY A 44 8.23 -4.53 -3.50
CA GLY A 44 7.69 -3.40 -4.26
C GLY A 44 8.82 -2.59 -4.80
N SER A 45 8.55 -1.75 -5.82
CA SER A 45 9.61 -0.94 -6.41
C SER A 45 9.22 0.52 -6.30
N ARG A 46 10.21 1.36 -5.97
CA ARG A 46 10.00 2.80 -5.87
C ARG A 46 10.53 3.38 -7.16
N ALA A 47 9.67 4.11 -7.91
CA ALA A 47 10.06 4.68 -9.19
C ALA A 47 10.74 6.01 -8.97
N VAL A 48 11.83 6.26 -9.74
CA VAL A 48 12.58 7.49 -9.65
C VAL A 48 12.53 8.14 -11.02
N GLU A 49 12.08 9.42 -11.10
CA GLU A 49 11.99 10.09 -12.40
C GLU A 49 13.38 10.53 -12.82
N GLY A 50 13.85 10.02 -13.99
CA GLY A 50 15.17 10.36 -14.49
C GLY A 50 16.20 9.40 -13.94
N GLY A 51 15.73 8.35 -13.21
CA GLY A 51 16.64 7.36 -12.63
C GLY A 51 16.10 5.99 -12.91
N ALA A 52 16.54 5.01 -12.10
CA ALA A 52 16.09 3.63 -12.26
C ALA A 52 15.35 3.29 -10.98
N PRO A 53 14.40 2.36 -11.06
CA PRO A 53 13.62 1.96 -9.87
C PRO A 53 14.43 1.15 -8.87
N ILE A 54 14.06 1.25 -7.56
CA ILE A 54 14.79 0.53 -6.52
C ILE A 54 13.87 -0.51 -5.89
N SER A 55 14.38 -1.75 -5.76
CA SER A 55 13.65 -2.86 -5.14
C SER A 55 13.77 -2.79 -3.64
N PHE A 56 12.60 -2.77 -2.94
CA PHE A 56 12.58 -2.76 -1.49
C PHE A 56 11.78 -3.95 -0.99
N VAL A 57 11.88 -4.24 0.33
CA VAL A 57 11.15 -5.36 0.93
C VAL A 57 10.21 -4.73 1.93
N ALA A 58 8.87 -5.05 1.94
CA ALA A 58 7.99 -4.43 2.93
C ALA A 58 7.24 -5.49 3.69
N THR A 59 7.11 -5.27 5.02
CA THR A 59 6.42 -6.20 5.89
C THR A 59 5.56 -5.36 6.82
N TRP A 60 4.30 -5.76 7.10
CA TRP A 60 3.46 -4.97 8.00
C TRP A 60 2.52 -5.88 8.79
N THR A 61 1.99 -5.34 9.92
CA THR A 61 1.05 -6.08 10.76
C THR A 61 -0.36 -5.75 10.30
N VAL A 62 -1.25 -6.76 10.27
CA VAL A 62 -2.63 -6.55 9.79
C VAL A 62 -3.60 -6.64 10.95
N THR A 63 -4.52 -5.65 11.04
CA THR A 63 -5.53 -5.64 12.10
C THR A 63 -6.90 -5.49 11.44
N PRO A 64 -7.94 -6.12 12.01
CA PRO A 64 -9.30 -6.06 11.44
C PRO A 64 -10.11 -4.82 11.80
N LEU A 65 -9.70 -4.07 12.86
CA LEU A 65 -10.44 -2.90 13.27
C LEU A 65 -9.90 -1.69 12.51
N PRO A 66 -10.77 -0.89 11.89
CA PRO A 66 -10.35 0.27 11.10
C PRO A 66 -9.72 1.42 11.88
N ALA A 67 -9.95 1.46 13.22
CA ALA A 67 -9.38 2.52 14.06
C ALA A 67 -8.02 2.11 14.58
N ASP A 68 -7.55 0.87 14.27
CA ASP A 68 -6.24 0.42 14.75
C ASP A 68 -5.15 0.96 13.85
N MET A 69 -3.92 1.03 14.41
CA MET A 69 -2.76 1.51 13.68
C MET A 69 -1.90 0.32 13.33
N THR A 70 -1.41 0.29 12.07
CA THR A 70 -0.58 -0.82 11.57
C THR A 70 0.86 -0.38 11.67
N ARG A 71 1.81 -1.32 11.93
CA ARG A 71 3.23 -0.96 11.97
C ARG A 71 3.82 -1.60 10.74
N CYS A 72 4.35 -0.76 9.82
CA CYS A 72 4.90 -1.26 8.57
C CYS A 72 6.39 -0.99 8.56
N HIS A 73 7.16 -2.04 8.19
CA HIS A 73 8.59 -2.00 8.11
C HIS A 73 8.97 -2.07 6.65
N LEU A 74 9.85 -1.15 6.22
CA LEU A 74 10.31 -1.09 4.84
C LEU A 74 11.82 -1.10 4.87
N GLN A 75 12.43 -2.01 4.07
CA GLN A 75 13.88 -2.11 3.98
C GLN A 75 14.24 -1.99 2.52
N PHE A 76 15.14 -1.04 2.17
CA PHE A 76 15.53 -0.82 0.78
C PHE A 76 16.87 -1.47 0.46
N ASN A 77 16.89 -2.21 -0.70
CA ASN A 77 18.10 -2.88 -1.20
C ASN A 77 18.68 -3.89 -0.21
N ASN A 78 17.82 -4.45 0.70
CA ASN A 78 18.25 -5.44 1.71
C ASN A 78 19.36 -4.87 2.60
N ASP A 79 19.35 -3.53 2.85
CA ASP A 79 20.38 -2.91 3.66
C ASP A 79 19.78 -2.54 5.01
N ALA A 80 20.45 -2.95 6.12
CA ALA A 80 20.01 -2.67 7.48
C ALA A 80 19.97 -1.17 7.76
N GLU A 81 20.93 -0.40 7.18
CA GLU A 81 20.98 1.05 7.39
C GLU A 81 19.78 1.73 6.75
N LEU A 82 19.30 1.20 5.60
CA LEU A 82 18.16 1.81 4.90
C LEU A 82 16.89 1.10 5.34
N THR A 83 16.55 1.24 6.63
CA THR A 83 15.35 0.63 7.20
C THR A 83 14.45 1.75 7.67
N TYR A 84 13.14 1.61 7.37
CA TYR A 84 12.16 2.62 7.75
C TYR A 84 11.01 1.94 8.47
N GLU A 85 10.43 2.66 9.46
CA GLU A 85 9.28 2.18 10.21
C GLU A 85 8.25 3.28 10.08
N ILE A 86 7.06 2.88 9.60
CA ILE A 86 5.96 3.78 9.38
C ILE A 86 4.74 3.13 10.03
N LEU A 87 4.13 3.92 10.92
CA LEU A 87 2.97 3.55 11.70
C LEU A 87 1.99 4.66 11.48
N LEU A 88 0.72 4.32 11.16
CA LEU A 88 -0.29 5.29 10.84
C LEU A 88 -1.59 4.48 10.93
N PRO A 89 -2.75 5.13 10.97
CA PRO A 89 -4.04 4.41 11.04
C PRO A 89 -4.35 3.53 9.85
N ASN A 90 -5.17 2.46 10.09
CA ASN A 90 -5.57 1.53 9.03
C ASN A 90 -6.23 2.28 7.86
N HIS A 91 -7.11 3.30 8.17
CA HIS A 91 -7.74 4.10 7.12
C HIS A 91 -6.71 4.77 6.22
N GLU A 92 -5.65 5.37 6.83
CA GLU A 92 -4.63 6.05 6.06
C GLU A 92 -3.72 5.03 5.36
N PHE A 93 -3.41 3.87 6.02
CA PHE A 93 -2.54 2.86 5.38
C PHE A 93 -3.23 2.29 4.14
N LEU A 94 -4.56 2.01 4.20
CA LEU A 94 -5.26 1.50 3.03
C LEU A 94 -5.41 2.60 1.98
N GLU A 95 -5.42 3.91 2.37
CA GLU A 95 -5.49 4.99 1.38
C GLU A 95 -4.20 4.94 0.54
N TYR A 96 -3.05 4.69 1.21
CA TYR A 96 -1.75 4.52 0.54
C TYR A 96 -1.80 3.31 -0.39
N LEU A 97 -2.27 2.14 0.12
CA LEU A 97 -2.36 0.93 -0.73
C LEU A 97 -3.31 1.15 -1.91
N ILE A 98 -4.45 1.86 -1.71
CA ILE A 98 -5.37 2.15 -2.81
C ILE A 98 -4.71 3.10 -3.82
N ASP A 99 -3.97 4.15 -3.34
CA ASP A 99 -3.28 5.07 -4.25
C ASP A 99 -2.20 4.31 -5.03
N MET A 100 -1.53 3.32 -4.36
CA MET A 100 -0.54 2.45 -4.99
C MET A 100 -1.19 1.65 -6.11
N LEU A 101 -2.45 1.18 -5.89
CA LEU A 101 -3.18 0.42 -6.90
C LEU A 101 -3.55 1.33 -8.06
N MET A 102 -3.82 2.63 -7.78
CA MET A 102 -4.11 3.60 -8.86
C MET A 102 -2.86 3.77 -9.71
N GLY A 103 -1.65 3.83 -9.07
CA GLY A 103 -0.37 3.93 -9.82
C GLY A 103 -0.17 2.68 -10.65
N TYR A 104 -0.49 1.50 -10.07
CA TYR A 104 -0.41 0.21 -10.76
C TYR A 104 -1.32 0.21 -11.97
N GLN A 105 -2.60 0.60 -11.76
CA GLN A 105 -3.59 0.64 -12.81
C GLN A 105 -3.20 1.59 -13.94
N ARG A 106 -2.68 2.80 -13.60
CA ARG A 106 -2.36 3.79 -14.64
C ARG A 106 -1.12 3.40 -15.47
N MET A 107 -0.06 2.84 -14.81
CA MET A 107 1.19 2.55 -15.52
C MET A 107 1.27 1.09 -15.95
N GLN A 108 0.51 0.18 -15.29
CA GLN A 108 0.51 -1.25 -15.60
C GLN A 108 1.84 -1.89 -15.18
N LYS A 109 2.36 -1.46 -14.01
CA LYS A 109 3.62 -1.97 -13.50
C LYS A 109 3.58 -1.76 -12.00
N THR A 110 4.30 -2.62 -11.22
CA THR A 110 4.29 -2.50 -9.75
C THR A 110 5.22 -1.38 -9.37
N ASP A 111 4.63 -0.23 -8.94
CA ASP A 111 5.42 0.92 -8.55
C ASP A 111 4.70 1.60 -7.42
N PHE A 112 5.44 1.99 -6.36
CA PHE A 112 4.85 2.69 -5.22
C PHE A 112 4.89 4.18 -5.51
N PRO A 113 3.91 4.93 -5.00
CA PRO A 113 3.83 6.37 -5.22
C PRO A 113 4.80 7.18 -4.38
N GLY A 114 5.21 8.36 -4.92
CA GLY A 114 6.14 9.26 -4.24
C GLY A 114 5.58 9.79 -2.94
N ALA A 115 4.24 9.88 -2.81
CA ALA A 115 3.62 10.39 -1.58
C ALA A 115 3.84 9.41 -0.43
N PHE A 116 4.02 8.10 -0.75
CA PHE A 116 4.25 7.10 0.28
C PHE A 116 5.63 7.32 0.87
N TYR A 117 6.65 7.55 -0.01
CA TYR A 117 8.02 7.77 0.43
C TYR A 117 8.13 9.13 1.12
N ARG A 118 7.28 10.12 0.73
CA ARG A 118 7.29 11.46 1.35
C ARG A 118 6.96 11.34 2.84
N ARG A 119 5.94 10.49 3.15
CA ARG A 119 5.48 10.28 4.53
C ARG A 119 6.45 9.32 5.23
N LEU A 120 7.08 8.40 4.46
CA LEU A 120 8.05 7.45 4.99
C LEU A 120 9.27 8.21 5.50
N LEU A 121 9.70 9.27 4.75
CA LEU A 121 10.83 10.10 5.17
C LEU A 121 10.43 10.95 6.37
N GLY A 122 9.13 11.33 6.46
CA GLY A 122 8.63 12.14 7.56
C GLY A 122 8.64 13.59 7.16
N TYR A 123 8.52 13.88 5.83
CA TYR A 123 8.54 15.27 5.35
C TYR A 123 7.29 16.01 5.78
N ASP A 124 6.16 15.29 5.94
CA ASP A 124 4.92 15.92 6.36
C ASP A 124 4.71 15.63 7.85
N SER A 125 5.81 15.37 8.60
CA SER A 125 5.70 15.09 10.05
C SER A 125 5.71 16.42 10.84
N MET A 1 4.41 -12.16 -8.56
CA MET A 1 3.52 -11.28 -7.72
C MET A 1 3.06 -10.04 -8.47
N ARG A 2 1.95 -10.18 -9.24
CA ARG A 2 1.41 -9.06 -10.01
C ARG A 2 0.04 -8.75 -9.45
N ILE A 3 -0.34 -7.44 -9.39
CA ILE A 3 -1.64 -7.03 -8.86
C ILE A 3 -2.77 -7.58 -9.75
N ASP A 4 -2.59 -7.59 -11.09
CA ASP A 4 -3.63 -8.13 -12.00
C ASP A 4 -3.84 -9.64 -11.77
N GLU A 5 -2.89 -10.32 -11.08
CA GLU A 5 -3.03 -11.75 -10.81
C GLU A 5 -3.62 -11.95 -9.42
N LEU A 6 -3.92 -10.84 -8.67
CA LEU A 6 -4.50 -10.97 -7.33
C LEU A 6 -5.98 -11.13 -7.48
N VAL A 7 -6.56 -12.05 -6.68
CA VAL A 7 -7.99 -12.28 -6.71
C VAL A 7 -8.59 -11.32 -5.69
N PRO A 8 -9.79 -10.84 -5.95
CA PRO A 8 -10.45 -9.92 -5.03
C PRO A 8 -10.94 -10.57 -3.76
N ALA A 9 -11.00 -9.77 -2.68
CA ALA A 9 -11.48 -10.27 -1.40
C ALA A 9 -13.00 -10.45 -1.49
N ASP A 10 -13.58 -11.24 -0.53
CA ASP A 10 -15.02 -11.51 -0.55
C ASP A 10 -15.81 -10.20 -0.39
N PRO A 11 -16.91 -10.06 -1.14
CA PRO A 11 -17.72 -8.82 -1.13
C PRO A 11 -18.37 -8.50 0.21
N ARG A 12 -18.65 -9.53 1.03
CA ARG A 12 -19.25 -9.31 2.36
C ARG A 12 -18.25 -8.59 3.26
N ALA A 13 -16.95 -8.99 3.16
CA ALA A 13 -15.90 -8.40 3.96
C ALA A 13 -15.52 -7.03 3.40
N VAL A 14 -15.41 -6.92 2.05
CA VAL A 14 -14.99 -5.65 1.43
C VAL A 14 -16.09 -4.59 1.54
N SER A 15 -17.38 -4.98 1.32
CA SER A 15 -18.48 -3.99 1.34
C SER A 15 -18.66 -3.42 2.73
N LEU A 16 -18.12 -4.12 3.75
CA LEU A 16 -18.23 -3.67 5.13
C LEU A 16 -17.24 -2.53 5.35
N TYR A 17 -16.11 -2.45 4.59
CA TYR A 17 -15.16 -1.36 4.82
C TYR A 17 -15.56 -0.16 3.96
N THR A 18 -16.33 -0.41 2.86
CA THR A 18 -16.77 0.64 1.89
C THR A 18 -17.40 1.89 2.52
N PRO A 19 -18.39 1.80 3.45
CA PRO A 19 -19.00 3.02 4.03
C PRO A 19 -18.06 3.95 4.79
N TYR A 20 -16.81 3.52 5.06
CA TYR A 20 -15.85 4.36 5.76
C TYR A 20 -15.10 5.23 4.76
N TYR A 21 -15.36 5.07 3.42
CA TYR A 21 -14.66 5.84 2.40
C TYR A 21 -15.70 6.52 1.53
N SER A 22 -15.69 7.88 1.49
CA SER A 22 -16.67 8.61 0.68
C SER A 22 -16.05 8.86 -0.68
N GLN A 23 -15.94 7.79 -1.50
CA GLN A 23 -15.36 7.91 -2.84
C GLN A 23 -15.85 6.74 -3.66
N ALA A 24 -16.32 7.02 -4.90
CA ALA A 24 -16.84 5.98 -5.78
C ALA A 24 -15.72 5.33 -6.59
N ASN A 25 -14.52 5.95 -6.66
CA ASN A 25 -13.41 5.37 -7.42
C ASN A 25 -12.59 4.49 -6.50
N ARG A 26 -12.56 4.80 -5.18
CA ARG A 26 -11.79 4.00 -4.23
C ARG A 26 -12.40 2.63 -4.02
N ARG A 27 -13.77 2.52 -4.03
CA ARG A 27 -14.44 1.22 -3.81
C ARG A 27 -14.09 0.23 -4.94
N ARG A 28 -13.68 0.75 -6.12
CA ARG A 28 -13.27 -0.07 -7.26
C ARG A 28 -12.00 -0.85 -6.93
N TYR A 29 -11.03 -0.21 -6.22
CA TYR A 29 -9.75 -0.85 -5.91
C TYR A 29 -9.79 -1.47 -4.54
N LEU A 30 -10.84 -1.18 -3.72
CA LEU A 30 -10.95 -1.73 -2.36
C LEU A 30 -10.86 -3.26 -2.31
N PRO A 31 -11.60 -4.04 -3.11
CA PRO A 31 -11.51 -5.50 -3.02
C PRO A 31 -10.19 -6.08 -3.49
N TYR A 32 -9.44 -5.32 -4.33
CA TYR A 32 -8.16 -5.82 -4.83
C TYR A 32 -7.04 -5.41 -3.87
N ALA A 33 -7.14 -4.16 -3.30
CA ALA A 33 -6.12 -3.67 -2.38
C ALA A 33 -6.30 -4.33 -1.02
N LEU A 34 -7.56 -4.73 -0.66
CA LEU A 34 -7.80 -5.43 0.62
C LEU A 34 -7.10 -6.79 0.55
N SER A 35 -7.11 -7.43 -0.66
CA SER A 35 -6.42 -8.72 -0.86
C SER A 35 -4.90 -8.54 -0.67
N LEU A 36 -4.31 -7.44 -1.25
CA LEU A 36 -2.86 -7.17 -1.11
C LEU A 36 -2.54 -6.88 0.36
N TYR A 37 -3.44 -6.13 1.04
CA TYR A 37 -3.33 -5.78 2.47
C TYR A 37 -3.21 -7.04 3.32
N GLN A 38 -4.06 -8.08 3.05
CA GLN A 38 -4.06 -9.35 3.81
C GLN A 38 -2.74 -10.11 3.64
N GLY A 39 -1.97 -9.79 2.56
CA GLY A 39 -0.67 -10.43 2.29
C GLY A 39 0.30 -10.17 3.41
N SER A 40 0.27 -8.94 3.99
CA SER A 40 1.14 -8.54 5.14
C SER A 40 2.59 -8.35 4.73
N SER A 41 2.95 -8.65 3.46
CA SER A 41 4.32 -8.47 3.02
C SER A 41 4.28 -8.40 1.51
N ILE A 42 5.04 -7.45 0.92
CA ILE A 42 5.05 -7.32 -0.53
C ILE A 42 6.40 -6.73 -0.93
N GLU A 43 6.81 -6.96 -2.20
CA GLU A 43 8.04 -6.39 -2.72
C GLU A 43 7.56 -5.21 -3.53
N GLY A 44 8.20 -4.03 -3.37
CA GLY A 44 7.71 -2.83 -4.04
C GLY A 44 8.87 -2.09 -4.60
N SER A 45 8.61 -1.19 -5.59
CA SER A 45 9.69 -0.42 -6.17
C SER A 45 9.30 1.03 -6.14
N ARG A 46 10.27 1.89 -5.78
CA ARG A 46 10.06 3.33 -5.74
C ARG A 46 10.58 3.85 -7.06
N ALA A 47 9.71 4.56 -7.82
CA ALA A 47 10.09 5.11 -9.11
C ALA A 47 10.62 6.52 -8.90
N VAL A 48 11.80 6.81 -9.48
CA VAL A 48 12.41 8.12 -9.34
C VAL A 48 12.47 8.73 -10.73
N GLU A 49 11.90 9.95 -10.89
CA GLU A 49 11.89 10.61 -12.19
C GLU A 49 13.29 11.11 -12.50
N GLY A 50 13.89 10.61 -13.62
CA GLY A 50 15.25 11.01 -14.01
C GLY A 50 16.25 10.08 -13.38
N GLY A 51 15.77 8.99 -12.72
CA GLY A 51 16.65 8.02 -12.09
C GLY A 51 16.18 6.65 -12.45
N ALA A 52 16.58 5.65 -11.64
CA ALA A 52 16.21 4.26 -11.88
C ALA A 52 15.44 3.82 -10.64
N PRO A 53 14.55 2.84 -10.78
CA PRO A 53 13.77 2.35 -9.64
C PRO A 53 14.57 1.56 -8.64
N ILE A 54 14.18 1.62 -7.34
CA ILE A 54 14.89 0.90 -6.29
C ILE A 54 13.97 -0.14 -5.68
N SER A 55 14.47 -1.39 -5.55
CA SER A 55 13.73 -2.50 -4.96
C SER A 55 13.84 -2.46 -3.44
N PHE A 56 12.66 -2.45 -2.76
CA PHE A 56 12.63 -2.48 -1.30
C PHE A 56 11.81 -3.66 -0.83
N VAL A 57 11.89 -3.98 0.48
CA VAL A 57 11.14 -5.10 1.06
C VAL A 57 10.17 -4.46 2.04
N ALA A 58 8.83 -4.78 2.03
CA ALA A 58 7.94 -4.15 2.99
C ALA A 58 7.12 -5.19 3.73
N THR A 59 6.93 -4.97 5.05
CA THR A 59 6.11 -5.88 5.88
C THR A 59 5.22 -4.99 6.73
N TRP A 60 4.04 -5.49 7.17
CA TRP A 60 3.17 -4.66 7.99
C TRP A 60 2.23 -5.54 8.80
N THR A 61 1.62 -4.95 9.86
CA THR A 61 0.68 -5.67 10.71
C THR A 61 -0.73 -5.35 10.22
N VAL A 62 -1.64 -6.36 10.22
CA VAL A 62 -3.00 -6.16 9.73
C VAL A 62 -3.97 -6.22 10.88
N THR A 63 -4.93 -5.24 10.91
CA THR A 63 -5.95 -5.17 11.95
C THR A 63 -7.30 -5.10 11.25
N PRO A 64 -8.36 -5.60 11.90
CA PRO A 64 -9.71 -5.61 11.32
C PRO A 64 -10.51 -4.33 11.44
N LEU A 65 -10.09 -3.38 12.32
CA LEU A 65 -10.83 -2.14 12.51
C LEU A 65 -10.14 -1.03 11.73
N PRO A 66 -10.91 -0.18 11.05
CA PRO A 66 -10.34 0.92 10.25
C PRO A 66 -9.75 2.06 11.06
N ALA A 67 -10.12 2.15 12.36
CA ALA A 67 -9.63 3.21 13.24
C ALA A 67 -8.34 2.77 13.94
N ASP A 68 -7.88 1.51 13.72
CA ASP A 68 -6.66 1.03 14.36
C ASP A 68 -5.47 1.51 13.54
N MET A 69 -4.27 1.55 14.17
CA MET A 69 -3.07 1.98 13.48
C MET A 69 -2.25 0.75 13.13
N THR A 70 -1.71 0.73 11.89
CA THR A 70 -0.91 -0.40 11.41
C THR A 70 0.54 0.04 11.49
N ARG A 71 1.47 -0.91 11.78
CA ARG A 71 2.89 -0.58 11.83
C ARG A 71 3.48 -1.18 10.57
N CYS A 72 4.04 -0.32 9.69
CA CYS A 72 4.59 -0.78 8.44
C CYS A 72 6.09 -0.58 8.51
N HIS A 73 6.83 -1.64 8.11
CA HIS A 73 8.28 -1.64 8.13
C HIS A 73 8.75 -1.74 6.69
N LEU A 74 9.68 -0.85 6.32
CA LEU A 74 10.23 -0.82 4.98
C LEU A 74 11.74 -0.86 5.08
N GLN A 75 12.35 -1.76 4.27
CA GLN A 75 13.79 -1.92 4.22
C GLN A 75 14.18 -1.75 2.76
N PHE A 76 15.04 -0.75 2.45
CA PHE A 76 15.46 -0.49 1.07
C PHE A 76 16.80 -1.14 0.77
N ASN A 77 16.86 -1.83 -0.42
CA ASN A 77 18.09 -2.48 -0.91
C ASN A 77 18.62 -3.55 0.04
N ASN A 78 17.73 -4.10 0.93
CA ASN A 78 18.12 -5.14 1.90
C ASN A 78 19.21 -4.61 2.86
N ASP A 79 19.25 -3.26 3.08
CA ASP A 79 20.24 -2.65 3.93
C ASP A 79 19.57 -2.32 5.26
N ALA A 80 20.12 -2.87 6.38
CA ALA A 80 19.58 -2.65 7.71
C ALA A 80 19.67 -1.17 8.12
N GLU A 81 20.63 -0.41 7.55
CA GLU A 81 20.77 1.01 7.88
C GLU A 81 19.74 1.84 7.13
N LEU A 82 19.01 1.23 6.14
CA LEU A 82 17.99 1.94 5.38
C LEU A 82 16.66 1.32 5.74
N THR A 83 16.36 1.31 7.06
CA THR A 83 15.12 0.74 7.57
C THR A 83 14.25 1.88 8.03
N TYR A 84 12.93 1.79 7.71
CA TYR A 84 11.99 2.82 8.10
C TYR A 84 10.82 2.15 8.77
N GLU A 85 10.25 2.83 9.79
CA GLU A 85 9.09 2.35 10.52
C GLU A 85 8.11 3.49 10.49
N ILE A 86 6.89 3.18 10.01
CA ILE A 86 5.83 4.15 9.86
C ILE A 86 4.56 3.53 10.43
N LEU A 87 3.90 4.39 11.23
CA LEU A 87 2.67 4.12 11.94
C LEU A 87 1.71 5.13 11.38
N LEU A 88 0.47 4.69 11.08
CA LEU A 88 -0.52 5.54 10.49
C LEU A 88 -1.82 4.74 10.57
N PRO A 89 -2.98 5.38 10.43
CA PRO A 89 -4.26 4.67 10.49
C PRO A 89 -4.46 3.62 9.42
N ASN A 90 -5.23 2.56 9.76
CA ASN A 90 -5.57 1.48 8.82
C ASN A 90 -6.31 2.10 7.62
N HIS A 91 -7.25 3.04 7.91
CA HIS A 91 -7.99 3.77 6.88
C HIS A 91 -7.03 4.50 5.92
N GLU A 92 -6.00 5.19 6.49
CA GLU A 92 -5.04 5.94 5.67
C GLU A 92 -4.13 4.98 4.91
N PHE A 93 -3.75 3.82 5.53
CA PHE A 93 -2.86 2.85 4.85
C PHE A 93 -3.55 2.31 3.60
N LEU A 94 -4.88 2.03 3.66
CA LEU A 94 -5.58 1.53 2.47
C LEU A 94 -5.72 2.65 1.44
N GLU A 95 -5.77 3.96 1.84
CA GLU A 95 -5.82 5.04 0.83
C GLU A 95 -4.51 5.01 0.02
N TYR A 96 -3.37 4.77 0.73
CA TYR A 96 -2.06 4.61 0.09
C TYR A 96 -2.05 3.38 -0.81
N LEU A 97 -2.51 2.20 -0.31
CA LEU A 97 -2.56 0.99 -1.16
C LEU A 97 -3.46 1.20 -2.37
N ILE A 98 -4.60 1.90 -2.22
CA ILE A 98 -5.50 2.19 -3.34
C ILE A 98 -4.81 3.13 -4.34
N ASP A 99 -4.09 4.19 -3.84
CA ASP A 99 -3.37 5.13 -4.74
C ASP A 99 -2.27 4.37 -5.48
N MET A 100 -1.61 3.40 -4.79
CA MET A 100 -0.59 2.54 -5.38
C MET A 100 -1.20 1.74 -6.53
N LEU A 101 -2.46 1.25 -6.35
CA LEU A 101 -3.14 0.47 -7.38
C LEU A 101 -3.50 1.38 -8.55
N MET A 102 -3.80 2.67 -8.29
CA MET A 102 -4.08 3.63 -9.38
C MET A 102 -2.80 3.80 -10.21
N GLY A 103 -1.61 3.89 -9.53
CA GLY A 103 -0.32 4.00 -10.24
C GLY A 103 -0.07 2.73 -11.04
N TYR A 104 -0.41 1.55 -10.44
CA TYR A 104 -0.27 0.26 -11.09
C TYR A 104 -1.14 0.21 -12.33
N GLN A 105 -2.43 0.60 -12.20
CA GLN A 105 -3.36 0.61 -13.33
C GLN A 105 -2.91 1.51 -14.46
N ARG A 106 -2.41 2.74 -14.14
CA ARG A 106 -2.04 3.69 -15.19
C ARG A 106 -0.77 3.29 -15.95
N MET A 107 0.28 2.77 -15.23
CA MET A 107 1.55 2.45 -15.90
C MET A 107 1.71 0.96 -16.18
N GLN A 108 0.90 0.09 -15.53
CA GLN A 108 0.95 -1.38 -15.71
C GLN A 108 2.27 -1.94 -15.18
N LYS A 109 2.82 -1.29 -14.12
CA LYS A 109 4.06 -1.72 -13.48
C LYS A 109 3.87 -1.48 -12.00
N THR A 110 4.63 -2.19 -11.12
CA THR A 110 4.47 -2.00 -9.67
C THR A 110 5.36 -0.85 -9.26
N ASP A 111 4.74 0.32 -8.97
CA ASP A 111 5.48 1.49 -8.54
C ASP A 111 4.75 2.09 -7.37
N PHE A 112 5.49 2.40 -6.28
CA PHE A 112 4.88 3.01 -5.11
C PHE A 112 4.82 4.52 -5.34
N PRO A 113 3.82 5.19 -4.76
CA PRO A 113 3.68 6.64 -4.93
C PRO A 113 4.66 7.45 -4.11
N GLY A 114 5.08 8.62 -4.66
CA GLY A 114 6.05 9.51 -3.99
C GLY A 114 5.51 10.04 -2.68
N ALA A 115 4.16 10.12 -2.53
CA ALA A 115 3.55 10.63 -1.31
C ALA A 115 3.78 9.64 -0.15
N PHE A 116 4.08 8.34 -0.47
CA PHE A 116 4.33 7.36 0.58
C PHE A 116 5.71 7.65 1.17
N TYR A 117 6.73 7.87 0.29
CA TYR A 117 8.08 8.14 0.76
C TYR A 117 8.15 9.51 1.42
N ARG A 118 7.29 10.46 0.98
CA ARG A 118 7.26 11.81 1.53
C ARG A 118 6.92 11.77 3.03
N ARG A 119 5.94 10.90 3.41
CA ARG A 119 5.51 10.77 4.80
C ARG A 119 6.47 9.81 5.51
N LEU A 120 7.04 8.83 4.76
CA LEU A 120 7.99 7.86 5.31
C LEU A 120 9.25 8.59 5.78
N LEU A 121 9.73 9.58 4.97
CA LEU A 121 10.89 10.38 5.33
C LEU A 121 10.50 11.36 6.43
N GLY A 122 9.21 11.80 6.42
CA GLY A 122 8.69 12.71 7.44
C GLY A 122 8.88 14.14 6.99
N TYR A 123 8.68 14.44 5.68
CA TYR A 123 8.85 15.81 5.18
C TYR A 123 7.70 16.69 5.63
N ASP A 124 6.59 16.08 6.08
CA ASP A 124 5.44 16.82 6.56
C ASP A 124 5.52 16.95 8.08
N SER A 125 6.68 16.54 8.69
CA SER A 125 6.82 16.62 10.16
C SER A 125 7.26 18.06 10.56
N MET A 1 4.75 -12.20 -8.77
CA MET A 1 3.65 -11.57 -7.95
C MET A 1 3.20 -10.24 -8.54
N ARG A 2 2.36 -10.28 -9.60
CA ARG A 2 1.85 -9.06 -10.22
C ARG A 2 0.56 -8.68 -9.52
N ILE A 3 0.29 -7.36 -9.40
CA ILE A 3 -0.94 -6.87 -8.76
C ILE A 3 -2.18 -7.32 -9.56
N ASP A 4 -2.10 -7.33 -10.92
CA ASP A 4 -3.22 -7.78 -11.76
C ASP A 4 -3.51 -9.27 -11.54
N GLU A 5 -2.56 -10.03 -10.93
CA GLU A 5 -2.75 -11.47 -10.69
C GLU A 5 -3.37 -11.68 -9.31
N LEU A 6 -3.62 -10.59 -8.54
CA LEU A 6 -4.21 -10.73 -7.21
C LEU A 6 -5.69 -10.91 -7.37
N VAL A 7 -6.25 -11.90 -6.64
CA VAL A 7 -7.68 -12.15 -6.69
C VAL A 7 -8.33 -11.20 -5.68
N PRO A 8 -9.52 -10.70 -5.97
CA PRO A 8 -10.20 -9.78 -5.08
C PRO A 8 -10.76 -10.42 -3.83
N ALA A 9 -10.87 -9.62 -2.75
CA ALA A 9 -11.41 -10.11 -1.49
C ALA A 9 -12.92 -10.28 -1.65
N ASP A 10 -13.56 -11.06 -0.73
CA ASP A 10 -15.00 -11.32 -0.81
C ASP A 10 -15.79 -10.00 -0.63
N PRO A 11 -16.87 -9.83 -1.42
CA PRO A 11 -17.68 -8.60 -1.38
C PRO A 11 -18.35 -8.31 -0.07
N ARG A 12 -18.66 -9.36 0.74
CA ARG A 12 -19.29 -9.16 2.05
C ARG A 12 -18.32 -8.45 2.99
N ALA A 13 -17.02 -8.86 2.93
CA ALA A 13 -15.98 -8.28 3.75
C ALA A 13 -15.60 -6.90 3.23
N VAL A 14 -15.46 -6.76 1.89
CA VAL A 14 -15.04 -5.48 1.30
C VAL A 14 -16.12 -4.42 1.43
N SER A 15 -17.41 -4.80 1.16
CA SER A 15 -18.51 -3.80 1.18
C SER A 15 -18.73 -3.29 2.59
N LEU A 16 -18.24 -4.03 3.60
CA LEU A 16 -18.38 -3.63 4.99
C LEU A 16 -17.38 -2.52 5.29
N TYR A 17 -16.22 -2.44 4.57
CA TYR A 17 -15.26 -1.37 4.85
C TYR A 17 -15.60 -0.13 4.03
N THR A 18 -16.35 -0.31 2.90
CA THR A 18 -16.73 0.80 1.99
C THR A 18 -17.38 2.03 2.67
N PRO A 19 -18.40 1.89 3.56
CA PRO A 19 -19.03 3.07 4.20
C PRO A 19 -18.13 3.89 5.10
N TYR A 20 -16.91 3.40 5.39
CA TYR A 20 -15.96 4.14 6.22
C TYR A 20 -15.14 5.11 5.36
N TYR A 21 -15.38 5.11 4.02
CA TYR A 21 -14.64 5.99 3.13
C TYR A 21 -15.62 6.87 2.37
N SER A 22 -16.07 6.41 1.17
CA SER A 22 -17.01 7.16 0.37
C SER A 22 -17.32 6.27 -0.81
N GLN A 23 -18.15 6.77 -1.77
CA GLN A 23 -18.51 6.00 -2.95
C GLN A 23 -17.92 6.72 -4.14
N ALA A 24 -16.96 6.07 -4.83
CA ALA A 24 -16.30 6.68 -5.97
C ALA A 24 -15.47 5.58 -6.63
N ASN A 25 -14.36 5.97 -7.33
CA ASN A 25 -13.50 4.99 -8.01
C ASN A 25 -12.67 4.22 -6.99
N ARG A 26 -12.66 4.65 -5.70
CA ARG A 26 -11.90 3.97 -4.66
C ARG A 26 -12.47 2.58 -4.39
N ARG A 27 -13.82 2.41 -4.47
CA ARG A 27 -14.45 1.11 -4.18
C ARG A 27 -14.07 0.09 -5.26
N ARG A 28 -13.65 0.56 -6.45
CA ARG A 28 -13.22 -0.31 -7.54
C ARG A 28 -11.92 -1.03 -7.16
N TYR A 29 -10.98 -0.32 -6.48
CA TYR A 29 -9.69 -0.90 -6.13
C TYR A 29 -9.72 -1.45 -4.71
N LEU A 30 -10.81 -1.21 -3.94
CA LEU A 30 -10.90 -1.70 -2.55
C LEU A 30 -10.76 -3.22 -2.47
N PRO A 31 -11.52 -4.02 -3.25
CA PRO A 31 -11.39 -5.49 -3.21
C PRO A 31 -10.00 -6.01 -3.52
N TYR A 32 -9.25 -5.30 -4.41
CA TYR A 32 -7.93 -5.75 -4.79
C TYR A 32 -6.91 -5.29 -3.76
N ALA A 33 -7.07 -4.05 -3.21
CA ALA A 33 -6.11 -3.53 -2.23
C ALA A 33 -6.36 -4.20 -0.88
N LEU A 34 -7.62 -4.61 -0.57
CA LEU A 34 -7.91 -5.29 0.69
C LEU A 34 -7.21 -6.67 0.64
N SER A 35 -7.20 -7.31 -0.57
CA SER A 35 -6.52 -8.60 -0.76
C SER A 35 -5.02 -8.42 -0.53
N LEU A 36 -4.41 -7.32 -1.09
CA LEU A 36 -2.97 -7.04 -0.91
C LEU A 36 -2.70 -6.76 0.58
N TYR A 37 -3.62 -5.99 1.23
CA TYR A 37 -3.54 -5.67 2.66
C TYR A 37 -3.49 -6.94 3.50
N GLN A 38 -4.38 -7.93 3.21
CA GLN A 38 -4.42 -9.20 3.96
C GLN A 38 -3.13 -10.00 3.79
N GLY A 39 -2.38 -9.77 2.68
CA GLY A 39 -1.10 -10.44 2.40
C GLY A 39 -0.09 -10.19 3.50
N SER A 40 -0.05 -8.93 4.03
CA SER A 40 0.85 -8.56 5.16
C SER A 40 2.33 -8.54 4.78
N SER A 41 2.69 -8.87 3.52
CA SER A 41 4.09 -8.88 3.11
C SER A 41 4.10 -8.75 1.61
N ILE A 42 4.85 -7.77 1.07
CA ILE A 42 4.90 -7.60 -0.37
C ILE A 42 6.24 -6.99 -0.75
N GLU A 43 6.68 -7.22 -2.01
CA GLU A 43 7.92 -6.64 -2.52
C GLU A 43 7.46 -5.46 -3.34
N GLY A 44 8.12 -4.29 -3.18
CA GLY A 44 7.69 -3.08 -3.87
C GLY A 44 8.83 -2.52 -4.64
N SER A 45 8.55 -1.73 -5.70
CA SER A 45 9.63 -1.11 -6.46
C SER A 45 9.33 0.36 -6.48
N ARG A 46 10.30 1.22 -6.11
CA ARG A 46 10.08 2.65 -6.15
C ARG A 46 10.75 3.17 -7.39
N ALA A 47 9.98 3.78 -8.32
CA ALA A 47 10.55 4.33 -9.53
C ALA A 47 10.95 5.77 -9.28
N VAL A 48 12.19 6.12 -9.67
CA VAL A 48 12.71 7.46 -9.46
C VAL A 48 12.85 8.10 -10.83
N GLU A 49 12.27 9.30 -11.03
CA GLU A 49 12.34 9.98 -12.32
C GLU A 49 13.76 10.49 -12.52
N GLY A 50 14.43 10.04 -13.62
CA GLY A 50 15.79 10.45 -13.91
C GLY A 50 16.77 9.48 -13.27
N GLY A 51 16.24 8.39 -12.64
CA GLY A 51 17.09 7.40 -11.99
C GLY A 51 16.61 6.03 -12.40
N ALA A 52 16.97 5.02 -11.58
CA ALA A 52 16.58 3.64 -11.83
C ALA A 52 15.72 3.22 -10.65
N PRO A 53 14.84 2.24 -10.84
CA PRO A 53 13.98 1.77 -9.75
C PRO A 53 14.71 1.00 -8.68
N ILE A 54 14.22 1.10 -7.41
CA ILE A 54 14.87 0.42 -6.29
C ILE A 54 13.91 -0.61 -5.70
N SER A 55 14.43 -1.83 -5.44
CA SER A 55 13.67 -2.92 -4.84
C SER A 55 13.70 -2.81 -3.33
N PHE A 56 12.49 -2.77 -2.70
CA PHE A 56 12.41 -2.71 -1.24
C PHE A 56 11.54 -3.86 -0.74
N VAL A 57 11.58 -4.12 0.59
CA VAL A 57 10.79 -5.20 1.18
C VAL A 57 9.81 -4.53 2.11
N ALA A 58 8.47 -4.82 2.07
CA ALA A 58 7.55 -4.14 2.99
C ALA A 58 6.69 -5.18 3.70
N THR A 59 6.54 -5.01 5.04
CA THR A 59 5.71 -5.94 5.84
C THR A 59 4.85 -5.08 6.74
N TRP A 60 3.69 -5.63 7.23
CA TRP A 60 2.84 -4.83 8.11
C TRP A 60 1.92 -5.75 8.89
N THR A 61 1.28 -5.18 9.95
CA THR A 61 0.35 -5.94 10.79
C THR A 61 -1.07 -5.56 10.37
N VAL A 62 -1.98 -6.56 10.31
CA VAL A 62 -3.36 -6.32 9.87
C VAL A 62 -4.32 -6.48 11.03
N THR A 63 -5.26 -5.50 11.17
CA THR A 63 -6.26 -5.52 12.22
C THR A 63 -7.62 -5.39 11.53
N PRO A 64 -8.67 -6.00 12.10
CA PRO A 64 -10.03 -5.96 11.50
C PRO A 64 -10.80 -4.67 11.68
N LEU A 65 -10.43 -3.83 12.67
CA LEU A 65 -11.15 -2.59 12.91
C LEU A 65 -10.51 -1.51 12.05
N PRO A 66 -11.30 -0.81 11.23
CA PRO A 66 -10.76 0.23 10.33
C PRO A 66 -10.28 1.49 11.03
N ALA A 67 -10.65 1.66 12.32
CA ALA A 67 -10.22 2.82 13.10
C ALA A 67 -8.89 2.52 13.79
N ASP A 68 -8.36 1.27 13.65
CA ASP A 68 -7.10 0.91 14.29
C ASP A 68 -5.94 1.37 13.42
N MET A 69 -4.73 1.47 14.03
CA MET A 69 -3.54 1.90 13.32
C MET A 69 -2.70 0.68 13.04
N THR A 70 -2.16 0.60 11.80
CA THR A 70 -1.32 -0.52 11.39
C THR A 70 0.13 -0.07 11.45
N ARG A 71 1.08 -0.97 11.78
CA ARG A 71 2.49 -0.57 11.78
C ARG A 71 3.10 -1.26 10.58
N CYS A 72 3.68 -0.47 9.66
CA CYS A 72 4.27 -1.01 8.45
C CYS A 72 5.77 -0.77 8.53
N HIS A 73 6.54 -1.82 8.18
CA HIS A 73 7.98 -1.80 8.20
C HIS A 73 8.43 -1.88 6.76
N LEU A 74 9.35 -0.97 6.38
CA LEU A 74 9.89 -0.91 5.03
C LEU A 74 11.39 -0.93 5.14
N GLN A 75 12.02 -1.82 4.33
CA GLN A 75 13.48 -1.94 4.30
C GLN A 75 13.89 -1.83 2.84
N PHE A 76 14.79 -0.87 2.51
CA PHE A 76 15.22 -0.67 1.12
C PHE A 76 16.58 -1.32 0.89
N ASN A 77 16.68 -2.09 -0.24
CA ASN A 77 17.92 -2.76 -0.67
C ASN A 77 18.48 -3.73 0.38
N ASN A 78 17.59 -4.25 1.30
CA ASN A 78 17.98 -5.19 2.36
C ASN A 78 19.07 -4.58 3.27
N ASP A 79 19.08 -3.23 3.43
CA ASP A 79 20.07 -2.57 4.25
C ASP A 79 19.42 -2.19 5.58
N ALA A 80 20.07 -2.58 6.70
CA ALA A 80 19.56 -2.30 8.05
C ALA A 80 19.51 -0.79 8.31
N GLU A 81 20.44 0.00 7.71
CA GLU A 81 20.47 1.45 7.91
C GLU A 81 19.37 2.14 7.10
N LEU A 82 18.71 1.41 6.16
CA LEU A 82 17.65 2.00 5.35
C LEU A 82 16.35 1.31 5.73
N THR A 83 16.03 1.37 7.04
CA THR A 83 14.81 0.77 7.57
C THR A 83 13.90 1.88 8.02
N TYR A 84 12.59 1.75 7.71
CA TYR A 84 11.62 2.77 8.09
C TYR A 84 10.45 2.09 8.77
N GLU A 85 9.86 2.79 9.75
CA GLU A 85 8.70 2.33 10.49
C GLU A 85 7.68 3.44 10.34
N ILE A 86 6.51 3.07 9.79
CA ILE A 86 5.42 3.99 9.56
C ILE A 86 4.17 3.35 10.12
N LEU A 87 3.54 4.12 11.02
CA LEU A 87 2.35 3.73 11.74
C LEU A 87 1.39 4.85 11.49
N LEU A 88 0.13 4.50 11.10
CA LEU A 88 -0.87 5.48 10.76
C LEU A 88 -2.16 4.66 10.66
N PRO A 89 -3.33 5.31 10.61
CA PRO A 89 -4.62 4.60 10.54
C PRO A 89 -4.82 3.70 9.34
N ASN A 90 -5.64 2.63 9.51
CA ASN A 90 -5.98 1.71 8.42
C ASN A 90 -6.63 2.46 7.27
N HIS A 91 -7.50 3.48 7.57
CA HIS A 91 -8.12 4.29 6.51
C HIS A 91 -7.05 4.95 5.65
N GLU A 92 -5.99 5.51 6.29
CA GLU A 92 -4.93 6.18 5.54
C GLU A 92 -4.06 5.15 4.85
N PHE A 93 -3.79 3.97 5.50
CA PHE A 93 -2.93 2.95 4.89
C PHE A 93 -3.59 2.41 3.61
N LEU A 94 -4.92 2.15 3.63
CA LEU A 94 -5.60 1.65 2.44
C LEU A 94 -5.73 2.76 1.40
N GLU A 95 -5.75 4.07 1.80
CA GLU A 95 -5.80 5.15 0.81
C GLU A 95 -4.51 5.10 -0.03
N TYR A 96 -3.36 4.86 0.66
CA TYR A 96 -2.06 4.69 0.01
C TYR A 96 -2.08 3.45 -0.88
N LEU A 97 -2.57 2.29 -0.37
CA LEU A 97 -2.62 1.06 -1.20
C LEU A 97 -3.55 1.26 -2.40
N ILE A 98 -4.69 1.98 -2.25
CA ILE A 98 -5.58 2.24 -3.40
C ILE A 98 -4.87 3.15 -4.40
N ASP A 99 -4.14 4.21 -3.92
CA ASP A 99 -3.40 5.11 -4.83
C ASP A 99 -2.31 4.32 -5.56
N MET A 100 -1.69 3.33 -4.86
CA MET A 100 -0.68 2.44 -5.47
C MET A 100 -1.31 1.67 -6.63
N LEU A 101 -2.57 1.18 -6.44
CA LEU A 101 -3.26 0.43 -7.49
C LEU A 101 -3.61 1.36 -8.64
N MET A 102 -3.91 2.66 -8.37
CA MET A 102 -4.17 3.62 -9.44
C MET A 102 -2.90 3.82 -10.27
N GLY A 103 -1.70 3.93 -9.59
CA GLY A 103 -0.42 4.06 -10.29
C GLY A 103 -0.14 2.82 -11.11
N TYR A 104 -0.46 1.63 -10.53
CA TYR A 104 -0.31 0.34 -11.20
C TYR A 104 -1.18 0.31 -12.43
N GLN A 105 -2.47 0.68 -12.28
CA GLN A 105 -3.41 0.70 -13.40
C GLN A 105 -2.97 1.64 -14.52
N ARG A 106 -2.49 2.88 -14.18
CA ARG A 106 -2.14 3.83 -15.22
C ARG A 106 -0.83 3.48 -15.94
N MET A 107 0.22 2.99 -15.20
CA MET A 107 1.52 2.72 -15.83
C MET A 107 1.69 1.25 -16.21
N GLN A 108 0.90 0.34 -15.58
CA GLN A 108 0.96 -1.11 -15.84
C GLN A 108 2.29 -1.70 -15.38
N LYS A 109 2.86 -1.12 -14.29
CA LYS A 109 4.10 -1.59 -13.70
C LYS A 109 3.94 -1.39 -12.20
N THR A 110 4.74 -2.14 -11.37
CA THR A 110 4.63 -2.01 -9.91
C THR A 110 5.36 -0.75 -9.51
N ASP A 111 4.63 0.22 -8.90
CA ASP A 111 5.23 1.45 -8.47
C ASP A 111 4.43 1.94 -7.29
N PHE A 112 5.12 2.47 -6.26
CA PHE A 112 4.46 3.00 -5.07
C PHE A 112 4.30 4.51 -5.29
N PRO A 113 3.29 5.11 -4.66
CA PRO A 113 3.06 6.54 -4.82
C PRO A 113 4.06 7.42 -4.08
N GLY A 114 4.33 8.62 -4.66
CA GLY A 114 5.30 9.58 -4.08
C GLY A 114 4.89 10.03 -2.70
N ALA A 115 3.57 10.21 -2.46
CA ALA A 115 3.05 10.66 -1.17
C ALA A 115 3.40 9.65 -0.07
N PHE A 116 3.50 8.33 -0.40
CA PHE A 116 3.84 7.32 0.59
C PHE A 116 5.25 7.57 1.13
N TYR A 117 6.24 7.78 0.21
CA TYR A 117 7.62 8.01 0.62
C TYR A 117 7.76 9.39 1.25
N ARG A 118 6.93 10.38 0.80
CA ARG A 118 6.94 11.74 1.36
C ARG A 118 6.59 11.70 2.85
N ARG A 119 5.57 10.86 3.19
CA ARG A 119 5.11 10.71 4.57
C ARG A 119 6.07 9.79 5.31
N LEU A 120 6.64 8.79 4.60
CA LEU A 120 7.61 7.84 5.17
C LEU A 120 8.84 8.62 5.68
N LEU A 121 9.33 9.63 4.90
CA LEU A 121 10.46 10.46 5.33
C LEU A 121 9.99 11.41 6.43
N GLY A 122 8.70 11.83 6.38
CA GLY A 122 8.16 12.74 7.38
C GLY A 122 8.26 14.17 6.92
N TYR A 123 8.15 14.44 5.60
CA TYR A 123 8.26 15.81 5.07
C TYR A 123 7.10 16.67 5.55
N ASP A 124 5.89 16.08 5.64
CA ASP A 124 4.71 16.81 6.10
C ASP A 124 4.51 16.54 7.59
N SER A 125 5.59 16.17 8.32
CA SER A 125 5.46 15.87 9.76
C SER A 125 5.80 17.15 10.58
N MET A 1 5.01 -12.35 -9.34
CA MET A 1 3.59 -12.01 -8.96
C MET A 1 3.16 -10.67 -9.53
N ARG A 2 1.86 -10.58 -9.94
CA ARG A 2 1.31 -9.36 -10.50
C ARG A 2 0.06 -9.01 -9.73
N ILE A 3 -0.24 -7.69 -9.62
CA ILE A 3 -1.45 -7.22 -8.92
C ILE A 3 -2.68 -7.65 -9.70
N ASP A 4 -2.58 -7.64 -11.06
CA ASP A 4 -3.70 -8.06 -11.92
C ASP A 4 -4.01 -9.55 -11.71
N GLU A 5 -3.06 -10.33 -11.14
CA GLU A 5 -3.27 -11.75 -10.92
C GLU A 5 -3.76 -11.98 -9.49
N LEU A 6 -3.94 -10.90 -8.68
CA LEU A 6 -4.42 -11.06 -7.31
C LEU A 6 -5.91 -11.27 -7.34
N VAL A 7 -6.39 -12.25 -6.55
CA VAL A 7 -7.81 -12.52 -6.49
C VAL A 7 -8.41 -11.55 -5.49
N PRO A 8 -9.61 -11.04 -5.76
CA PRO A 8 -10.25 -10.10 -4.87
C PRO A 8 -10.78 -10.71 -3.59
N ALA A 9 -10.84 -9.90 -2.52
CA ALA A 9 -11.35 -10.37 -1.24
C ALA A 9 -12.87 -10.53 -1.36
N ASP A 10 -13.48 -11.31 -0.44
CA ASP A 10 -14.92 -11.57 -0.50
C ASP A 10 -15.70 -10.25 -0.31
N PRO A 11 -16.79 -10.07 -1.08
CA PRO A 11 -17.58 -8.83 -1.02
C PRO A 11 -18.26 -8.57 0.30
N ARG A 12 -18.54 -9.64 1.08
CA ARG A 12 -19.16 -9.51 2.39
C ARG A 12 -18.19 -8.80 3.34
N ALA A 13 -16.89 -9.14 3.23
CA ALA A 13 -15.85 -8.55 4.05
C ALA A 13 -15.46 -7.18 3.52
N VAL A 14 -15.33 -7.04 2.18
CA VAL A 14 -14.90 -5.77 1.58
C VAL A 14 -15.98 -4.70 1.74
N SER A 15 -17.27 -5.06 1.49
CA SER A 15 -18.37 -4.07 1.54
C SER A 15 -18.57 -3.56 2.96
N LEU A 16 -18.05 -4.29 3.96
CA LEU A 16 -18.18 -3.91 5.35
C LEU A 16 -17.19 -2.78 5.65
N TYR A 17 -16.06 -2.65 4.89
CA TYR A 17 -15.10 -1.58 5.16
C TYR A 17 -15.50 -0.32 4.38
N THR A 18 -16.30 -0.48 3.28
CA THR A 18 -16.71 0.65 2.40
C THR A 18 -17.32 1.88 3.12
N PRO A 19 -18.25 1.73 4.09
CA PRO A 19 -18.84 2.90 4.79
C PRO A 19 -17.87 3.78 5.52
N TYR A 20 -16.65 3.26 5.78
CA TYR A 20 -15.66 4.02 6.51
C TYR A 20 -14.90 4.95 5.56
N TYR A 21 -15.21 4.91 4.23
CA TYR A 21 -14.52 5.75 3.27
C TYR A 21 -15.55 6.58 2.53
N SER A 22 -16.00 6.13 1.34
CA SER A 22 -16.99 6.85 0.57
C SER A 22 -17.32 5.98 -0.62
N GLN A 23 -18.17 6.49 -1.55
CA GLN A 23 -18.54 5.75 -2.75
C GLN A 23 -17.97 6.49 -3.92
N ALA A 24 -17.01 5.86 -4.63
CA ALA A 24 -16.36 6.47 -5.76
C ALA A 24 -15.54 5.39 -6.43
N ASN A 25 -14.46 5.76 -7.16
CA ASN A 25 -13.61 4.76 -7.84
C ASN A 25 -12.75 4.02 -6.83
N ARG A 26 -12.69 4.49 -5.57
CA ARG A 26 -11.89 3.84 -4.53
C ARG A 26 -12.41 2.44 -4.20
N ARG A 27 -13.76 2.23 -4.21
CA ARG A 27 -14.33 0.92 -3.87
C ARG A 27 -13.99 -0.12 -4.94
N ARG A 28 -13.61 0.34 -6.16
CA ARG A 28 -13.20 -0.55 -7.25
C ARG A 28 -11.89 -1.24 -6.90
N TYR A 29 -10.95 -0.52 -6.24
CA TYR A 29 -9.63 -1.08 -5.91
C TYR A 29 -9.65 -1.66 -4.51
N LEU A 30 -10.73 -1.38 -3.72
CA LEU A 30 -10.83 -1.89 -2.34
C LEU A 30 -10.70 -3.42 -2.24
N PRO A 31 -11.45 -4.23 -3.01
CA PRO A 31 -11.33 -5.69 -2.87
C PRO A 31 -10.00 -6.25 -3.31
N TYR A 32 -9.26 -5.51 -4.18
CA TYR A 32 -7.98 -6.00 -4.66
C TYR A 32 -6.88 -5.54 -3.69
N ALA A 33 -7.01 -4.30 -3.14
CA ALA A 33 -6.03 -3.77 -2.22
C ALA A 33 -6.21 -4.42 -0.85
N LEU A 34 -7.47 -4.84 -0.50
CA LEU A 34 -7.72 -5.53 0.78
C LEU A 34 -7.01 -6.88 0.72
N SER A 35 -7.02 -7.53 -0.49
CA SER A 35 -6.33 -8.82 -0.68
C SER A 35 -4.81 -8.62 -0.47
N LEU A 36 -4.24 -7.51 -1.04
CA LEU A 36 -2.80 -7.20 -0.88
C LEU A 36 -2.49 -6.89 0.59
N TYR A 37 -3.42 -6.15 1.26
CA TYR A 37 -3.33 -5.79 2.68
C TYR A 37 -3.21 -7.05 3.54
N GLN A 38 -4.07 -8.07 3.27
CA GLN A 38 -4.08 -9.33 4.05
C GLN A 38 -2.78 -10.11 3.86
N GLY A 39 -2.05 -9.86 2.73
CA GLY A 39 -0.77 -10.52 2.42
C GLY A 39 0.27 -10.24 3.50
N SER A 40 0.31 -8.99 4.02
CA SER A 40 1.22 -8.60 5.13
C SER A 40 2.70 -8.57 4.72
N SER A 41 3.04 -8.90 3.46
CA SER A 41 4.43 -8.90 3.02
C SER A 41 4.42 -8.78 1.52
N ILE A 42 5.16 -7.80 0.96
CA ILE A 42 5.17 -7.62 -0.48
C ILE A 42 6.51 -7.01 -0.88
N GLU A 43 6.92 -7.27 -2.16
CA GLU A 43 8.13 -6.69 -2.70
C GLU A 43 7.65 -5.53 -3.54
N GLY A 44 8.31 -4.36 -3.41
CA GLY A 44 7.84 -3.17 -4.12
C GLY A 44 8.95 -2.61 -4.95
N SER A 45 8.61 -1.79 -5.98
CA SER A 45 9.66 -1.18 -6.79
C SER A 45 9.34 0.29 -6.84
N ARG A 46 10.33 1.17 -6.58
CA ARG A 46 10.09 2.60 -6.65
C ARG A 46 10.79 3.09 -7.89
N ALA A 47 10.02 3.70 -8.84
CA ALA A 47 10.62 4.20 -10.07
C ALA A 47 11.04 5.64 -9.85
N VAL A 48 12.28 5.97 -10.24
CA VAL A 48 12.81 7.31 -10.06
C VAL A 48 12.91 7.93 -11.44
N GLU A 49 12.30 9.12 -11.64
CA GLU A 49 12.32 9.78 -12.94
C GLU A 49 13.72 10.30 -13.20
N GLY A 50 14.34 9.84 -14.31
CA GLY A 50 15.70 10.26 -14.67
C GLY A 50 16.70 9.30 -14.07
N GLY A 51 16.22 8.25 -13.39
CA GLY A 51 17.10 7.28 -12.75
C GLY A 51 16.61 5.89 -13.08
N ALA A 52 17.01 4.90 -12.26
CA ALA A 52 16.61 3.52 -12.45
C ALA A 52 15.76 3.15 -11.25
N PRO A 53 14.87 2.17 -11.39
CA PRO A 53 14.01 1.73 -10.28
C PRO A 53 14.76 1.00 -9.18
N ILE A 54 14.26 1.12 -7.92
CA ILE A 54 14.92 0.45 -6.80
C ILE A 54 13.97 -0.57 -6.19
N SER A 55 14.51 -1.77 -5.88
CA SER A 55 13.76 -2.86 -5.27
C SER A 55 13.79 -2.72 -3.75
N PHE A 56 12.58 -2.71 -3.13
CA PHE A 56 12.49 -2.63 -1.67
C PHE A 56 11.67 -3.78 -1.15
N VAL A 57 11.75 -4.04 0.18
CA VAL A 57 11.02 -5.14 0.81
C VAL A 57 10.06 -4.47 1.78
N ALA A 58 8.73 -4.79 1.79
CA ALA A 58 7.84 -4.13 2.75
C ALA A 58 7.03 -5.17 3.49
N THR A 59 6.92 -5.02 4.84
CA THR A 59 6.14 -5.94 5.67
C THR A 59 5.29 -5.11 6.60
N TRP A 60 4.15 -5.66 7.10
CA TRP A 60 3.30 -4.88 8.00
C TRP A 60 2.41 -5.83 8.79
N THR A 61 1.76 -5.30 9.86
CA THR A 61 0.84 -6.10 10.69
C THR A 61 -0.57 -5.63 10.38
N VAL A 62 -1.54 -6.58 10.27
CA VAL A 62 -2.92 -6.22 9.92
C VAL A 62 -3.84 -6.44 11.11
N THR A 63 -4.96 -5.66 11.13
CA THR A 63 -5.96 -5.76 12.20
C THR A 63 -7.33 -5.56 11.54
N PRO A 64 -8.38 -6.14 12.13
CA PRO A 64 -9.74 -6.05 11.56
C PRO A 64 -10.47 -4.72 11.72
N LEU A 65 -10.02 -3.84 12.65
CA LEU A 65 -10.71 -2.58 12.88
C LEU A 65 -10.01 -1.49 12.05
N PRO A 66 -10.76 -0.73 11.24
CA PRO A 66 -10.18 0.32 10.38
C PRO A 66 -9.62 1.53 11.14
N ALA A 67 -10.01 1.67 12.43
CA ALA A 67 -9.54 2.77 13.25
C ALA A 67 -8.23 2.40 13.94
N ASP A 68 -7.76 1.12 13.79
CA ASP A 68 -6.51 0.70 14.42
C ASP A 68 -5.34 1.18 13.56
N MET A 69 -4.16 1.34 14.20
CA MET A 69 -2.96 1.78 13.50
C MET A 69 -2.10 0.58 13.19
N THR A 70 -1.54 0.55 11.95
CA THR A 70 -0.70 -0.56 11.49
C THR A 70 0.74 -0.08 11.52
N ARG A 71 1.72 -0.99 11.81
CA ARG A 71 3.12 -0.59 11.79
C ARG A 71 3.69 -1.26 10.56
N CYS A 72 4.19 -0.46 9.60
CA CYS A 72 4.73 -1.00 8.36
C CYS A 72 6.22 -0.74 8.36
N HIS A 73 6.98 -1.78 8.00
CA HIS A 73 8.43 -1.74 7.96
C HIS A 73 8.84 -1.85 6.51
N LEU A 74 9.74 -0.95 6.09
CA LEU A 74 10.24 -0.92 4.71
C LEU A 74 11.75 -0.93 4.75
N GLN A 75 12.35 -1.78 3.88
CA GLN A 75 13.79 -1.89 3.74
C GLN A 75 14.12 -1.74 2.27
N PHE A 76 14.97 -0.74 1.91
CA PHE A 76 15.33 -0.54 0.51
C PHE A 76 16.66 -1.22 0.24
N ASN A 77 16.70 -2.03 -0.88
CA ASN A 77 17.90 -2.75 -1.31
C ASN A 77 18.36 -3.78 -0.25
N ASN A 78 17.41 -4.21 0.64
CA ASN A 78 17.70 -5.20 1.70
C ASN A 78 18.86 -4.72 2.60
N ASP A 79 18.90 -3.40 2.91
CA ASP A 79 19.96 -2.85 3.73
C ASP A 79 19.37 -2.48 5.08
N ALA A 80 19.99 -3.01 6.18
CA ALA A 80 19.53 -2.76 7.54
C ALA A 80 19.67 -1.28 7.91
N GLU A 81 20.63 -0.54 7.26
CA GLU A 81 20.83 0.88 7.55
C GLU A 81 19.81 1.73 6.82
N LEU A 82 18.99 1.10 5.92
CA LEU A 82 17.97 1.82 5.17
C LEU A 82 16.63 1.28 5.61
N THR A 83 16.45 1.12 6.95
CA THR A 83 15.21 0.60 7.51
C THR A 83 14.32 1.76 7.81
N TYR A 84 13.05 1.69 7.36
CA TYR A 84 12.08 2.75 7.59
C TYR A 84 10.89 2.14 8.31
N GLU A 85 10.32 2.90 9.26
CA GLU A 85 9.16 2.45 10.01
C GLU A 85 8.14 3.55 9.91
N ILE A 86 6.93 3.15 9.48
CA ILE A 86 5.81 4.06 9.30
C ILE A 86 4.61 3.40 9.95
N LEU A 87 4.00 4.19 10.84
CA LEU A 87 2.85 3.81 11.62
C LEU A 87 1.83 4.89 11.37
N LEU A 88 0.58 4.47 11.08
CA LEU A 88 -0.49 5.39 10.73
C LEU A 88 -1.73 4.50 10.70
N PRO A 89 -2.94 5.08 10.69
CA PRO A 89 -4.20 4.29 10.67
C PRO A 89 -4.40 3.38 9.47
N ASN A 90 -5.15 2.26 9.70
CA ASN A 90 -5.50 1.31 8.62
C ASN A 90 -6.23 2.02 7.50
N HIS A 91 -7.15 2.96 7.87
CA HIS A 91 -7.89 3.77 6.90
C HIS A 91 -6.92 4.52 5.99
N GLU A 92 -5.90 5.18 6.57
CA GLU A 92 -4.93 5.93 5.77
C GLU A 92 -4.01 4.98 5.02
N PHE A 93 -3.63 3.81 5.64
CA PHE A 93 -2.73 2.85 4.97
C PHE A 93 -3.38 2.33 3.70
N LEU A 94 -4.70 2.03 3.73
CA LEU A 94 -5.38 1.53 2.53
C LEU A 94 -5.52 2.64 1.49
N GLU A 95 -5.56 3.96 1.87
CA GLU A 95 -5.61 5.03 0.86
C GLU A 95 -4.32 5.00 0.03
N TYR A 96 -3.18 4.76 0.72
CA TYR A 96 -1.88 4.61 0.08
C TYR A 96 -1.88 3.37 -0.80
N LEU A 97 -2.35 2.20 -0.28
CA LEU A 97 -2.40 0.98 -1.11
C LEU A 97 -3.32 1.16 -2.32
N ILE A 98 -4.47 1.86 -2.16
CA ILE A 98 -5.39 2.12 -3.29
C ILE A 98 -4.70 3.05 -4.29
N ASP A 99 -3.98 4.12 -3.82
CA ASP A 99 -3.28 5.03 -4.75
C ASP A 99 -2.17 4.27 -5.49
N MET A 100 -1.51 3.30 -4.78
CA MET A 100 -0.49 2.45 -5.38
C MET A 100 -1.12 1.61 -6.49
N LEU A 101 -2.36 1.11 -6.27
CA LEU A 101 -3.05 0.30 -7.29
C LEU A 101 -3.44 1.19 -8.46
N MET A 102 -3.76 2.49 -8.20
CA MET A 102 -4.07 3.43 -9.28
C MET A 102 -2.82 3.64 -10.12
N GLY A 103 -1.61 3.76 -9.47
CA GLY A 103 -0.34 3.91 -10.19
C GLY A 103 -0.06 2.66 -11.01
N TYR A 104 -0.36 1.48 -10.41
CA TYR A 104 -0.20 0.18 -11.08
C TYR A 104 -1.08 0.13 -12.30
N GLN A 105 -2.38 0.50 -12.14
CA GLN A 105 -3.34 0.49 -13.23
C GLN A 105 -2.93 1.43 -14.38
N ARG A 106 -2.46 2.66 -14.05
CA ARG A 106 -2.14 3.63 -15.10
C ARG A 106 -0.89 3.27 -15.89
N MET A 107 0.18 2.74 -15.22
CA MET A 107 1.43 2.46 -15.92
C MET A 107 1.57 0.99 -16.30
N GLN A 108 0.76 0.09 -15.67
CA GLN A 108 0.80 -1.36 -15.94
C GLN A 108 2.16 -1.93 -15.53
N LYS A 109 2.68 -1.44 -14.38
CA LYS A 109 3.97 -1.88 -13.87
C LYS A 109 3.94 -1.56 -12.39
N THR A 110 4.72 -2.30 -11.54
CA THR A 110 4.71 -2.05 -10.09
C THR A 110 5.46 -0.77 -9.81
N ASP A 111 4.75 0.24 -9.24
CA ASP A 111 5.37 1.50 -8.93
C ASP A 111 4.61 2.10 -7.75
N PHE A 112 5.31 2.33 -6.61
CA PHE A 112 4.68 2.92 -5.45
C PHE A 112 4.65 4.44 -5.65
N PRO A 113 3.66 5.12 -5.06
CA PRO A 113 3.53 6.56 -5.22
C PRO A 113 4.53 7.38 -4.43
N GLY A 114 4.93 8.56 -4.97
CA GLY A 114 5.89 9.45 -4.32
C GLY A 114 5.38 9.95 -2.99
N ALA A 115 4.03 10.06 -2.82
CA ALA A 115 3.46 10.54 -1.56
C ALA A 115 3.72 9.53 -0.44
N PHE A 116 3.94 8.22 -0.79
CA PHE A 116 4.21 7.21 0.23
C PHE A 116 5.60 7.47 0.80
N TYR A 117 6.61 7.71 -0.08
CA TYR A 117 7.98 7.95 0.36
C TYR A 117 8.07 9.31 1.05
N ARG A 118 7.22 10.28 0.62
CA ARG A 118 7.20 11.62 1.21
C ARG A 118 6.89 11.54 2.71
N ARG A 119 5.90 10.68 3.08
CA ARG A 119 5.48 10.51 4.46
C ARG A 119 6.46 9.55 5.15
N LEU A 120 6.94 8.52 4.41
CA LEU A 120 7.90 7.55 4.94
C LEU A 120 9.20 8.24 5.36
N LEU A 121 9.71 9.19 4.53
CA LEU A 121 10.94 9.92 4.86
C LEU A 121 10.65 10.90 5.99
N GLY A 122 9.40 11.45 6.03
CA GLY A 122 9.02 12.40 7.08
C GLY A 122 9.16 13.81 6.59
N TYR A 123 8.82 14.09 5.30
CA TYR A 123 8.94 15.45 4.77
C TYR A 123 7.91 16.37 5.40
N ASP A 124 6.78 15.81 5.86
CA ASP A 124 5.73 16.59 6.49
C ASP A 124 5.96 16.61 7.99
N SER A 125 7.17 16.15 8.45
CA SER A 125 7.51 16.12 9.89
C SER A 125 6.55 15.15 10.66
N MET A 1 2.99 -12.41 -8.18
CA MET A 1 3.59 -12.16 -9.53
C MET A 1 3.10 -10.85 -10.14
N ARG A 2 1.76 -10.73 -10.35
CA ARG A 2 1.18 -9.53 -10.93
C ARG A 2 0.00 -9.13 -10.07
N ILE A 3 -0.15 -7.80 -9.83
CA ILE A 3 -1.23 -7.26 -8.99
C ILE A 3 -2.58 -7.48 -9.68
N ASP A 4 -2.66 -7.32 -11.02
CA ASP A 4 -3.93 -7.51 -11.74
C ASP A 4 -4.32 -9.00 -11.78
N GLU A 5 -3.40 -9.92 -11.37
CA GLU A 5 -3.73 -11.35 -11.36
C GLU A 5 -4.13 -11.76 -9.94
N LEU A 6 -4.18 -10.78 -8.98
CA LEU A 6 -4.57 -11.10 -7.61
C LEU A 6 -6.07 -11.26 -7.57
N VAL A 7 -6.56 -12.27 -6.81
CA VAL A 7 -7.99 -12.48 -6.69
C VAL A 7 -8.50 -11.51 -5.63
N PRO A 8 -9.72 -11.02 -5.80
CA PRO A 8 -10.29 -10.08 -4.84
C PRO A 8 -10.77 -10.74 -3.57
N ALA A 9 -10.78 -9.97 -2.47
CA ALA A 9 -11.25 -10.46 -1.18
C ALA A 9 -12.77 -10.62 -1.23
N ASP A 10 -13.33 -11.40 -0.28
CA ASP A 10 -14.77 -11.64 -0.25
C ASP A 10 -15.53 -10.32 -0.07
N PRO A 11 -16.64 -10.14 -0.80
CA PRO A 11 -17.43 -8.90 -0.74
C PRO A 11 -18.04 -8.58 0.59
N ARG A 12 -18.34 -9.63 1.41
CA ARG A 12 -18.92 -9.43 2.74
C ARG A 12 -17.91 -8.74 3.64
N ALA A 13 -16.62 -9.16 3.53
CA ALA A 13 -15.54 -8.59 4.32
C ALA A 13 -15.16 -7.21 3.81
N VAL A 14 -15.04 -7.04 2.47
CA VAL A 14 -14.63 -5.75 1.90
C VAL A 14 -15.73 -4.71 2.05
N SER A 15 -17.00 -5.09 1.78
CA SER A 15 -18.11 -4.09 1.80
C SER A 15 -18.34 -3.59 3.21
N LEU A 16 -17.84 -4.32 4.23
CA LEU A 16 -18.01 -3.92 5.62
C LEU A 16 -17.03 -2.77 5.91
N TYR A 17 -15.91 -2.63 5.15
CA TYR A 17 -14.99 -1.51 5.40
C TYR A 17 -15.45 -0.29 4.60
N THR A 18 -16.24 -0.51 3.51
CA THR A 18 -16.72 0.58 2.60
C THR A 18 -17.38 1.77 3.32
N PRO A 19 -18.35 1.60 4.26
CA PRO A 19 -18.99 2.76 4.92
C PRO A 19 -18.08 3.63 5.77
N TYR A 20 -16.81 3.22 5.98
CA TYR A 20 -15.87 4.01 6.76
C TYR A 20 -15.14 5.01 5.86
N TYR A 21 -15.42 4.98 4.54
CA TYR A 21 -14.75 5.89 3.60
C TYR A 21 -15.81 6.76 2.93
N SER A 22 -16.44 6.23 1.85
CA SER A 22 -17.46 6.97 1.11
C SER A 22 -17.98 6.01 0.05
N GLN A 23 -18.65 6.55 -0.99
CA GLN A 23 -19.16 5.72 -2.08
C GLN A 23 -18.57 6.29 -3.36
N ALA A 24 -17.71 5.50 -4.05
CA ALA A 24 -17.09 5.99 -5.28
C ALA A 24 -16.49 4.79 -6.00
N ASN A 25 -16.04 5.01 -7.27
CA ASN A 25 -15.43 3.95 -8.07
C ASN A 25 -14.04 3.61 -7.55
N ARG A 26 -13.48 4.46 -6.65
CA ARG A 26 -12.16 4.21 -6.07
C ARG A 26 -12.21 2.99 -5.16
N ARG A 27 -13.42 2.68 -4.62
CA ARG A 27 -13.61 1.53 -3.74
C ARG A 27 -13.49 0.24 -4.53
N ARG A 28 -13.55 0.29 -5.88
CA ARG A 28 -13.42 -0.89 -6.72
C ARG A 28 -11.99 -1.46 -6.63
N TYR A 29 -11.00 -0.67 -6.13
CA TYR A 29 -9.63 -1.17 -5.98
C TYR A 29 -9.46 -1.68 -4.55
N LEU A 30 -10.51 -1.53 -3.67
CA LEU A 30 -10.41 -1.97 -2.28
C LEU A 30 -10.35 -3.51 -2.20
N PRO A 31 -11.27 -4.27 -2.86
CA PRO A 31 -11.22 -5.74 -2.82
C PRO A 31 -9.91 -6.34 -3.27
N TYR A 32 -9.24 -5.69 -4.25
CA TYR A 32 -7.98 -6.19 -4.77
C TYR A 32 -6.84 -5.83 -3.84
N ALA A 33 -6.91 -4.60 -3.22
CA ALA A 33 -5.84 -4.15 -2.32
C ALA A 33 -5.99 -4.81 -0.96
N LEU A 34 -7.23 -5.23 -0.58
CA LEU A 34 -7.46 -5.90 0.71
C LEU A 34 -6.72 -7.24 0.70
N SER A 35 -6.69 -7.95 -0.46
CA SER A 35 -5.95 -9.22 -0.57
C SER A 35 -4.45 -8.97 -0.39
N LEU A 36 -3.92 -7.86 -0.97
CA LEU A 36 -2.49 -7.52 -0.85
C LEU A 36 -2.20 -7.14 0.61
N TYR A 37 -3.14 -6.38 1.22
CA TYR A 37 -3.07 -5.95 2.62
C TYR A 37 -2.97 -7.15 3.55
N GLN A 38 -3.81 -8.20 3.33
CA GLN A 38 -3.82 -9.41 4.16
C GLN A 38 -2.51 -10.20 4.03
N GLY A 39 -1.76 -10.00 2.90
CA GLY A 39 -0.47 -10.67 2.67
C GLY A 39 0.52 -10.32 3.75
N SER A 40 0.54 -9.03 4.19
CA SER A 40 1.41 -8.54 5.28
C SER A 40 2.89 -8.53 4.89
N SER A 41 3.22 -8.83 3.61
CA SER A 41 4.61 -8.84 3.18
C SER A 41 4.59 -8.71 1.68
N ILE A 42 5.33 -7.72 1.13
CA ILE A 42 5.34 -7.54 -0.32
C ILE A 42 6.68 -6.93 -0.72
N GLU A 43 7.10 -7.15 -1.99
CA GLU A 43 8.32 -6.57 -2.51
C GLU A 43 7.81 -5.41 -3.35
N GLY A 44 8.43 -4.21 -3.19
CA GLY A 44 7.94 -3.03 -3.88
C GLY A 44 9.10 -2.31 -4.49
N SER A 45 8.85 -1.43 -5.49
CA SER A 45 9.93 -0.70 -6.10
C SER A 45 9.56 0.77 -6.10
N ARG A 46 10.56 1.62 -5.80
CA ARG A 46 10.36 3.06 -5.82
C ARG A 46 10.90 3.54 -7.15
N ALA A 47 10.02 4.23 -7.93
CA ALA A 47 10.42 4.73 -9.24
C ALA A 47 10.92 6.15 -9.06
N VAL A 48 12.12 6.42 -9.62
CA VAL A 48 12.73 7.74 -9.50
C VAL A 48 12.81 8.31 -10.91
N GLU A 49 12.23 9.53 -11.11
CA GLU A 49 12.24 10.15 -12.43
C GLU A 49 13.65 10.66 -12.71
N GLY A 50 14.28 10.13 -13.80
CA GLY A 50 15.64 10.53 -14.17
C GLY A 50 16.63 9.61 -13.50
N GLY A 51 16.14 8.54 -12.83
CA GLY A 51 17.01 7.58 -12.17
C GLY A 51 16.56 6.20 -12.51
N ALA A 52 16.95 5.22 -11.67
CA ALA A 52 16.59 3.83 -11.89
C ALA A 52 15.80 3.40 -10.65
N PRO A 53 14.91 2.42 -10.80
CA PRO A 53 14.11 1.96 -9.66
C PRO A 53 14.89 1.17 -8.64
N ILE A 54 14.49 1.26 -7.35
CA ILE A 54 15.19 0.55 -6.28
C ILE A 54 14.24 -0.46 -5.64
N SER A 55 14.74 -1.69 -5.43
CA SER A 55 13.98 -2.78 -4.83
C SER A 55 14.06 -2.68 -3.32
N PHE A 56 12.87 -2.62 -2.64
CA PHE A 56 12.83 -2.60 -1.19
C PHE A 56 11.97 -3.76 -0.70
N VAL A 57 12.02 -4.04 0.62
CA VAL A 57 11.24 -5.13 1.21
C VAL A 57 10.26 -4.45 2.13
N ALA A 58 8.91 -4.73 2.07
CA ALA A 58 7.99 -4.04 2.98
C ALA A 58 7.14 -5.06 3.69
N THR A 59 6.96 -4.87 5.03
CA THR A 59 6.13 -5.77 5.85
C THR A 59 5.25 -4.88 6.71
N TRP A 60 4.12 -5.41 7.21
CA TRP A 60 3.25 -4.58 8.05
C TRP A 60 2.35 -5.47 8.87
N THR A 61 1.70 -4.87 9.91
CA THR A 61 0.77 -5.59 10.78
C THR A 61 -0.64 -5.21 10.36
N VAL A 62 -1.58 -6.20 10.38
CA VAL A 62 -2.96 -5.95 9.96
C VAL A 62 -3.86 -6.01 11.16
N THR A 63 -4.75 -5.00 11.29
CA THR A 63 -5.71 -4.95 12.40
C THR A 63 -7.10 -4.90 11.78
N PRO A 64 -8.11 -5.42 12.48
CA PRO A 64 -9.49 -5.46 11.96
C PRO A 64 -10.27 -4.17 12.07
N LEU A 65 -9.82 -3.19 12.89
CA LEU A 65 -10.55 -1.95 13.06
C LEU A 65 -9.92 -0.89 12.16
N PRO A 66 -10.76 -0.08 11.48
CA PRO A 66 -10.26 0.98 10.58
C PRO A 66 -9.66 2.19 11.25
N ALA A 67 -9.96 2.37 12.57
CA ALA A 67 -9.43 3.50 13.33
C ALA A 67 -8.11 3.15 13.99
N ASP A 68 -7.65 1.87 13.85
CA ASP A 68 -6.37 1.47 14.46
C ASP A 68 -5.23 1.89 13.55
N MET A 69 -4.02 2.02 14.13
CA MET A 69 -2.84 2.37 13.35
C MET A 69 -2.06 1.11 13.06
N THR A 70 -1.56 0.99 11.80
CA THR A 70 -0.79 -0.17 11.38
C THR A 70 0.67 0.23 11.45
N ARG A 71 1.59 -0.73 11.79
CA ARG A 71 3.01 -0.41 11.81
C ARG A 71 3.57 -1.04 10.57
N CYS A 72 4.13 -0.23 9.66
CA CYS A 72 4.70 -0.75 8.43
C CYS A 72 6.19 -0.54 8.49
N HIS A 73 6.93 -1.61 8.13
CA HIS A 73 8.38 -1.61 8.14
C HIS A 73 8.82 -1.70 6.70
N LEU A 74 9.77 -0.80 6.33
CA LEU A 74 10.31 -0.77 4.98
C LEU A 74 11.82 -0.81 5.11
N GLN A 75 12.44 -1.75 4.36
CA GLN A 75 13.89 -1.91 4.34
C GLN A 75 14.32 -1.79 2.89
N PHE A 76 15.18 -0.78 2.58
CA PHE A 76 15.62 -0.55 1.19
C PHE A 76 16.96 -1.19 0.93
N ASN A 77 17.07 -1.88 -0.24
CA ASN A 77 18.31 -2.54 -0.71
C ASN A 77 18.80 -3.62 0.29
N ASN A 78 17.87 -4.13 1.14
CA ASN A 78 18.19 -5.15 2.15
C ASN A 78 19.29 -4.64 3.09
N ASP A 79 19.31 -3.30 3.35
CA ASP A 79 20.31 -2.70 4.22
C ASP A 79 19.61 -2.30 5.51
N ALA A 80 20.11 -2.83 6.67
CA ALA A 80 19.54 -2.53 7.97
C ALA A 80 19.66 -1.05 8.32
N GLU A 81 20.65 -0.32 7.73
CA GLU A 81 20.83 1.10 8.00
C GLU A 81 19.80 1.93 7.22
N LEU A 82 19.09 1.29 6.25
CA LEU A 82 18.07 1.99 5.46
C LEU A 82 16.74 1.37 5.79
N THR A 83 16.40 1.40 7.11
CA THR A 83 15.15 0.84 7.61
C THR A 83 14.27 1.99 8.06
N TYR A 84 12.96 1.87 7.75
CA TYR A 84 12.01 2.90 8.12
C TYR A 84 10.84 2.25 8.81
N GLU A 85 10.27 2.97 9.81
CA GLU A 85 9.09 2.52 10.55
C GLU A 85 8.11 3.66 10.43
N ILE A 86 6.92 3.32 9.91
CA ILE A 86 5.86 4.28 9.69
C ILE A 86 4.57 3.70 10.26
N LEU A 87 3.87 4.62 10.97
CA LEU A 87 2.62 4.39 11.65
C LEU A 87 1.70 5.43 11.08
N LEU A 88 0.44 5.01 10.82
CA LEU A 88 -0.54 5.88 10.24
C LEU A 88 -1.82 5.04 10.32
N PRO A 89 -3.00 5.65 10.20
CA PRO A 89 -4.27 4.92 10.30
C PRO A 89 -4.49 3.83 9.27
N ASN A 90 -5.24 2.78 9.68
CA ASN A 90 -5.60 1.67 8.79
C ASN A 90 -6.36 2.22 7.57
N HIS A 91 -7.34 3.14 7.81
CA HIS A 91 -8.11 3.77 6.72
C HIS A 91 -7.20 4.50 5.73
N GLU A 92 -6.12 5.14 6.25
CA GLU A 92 -5.19 5.90 5.42
C GLU A 92 -4.27 4.96 4.67
N PHE A 93 -3.89 3.80 5.30
CA PHE A 93 -2.97 2.84 4.67
C PHE A 93 -3.60 2.29 3.39
N LEU A 94 -4.93 2.03 3.38
CA LEU A 94 -5.58 1.50 2.17
C LEU A 94 -5.67 2.59 1.10
N GLU A 95 -5.61 3.91 1.45
CA GLU A 95 -5.62 4.97 0.40
C GLU A 95 -4.32 4.86 -0.40
N TYR A 96 -3.19 4.59 0.31
CA TYR A 96 -1.89 4.39 -0.31
C TYR A 96 -1.92 3.12 -1.17
N LEU A 97 -2.44 1.99 -0.63
CA LEU A 97 -2.52 0.74 -1.42
C LEU A 97 -3.43 0.93 -2.65
N ILE A 98 -4.57 1.66 -2.52
CA ILE A 98 -5.44 1.91 -3.67
C ILE A 98 -4.73 2.80 -4.69
N ASP A 99 -4.00 3.86 -4.24
CA ASP A 99 -3.26 4.74 -5.16
C ASP A 99 -2.16 3.92 -5.87
N MET A 100 -1.54 2.97 -5.13
CA MET A 100 -0.51 2.06 -5.68
C MET A 100 -1.12 1.24 -6.81
N LEU A 101 -2.40 0.77 -6.63
CA LEU A 101 -3.06 -0.03 -7.66
C LEU A 101 -3.39 0.84 -8.86
N MET A 102 -3.70 2.14 -8.65
CA MET A 102 -3.95 3.06 -9.77
C MET A 102 -2.65 3.24 -10.55
N GLY A 103 -1.48 3.36 -9.84
CA GLY A 103 -0.17 3.47 -10.52
C GLY A 103 0.12 2.20 -11.29
N TYR A 104 -0.22 1.02 -10.68
CA TYR A 104 -0.05 -0.29 -11.32
C TYR A 104 -0.90 -0.34 -12.57
N GLN A 105 -2.18 0.06 -12.46
CA GLN A 105 -3.10 0.05 -13.59
C GLN A 105 -2.59 0.86 -14.76
N ARG A 106 -2.09 2.11 -14.50
CA ARG A 106 -1.67 2.99 -15.58
C ARG A 106 -0.38 2.53 -16.27
N MET A 107 0.64 2.02 -15.50
CA MET A 107 1.93 1.67 -16.11
C MET A 107 2.14 0.16 -16.27
N GLN A 108 1.32 -0.68 -15.57
CA GLN A 108 1.42 -2.15 -15.64
C GLN A 108 2.74 -2.66 -15.06
N LYS A 109 3.22 -1.98 -13.99
CA LYS A 109 4.45 -2.37 -13.30
C LYS A 109 4.22 -2.09 -11.84
N THR A 110 4.95 -2.78 -10.91
CA THR A 110 4.74 -2.55 -9.48
C THR A 110 5.64 -1.42 -9.06
N ASP A 111 5.04 -0.23 -8.81
CA ASP A 111 5.78 0.93 -8.38
C ASP A 111 5.00 1.57 -7.26
N PHE A 112 5.69 1.96 -6.17
CA PHE A 112 5.02 2.62 -5.05
C PHE A 112 4.96 4.11 -5.37
N PRO A 113 3.93 4.80 -4.88
CA PRO A 113 3.77 6.23 -5.14
C PRO A 113 4.74 7.12 -4.39
N GLY A 114 5.07 8.28 -5.00
CA GLY A 114 6.01 9.26 -4.42
C GLY A 114 5.54 9.77 -3.08
N ALA A 115 4.20 9.94 -2.91
CA ALA A 115 3.64 10.45 -1.66
C ALA A 115 3.91 9.48 -0.50
N PHE A 116 4.11 8.16 -0.80
CA PHE A 116 4.38 7.19 0.25
C PHE A 116 5.76 7.46 0.84
N TYR A 117 6.78 7.66 -0.04
CA TYR A 117 8.15 7.91 0.41
C TYR A 117 8.23 9.30 1.04
N ARG A 118 7.40 10.26 0.54
CA ARG A 118 7.38 11.63 1.07
C ARG A 118 7.00 11.63 2.55
N ARG A 119 5.99 10.78 2.91
CA ARG A 119 5.52 10.70 4.29
C ARG A 119 6.44 9.77 5.07
N LEU A 120 7.11 8.82 4.37
CA LEU A 120 8.06 7.89 4.99
C LEU A 120 9.26 8.68 5.50
N LEU A 121 9.75 9.67 4.70
CA LEU A 121 10.87 10.52 5.14
C LEU A 121 10.39 11.47 6.24
N GLY A 122 9.09 11.87 6.17
CA GLY A 122 8.52 12.77 7.17
C GLY A 122 8.58 14.20 6.69
N TYR A 123 8.39 14.43 5.36
CA TYR A 123 8.45 15.81 4.84
C TYR A 123 7.26 16.63 5.29
N ASP A 124 6.12 15.97 5.60
CA ASP A 124 4.94 16.67 6.06
C ASP A 124 4.93 16.68 7.60
N SER A 125 6.08 16.35 8.25
CA SER A 125 6.13 16.34 9.72
C SER A 125 6.44 17.76 10.25
N MET A 1 4.33 -12.46 -8.91
CA MET A 1 2.94 -12.13 -8.44
C MET A 1 2.48 -10.76 -8.93
N ARG A 2 1.63 -10.73 -9.98
CA ARG A 2 1.12 -9.47 -10.50
C ARG A 2 -0.10 -9.07 -9.68
N ILE A 3 -0.33 -7.73 -9.52
CA ILE A 3 -1.49 -7.24 -8.77
C ILE A 3 -2.78 -7.61 -9.49
N ASP A 4 -2.78 -7.61 -10.85
CA ASP A 4 -3.97 -7.96 -11.62
C ASP A 4 -4.27 -9.47 -11.49
N GLU A 5 -3.32 -10.27 -10.92
CA GLU A 5 -3.53 -11.70 -10.74
C GLU A 5 -4.03 -11.97 -9.31
N LEU A 6 -4.19 -10.89 -8.48
CA LEU A 6 -4.65 -11.08 -7.12
C LEU A 6 -6.15 -11.25 -7.12
N VAL A 7 -6.66 -12.20 -6.30
CA VAL A 7 -8.08 -12.42 -6.21
C VAL A 7 -8.61 -11.43 -5.18
N PRO A 8 -9.81 -10.91 -5.40
CA PRO A 8 -10.39 -9.94 -4.49
C PRO A 8 -10.90 -10.53 -3.19
N ALA A 9 -10.96 -9.70 -2.13
CA ALA A 9 -11.45 -10.13 -0.83
C ALA A 9 -12.97 -10.30 -0.92
N ASP A 10 -13.56 -11.05 0.04
CA ASP A 10 -15.01 -11.31 0.03
C ASP A 10 -15.78 -9.98 0.18
N PRO A 11 -16.89 -9.82 -0.58
CA PRO A 11 -17.67 -8.57 -0.56
C PRO A 11 -18.29 -8.22 0.76
N ARG A 12 -18.61 -9.23 1.61
CA ARG A 12 -19.19 -8.98 2.92
C ARG A 12 -18.19 -8.26 3.81
N ALA A 13 -16.90 -8.67 3.71
CA ALA A 13 -15.82 -8.06 4.48
C ALA A 13 -15.45 -6.72 3.90
N VAL A 14 -15.35 -6.62 2.55
CA VAL A 14 -14.93 -5.37 1.91
C VAL A 14 -16.01 -4.31 2.01
N SER A 15 -17.30 -4.67 1.74
CA SER A 15 -18.39 -3.66 1.75
C SER A 15 -18.59 -3.10 3.15
N LEU A 16 -18.08 -3.80 4.18
CA LEU A 16 -18.20 -3.36 5.55
C LEU A 16 -17.18 -2.24 5.80
N TYR A 17 -16.04 -2.18 5.05
CA TYR A 17 -15.07 -1.10 5.26
C TYR A 17 -15.46 0.12 4.41
N THR A 18 -16.24 -0.12 3.31
CA THR A 18 -16.67 0.93 2.37
C THR A 18 -17.29 2.19 3.03
N PRO A 19 -18.27 2.09 3.96
CA PRO A 19 -18.88 3.30 4.58
C PRO A 19 -17.92 4.17 5.38
N TYR A 20 -16.68 3.69 5.61
CA TYR A 20 -15.69 4.47 6.35
C TYR A 20 -14.93 5.37 5.37
N TYR A 21 -15.26 5.29 4.04
CA TYR A 21 -14.56 6.10 3.04
C TYR A 21 -15.61 6.87 2.24
N SER A 22 -16.01 6.34 1.06
CA SER A 22 -17.00 6.99 0.21
C SER A 22 -17.27 6.04 -0.94
N GLN A 23 -18.10 6.48 -1.92
CA GLN A 23 -18.43 5.65 -3.07
C GLN A 23 -17.83 6.33 -4.29
N ALA A 24 -16.85 5.65 -4.93
CA ALA A 24 -16.18 6.22 -6.09
C ALA A 24 -15.33 5.11 -6.69
N ASN A 25 -14.35 5.48 -7.56
CA ASN A 25 -13.47 4.50 -8.22
C ASN A 25 -12.57 3.83 -7.19
N ARG A 26 -12.41 4.44 -5.98
CA ARG A 26 -11.59 3.85 -4.92
C ARG A 26 -12.26 2.57 -4.42
N ARG A 27 -13.62 2.49 -4.52
CA ARG A 27 -14.36 1.31 -4.07
C ARG A 27 -14.00 0.11 -4.95
N ARG A 28 -13.78 0.36 -6.27
CA ARG A 28 -13.42 -0.68 -7.23
C ARG A 28 -12.06 -1.33 -6.87
N TYR A 29 -11.08 -0.55 -6.38
CA TYR A 29 -9.77 -1.10 -6.03
C TYR A 29 -9.73 -1.54 -4.58
N LEU A 30 -10.82 -1.33 -3.81
CA LEU A 30 -10.84 -1.70 -2.39
C LEU A 30 -10.71 -3.22 -2.20
N PRO A 31 -11.54 -4.06 -2.85
CA PRO A 31 -11.42 -5.53 -2.70
C PRO A 31 -10.07 -6.10 -3.08
N TYR A 32 -9.40 -5.47 -4.07
CA TYR A 32 -8.10 -5.97 -4.52
C TYR A 32 -7.01 -5.50 -3.57
N ALA A 33 -7.10 -4.23 -3.06
CA ALA A 33 -6.10 -3.71 -2.14
C ALA A 33 -6.28 -4.31 -0.76
N LEU A 34 -7.55 -4.69 -0.39
CA LEU A 34 -7.80 -5.32 0.92
C LEU A 34 -7.14 -6.70 0.90
N SER A 35 -7.16 -7.39 -0.28
CA SER A 35 -6.50 -8.69 -0.44
C SER A 35 -4.99 -8.53 -0.26
N LEU A 36 -4.39 -7.46 -0.87
CA LEU A 36 -2.94 -7.19 -0.74
C LEU A 36 -2.62 -6.85 0.71
N TYR A 37 -3.51 -6.06 1.37
CA TYR A 37 -3.39 -5.67 2.78
C TYR A 37 -3.28 -6.90 3.68
N GLN A 38 -4.15 -7.93 3.44
CA GLN A 38 -4.17 -9.17 4.24
C GLN A 38 -2.86 -9.97 4.07
N GLY A 39 -2.11 -9.73 2.96
CA GLY A 39 -0.84 -10.41 2.68
C GLY A 39 0.18 -10.17 3.78
N SER A 40 0.23 -8.90 4.30
CA SER A 40 1.13 -8.52 5.41
C SER A 40 2.62 -8.50 5.02
N SER A 41 2.95 -8.89 3.77
CA SER A 41 4.35 -8.90 3.34
C SER A 41 4.32 -8.82 1.84
N ILE A 42 5.08 -7.88 1.24
CA ILE A 42 5.10 -7.76 -0.21
C ILE A 42 6.44 -7.19 -0.63
N GLU A 43 6.85 -7.48 -1.90
CA GLU A 43 8.09 -6.94 -2.45
C GLU A 43 7.64 -5.79 -3.32
N GLY A 44 8.35 -4.65 -3.25
CA GLY A 44 7.93 -3.46 -3.99
C GLY A 44 9.06 -2.99 -4.83
N SER A 45 8.76 -2.23 -5.93
CA SER A 45 9.83 -1.70 -6.77
C SER A 45 9.60 -0.21 -6.78
N ARG A 46 10.61 0.61 -6.41
CA ARG A 46 10.42 2.05 -6.41
C ARG A 46 11.09 2.58 -7.67
N ALA A 47 10.29 3.20 -8.56
CA ALA A 47 10.84 3.73 -9.81
C ALA A 47 11.38 5.12 -9.57
N VAL A 48 12.56 5.40 -10.17
CA VAL A 48 13.22 6.69 -10.01
C VAL A 48 13.24 7.31 -11.40
N GLU A 49 12.73 8.57 -11.53
CA GLU A 49 12.70 9.23 -12.83
C GLU A 49 14.11 9.69 -13.18
N GLY A 50 14.65 9.17 -14.31
CA GLY A 50 16.00 9.51 -14.74
C GLY A 50 16.99 8.54 -14.14
N GLY A 51 16.50 7.51 -13.42
CA GLY A 51 17.37 6.52 -12.80
C GLY A 51 16.81 5.15 -13.10
N ALA A 52 17.22 4.16 -12.27
CA ALA A 52 16.75 2.80 -12.42
C ALA A 52 15.95 2.47 -11.18
N PRO A 53 14.99 1.54 -11.28
CA PRO A 53 14.16 1.16 -10.13
C PRO A 53 14.91 0.35 -9.09
N ILE A 54 14.47 0.47 -7.80
CA ILE A 54 15.15 -0.26 -6.72
C ILE A 54 14.17 -1.23 -6.09
N SER A 55 14.71 -2.36 -5.59
CA SER A 55 13.92 -3.42 -4.93
C SER A 55 13.92 -3.20 -3.44
N PHE A 56 12.70 -3.13 -2.82
CA PHE A 56 12.59 -2.99 -1.38
C PHE A 56 11.71 -4.10 -0.83
N VAL A 57 11.75 -4.31 0.51
CA VAL A 57 10.95 -5.35 1.14
C VAL A 57 10.00 -4.63 2.07
N ALA A 58 8.65 -4.89 2.05
CA ALA A 58 7.77 -4.18 2.98
C ALA A 58 6.92 -5.18 3.74
N THR A 59 6.82 -4.98 5.07
CA THR A 59 6.00 -5.86 5.92
C THR A 59 5.16 -4.98 6.80
N TRP A 60 4.01 -5.49 7.30
CA TRP A 60 3.16 -4.67 8.15
C TRP A 60 2.23 -5.54 8.97
N THR A 61 1.61 -4.95 10.03
CA THR A 61 0.67 -5.67 10.89
C THR A 61 -0.73 -5.32 10.46
N VAL A 62 -1.65 -6.32 10.46
CA VAL A 62 -3.03 -6.10 10.03
C VAL A 62 -3.96 -6.19 11.22
N THR A 63 -4.89 -5.21 11.34
CA THR A 63 -5.87 -5.19 12.44
C THR A 63 -7.24 -5.01 11.80
N PRO A 64 -8.29 -5.56 12.41
CA PRO A 64 -9.66 -5.46 11.87
C PRO A 64 -10.38 -4.16 12.09
N LEU A 65 -9.94 -3.34 13.08
CA LEU A 65 -10.61 -2.08 13.36
C LEU A 65 -9.97 -0.99 12.50
N PRO A 66 -10.75 -0.26 11.71
CA PRO A 66 -10.20 0.79 10.82
C PRO A 66 -9.60 1.98 11.53
N ALA A 67 -9.96 2.18 12.82
CA ALA A 67 -9.43 3.30 13.60
C ALA A 67 -8.08 2.93 14.21
N ASP A 68 -7.62 1.66 14.05
CA ASP A 68 -6.34 1.25 14.60
C ASP A 68 -5.21 1.64 13.66
N MET A 69 -3.99 1.80 14.24
CA MET A 69 -2.83 2.18 13.46
C MET A 69 -2.05 0.91 13.15
N THR A 70 -1.56 0.82 11.89
CA THR A 70 -0.79 -0.34 11.45
C THR A 70 0.68 0.05 11.54
N ARG A 71 1.58 -0.92 11.86
CA ARG A 71 3.00 -0.61 11.93
C ARG A 71 3.58 -1.22 10.69
N CYS A 72 4.15 -0.38 9.79
CA CYS A 72 4.71 -0.88 8.55
C CYS A 72 6.20 -0.67 8.59
N HIS A 73 6.93 -1.74 8.22
CA HIS A 73 8.39 -1.73 8.20
C HIS A 73 8.79 -1.88 6.76
N LEU A 74 9.64 -0.93 6.29
CA LEU A 74 10.13 -0.93 4.92
C LEU A 74 11.63 -0.96 4.98
N GLN A 75 12.24 -1.90 4.22
CA GLN A 75 13.68 -2.05 4.15
C GLN A 75 14.06 -1.98 2.68
N PHE A 76 14.95 -1.02 2.31
CA PHE A 76 15.32 -0.85 0.90
C PHE A 76 16.66 -1.51 0.60
N ASN A 77 16.68 -2.30 -0.52
CA ASN A 77 17.89 -2.98 -1.02
C ASN A 77 18.50 -3.93 0.01
N ASN A 78 17.67 -4.45 0.97
CA ASN A 78 18.12 -5.38 2.01
C ASN A 78 19.20 -4.74 2.89
N ASP A 79 19.22 -3.38 2.98
CA ASP A 79 20.21 -2.68 3.77
C ASP A 79 19.58 -2.33 5.11
N ALA A 80 20.22 -2.79 6.22
CA ALA A 80 19.73 -2.55 7.58
C ALA A 80 19.67 -1.05 7.89
N GLU A 81 20.64 -0.25 7.35
CA GLU A 81 20.67 1.19 7.60
C GLU A 81 19.45 1.85 6.94
N LEU A 82 18.99 1.33 5.77
CA LEU A 82 17.86 1.93 5.07
C LEU A 82 16.58 1.22 5.51
N THR A 83 16.25 1.36 6.81
CA THR A 83 15.05 0.76 7.39
C THR A 83 14.17 1.90 7.85
N TYR A 84 12.86 1.80 7.55
CA TYR A 84 11.92 2.82 7.94
C TYR A 84 10.77 2.16 8.66
N GLU A 85 10.26 2.84 9.71
CA GLU A 85 9.12 2.37 10.49
C GLU A 85 8.13 3.50 10.45
N ILE A 86 6.91 3.17 9.99
CA ILE A 86 5.84 4.12 9.83
C ILE A 86 4.57 3.52 10.42
N LEU A 87 3.89 4.41 11.19
CA LEU A 87 2.66 4.16 11.89
C LEU A 87 1.73 5.22 11.38
N LEU A 88 0.48 4.82 11.09
CA LEU A 88 -0.50 5.72 10.54
C LEU A 88 -1.79 4.89 10.54
N PRO A 89 -2.95 5.52 10.45
CA PRO A 89 -4.23 4.80 10.47
C PRO A 89 -4.46 3.86 9.30
N ASN A 90 -5.28 2.80 9.55
CA ASN A 90 -5.65 1.83 8.50
C ASN A 90 -6.32 2.55 7.33
N HIS A 91 -7.18 3.58 7.61
CA HIS A 91 -7.83 4.37 6.55
C HIS A 91 -6.78 4.98 5.62
N GLU A 92 -5.70 5.57 6.19
CA GLU A 92 -4.65 6.18 5.39
C GLU A 92 -3.82 5.12 4.71
N PHE A 93 -3.54 3.97 5.41
CA PHE A 93 -2.72 2.91 4.79
C PHE A 93 -3.44 2.33 3.58
N LEU A 94 -4.78 2.10 3.67
CA LEU A 94 -5.52 1.58 2.52
C LEU A 94 -5.65 2.66 1.46
N GLU A 95 -5.69 3.98 1.81
CA GLU A 95 -5.75 5.04 0.79
C GLU A 95 -4.46 4.97 -0.05
N TYR A 96 -3.30 4.76 0.65
CA TYR A 96 -2.01 4.57 0.01
C TYR A 96 -2.02 3.31 -0.85
N LEU A 97 -2.51 2.16 -0.31
CA LEU A 97 -2.57 0.92 -1.11
C LEU A 97 -3.50 1.10 -2.33
N ILE A 98 -4.64 1.82 -2.18
CA ILE A 98 -5.55 2.07 -3.32
C ILE A 98 -4.84 2.98 -4.33
N ASP A 99 -4.13 4.05 -3.87
CA ASP A 99 -3.40 4.95 -4.79
C ASP A 99 -2.28 4.16 -5.51
N MET A 100 -1.63 3.21 -4.78
CA MET A 100 -0.60 2.33 -5.34
C MET A 100 -1.23 1.49 -6.46
N LEU A 101 -2.46 0.98 -6.23
CA LEU A 101 -3.15 0.15 -7.23
C LEU A 101 -3.51 1.02 -8.43
N MET A 102 -3.90 2.29 -8.21
CA MET A 102 -4.21 3.19 -9.31
C MET A 102 -2.93 3.44 -10.11
N GLY A 103 -1.77 3.68 -9.41
CA GLY A 103 -0.47 3.90 -10.08
C GLY A 103 -0.06 2.67 -10.85
N TYR A 104 -0.31 1.47 -10.25
CA TYR A 104 -0.01 0.18 -10.86
C TYR A 104 -0.67 0.05 -12.21
N GLN A 105 -2.00 0.32 -12.27
CA GLN A 105 -2.74 0.19 -13.51
C GLN A 105 -2.58 1.43 -14.39
N ARG A 106 -2.33 2.65 -13.86
CA ARG A 106 -2.14 3.82 -14.75
C ARG A 106 -0.85 3.66 -15.58
N MET A 107 0.23 3.16 -14.91
CA MET A 107 1.54 3.00 -15.57
C MET A 107 1.73 1.59 -16.11
N GLN A 108 0.97 0.60 -15.56
CA GLN A 108 1.06 -0.81 -15.96
C GLN A 108 2.43 -1.37 -15.60
N LYS A 109 2.90 -1.03 -14.37
CA LYS A 109 4.19 -1.49 -13.87
C LYS A 109 4.11 -1.36 -12.35
N THR A 110 4.89 -2.17 -11.58
CA THR A 110 4.85 -2.10 -10.12
C THR A 110 5.58 -0.85 -9.69
N ASP A 111 4.88 0.06 -8.97
CA ASP A 111 5.49 1.27 -8.50
C ASP A 111 4.68 1.76 -7.33
N PHE A 112 5.36 2.38 -6.34
CA PHE A 112 4.69 2.92 -5.16
C PHE A 112 4.53 4.41 -5.40
N PRO A 113 3.53 5.03 -4.77
CA PRO A 113 3.30 6.46 -4.94
C PRO A 113 4.32 7.34 -4.23
N GLY A 114 4.60 8.53 -4.84
CA GLY A 114 5.58 9.49 -4.30
C GLY A 114 5.20 9.96 -2.92
N ALA A 115 3.89 10.17 -2.66
CA ALA A 115 3.42 10.63 -1.36
C ALA A 115 3.76 9.64 -0.25
N PHE A 116 3.83 8.32 -0.58
CA PHE A 116 4.15 7.30 0.42
C PHE A 116 5.57 7.53 0.94
N TYR A 117 6.55 7.71 0.00
CA TYR A 117 7.95 7.92 0.41
C TYR A 117 8.11 9.30 1.04
N ARG A 118 7.29 10.30 0.59
CA ARG A 118 7.34 11.65 1.15
C ARG A 118 7.01 11.62 2.65
N ARG A 119 5.97 10.81 3.01
CA ARG A 119 5.53 10.69 4.40
C ARG A 119 6.46 9.74 5.13
N LEU A 120 7.05 8.76 4.40
CA LEU A 120 7.98 7.79 4.98
C LEU A 120 9.24 8.52 5.45
N LEU A 121 9.71 9.53 4.65
CA LEU A 121 10.88 10.34 5.04
C LEU A 121 10.50 11.26 6.19
N GLY A 122 9.20 11.69 6.24
CA GLY A 122 8.73 12.57 7.31
C GLY A 122 8.77 14.00 6.86
N TYR A 123 8.54 14.27 5.55
CA TYR A 123 8.57 15.65 5.04
C TYR A 123 7.38 16.45 5.56
N ASP A 124 6.25 15.78 5.87
CA ASP A 124 5.08 16.46 6.38
C ASP A 124 5.09 16.42 7.91
N SER A 125 6.25 16.08 8.53
CA SER A 125 6.33 16.00 9.99
C SER A 125 6.60 17.42 10.58
N MET A 1 4.22 -13.16 -9.50
CA MET A 1 3.72 -12.19 -8.47
C MET A 1 3.28 -10.88 -9.11
N ARG A 2 1.99 -10.79 -9.51
CA ARG A 2 1.47 -9.58 -10.14
C ARG A 2 0.22 -9.19 -9.41
N ILE A 3 -0.05 -7.86 -9.29
CA ILE A 3 -1.26 -7.35 -8.62
C ILE A 3 -2.50 -7.77 -9.40
N ASP A 4 -2.44 -7.75 -10.76
CA ASP A 4 -3.58 -8.15 -11.60
C ASP A 4 -3.92 -9.63 -11.40
N GLU A 5 -2.99 -10.45 -10.82
CA GLU A 5 -3.23 -11.86 -10.59
C GLU A 5 -3.76 -12.07 -9.18
N LEU A 6 -3.94 -10.98 -8.38
CA LEU A 6 -4.46 -11.13 -7.03
C LEU A 6 -5.97 -11.30 -7.10
N VAL A 7 -6.49 -12.29 -6.35
CA VAL A 7 -7.92 -12.53 -6.33
C VAL A 7 -8.53 -11.55 -5.33
N PRO A 8 -9.73 -11.06 -5.60
CA PRO A 8 -10.38 -10.11 -4.72
C PRO A 8 -10.90 -10.70 -3.44
N ALA A 9 -10.95 -9.87 -2.37
CA ALA A 9 -11.46 -10.30 -1.08
C ALA A 9 -12.97 -10.44 -1.17
N ASP A 10 -13.58 -11.20 -0.22
CA ASP A 10 -15.03 -11.43 -0.24
C ASP A 10 -15.78 -10.10 -0.08
N PRO A 11 -16.88 -9.92 -0.83
CA PRO A 11 -17.66 -8.67 -0.81
C PRO A 11 -18.30 -8.34 0.51
N ARG A 12 -18.59 -9.37 1.34
CA ARG A 12 -19.19 -9.17 2.66
C ARG A 12 -18.19 -8.44 3.56
N ALA A 13 -16.90 -8.83 3.47
CA ALA A 13 -15.84 -8.24 4.27
C ALA A 13 -15.47 -6.88 3.70
N VAL A 14 -15.35 -6.77 2.36
CA VAL A 14 -14.93 -5.52 1.72
C VAL A 14 -16.02 -4.46 1.84
N SER A 15 -17.31 -4.82 1.61
CA SER A 15 -18.40 -3.82 1.65
C SER A 15 -18.58 -3.27 3.05
N LEU A 16 -18.06 -4.01 4.06
CA LEU A 16 -18.15 -3.59 5.45
C LEU A 16 -17.13 -2.48 5.71
N TYR A 17 -16.00 -2.42 4.94
CA TYR A 17 -15.02 -1.35 5.18
C TYR A 17 -15.39 -0.12 4.36
N THR A 18 -16.18 -0.31 3.26
CA THR A 18 -16.59 0.79 2.33
C THR A 18 -17.18 2.03 3.03
N PRO A 19 -18.15 1.93 3.98
CA PRO A 19 -18.71 3.13 4.63
C PRO A 19 -17.73 3.96 5.45
N TYR A 20 -16.50 3.45 5.68
CA TYR A 20 -15.49 4.18 6.42
C TYR A 20 -14.70 5.08 5.48
N TYR A 21 -15.00 5.03 4.15
CA TYR A 21 -14.28 5.83 3.16
C TYR A 21 -15.29 6.67 2.41
N SER A 22 -15.78 6.18 1.25
CA SER A 22 -16.76 6.91 0.45
C SER A 22 -17.12 5.99 -0.69
N GLN A 23 -18.01 6.46 -1.59
CA GLN A 23 -18.43 5.67 -2.74
C GLN A 23 -17.91 6.37 -3.97
N ALA A 24 -16.94 5.73 -4.66
CA ALA A 24 -16.34 6.32 -5.85
C ALA A 24 -15.50 5.23 -6.48
N ASN A 25 -14.44 5.61 -7.26
CA ASN A 25 -13.58 4.63 -7.93
C ASN A 25 -12.68 3.92 -6.91
N ARG A 26 -12.64 4.41 -5.65
CA ARG A 26 -11.82 3.78 -4.61
C ARG A 26 -12.38 2.41 -4.25
N ARG A 27 -13.74 2.22 -4.29
CA ARG A 27 -14.33 0.93 -3.92
C ARG A 27 -13.99 -0.14 -4.95
N ARG A 28 -13.61 0.28 -6.19
CA ARG A 28 -13.21 -0.63 -7.25
C ARG A 28 -11.90 -1.32 -6.88
N TYR A 29 -10.95 -0.58 -6.25
CA TYR A 29 -9.64 -1.16 -5.91
C TYR A 29 -9.65 -1.67 -4.47
N LEU A 30 -10.73 -1.41 -3.70
CA LEU A 30 -10.82 -1.87 -2.30
C LEU A 30 -10.69 -3.39 -2.16
N PRO A 31 -11.47 -4.22 -2.89
CA PRO A 31 -11.36 -5.67 -2.74
C PRO A 31 -10.04 -6.25 -3.22
N TYR A 32 -9.33 -5.54 -4.13
CA TYR A 32 -8.05 -6.05 -4.62
C TYR A 32 -6.94 -5.60 -3.68
N ALA A 33 -7.08 -4.37 -3.09
CA ALA A 33 -6.06 -3.87 -2.17
C ALA A 33 -6.22 -4.56 -0.83
N LEU A 34 -7.45 -5.04 -0.47
CA LEU A 34 -7.65 -5.79 0.77
C LEU A 34 -6.89 -7.10 0.65
N SER A 35 -6.87 -7.71 -0.56
CA SER A 35 -6.12 -8.95 -0.82
C SER A 35 -4.63 -8.71 -0.60
N LEU A 36 -4.10 -7.55 -1.13
CA LEU A 36 -2.69 -7.19 -0.95
C LEU A 36 -2.40 -6.93 0.54
N TYR A 37 -3.34 -6.22 1.21
CA TYR A 37 -3.25 -5.90 2.64
C TYR A 37 -3.15 -7.19 3.47
N GLN A 38 -4.03 -8.19 3.16
CA GLN A 38 -4.03 -9.48 3.89
C GLN A 38 -2.74 -10.27 3.65
N GLY A 39 -1.97 -9.90 2.58
CA GLY A 39 -0.69 -10.55 2.25
C GLY A 39 0.31 -10.37 3.38
N SER A 40 0.32 -9.17 4.03
CA SER A 40 1.19 -8.87 5.20
C SER A 40 2.65 -8.64 4.80
N SER A 41 3.16 -9.29 3.73
CA SER A 41 4.54 -9.11 3.32
C SER A 41 4.56 -9.15 1.82
N ILE A 42 5.30 -8.20 1.18
CA ILE A 42 5.34 -8.15 -0.27
C ILE A 42 6.68 -7.55 -0.71
N GLU A 43 7.08 -7.82 -1.98
CA GLU A 43 8.29 -7.25 -2.52
C GLU A 43 7.81 -6.11 -3.40
N GLY A 44 8.45 -4.92 -3.29
CA GLY A 44 7.99 -3.75 -4.02
C GLY A 44 9.11 -3.19 -4.84
N SER A 45 8.79 -2.40 -5.90
CA SER A 45 9.85 -1.80 -6.69
C SER A 45 9.54 -0.32 -6.71
N ARG A 46 10.53 0.53 -6.35
CA ARG A 46 10.28 1.98 -6.38
C ARG A 46 10.95 2.50 -7.63
N ALA A 47 10.15 3.10 -8.54
CA ALA A 47 10.69 3.63 -9.78
C ALA A 47 11.18 5.04 -9.55
N VAL A 48 12.35 5.37 -10.16
CA VAL A 48 12.94 6.69 -10.02
C VAL A 48 12.96 7.30 -11.40
N GLU A 49 12.38 8.52 -11.55
CA GLU A 49 12.35 9.17 -12.87
C GLU A 49 13.74 9.66 -13.22
N GLY A 50 14.31 9.13 -14.33
CA GLY A 50 15.65 9.52 -14.77
C GLY A 50 16.67 8.59 -14.14
N GLY A 51 16.20 7.54 -13.41
CA GLY A 51 17.10 6.60 -12.76
C GLY A 51 16.61 5.20 -13.04
N ALA A 52 17.04 4.24 -12.20
CA ALA A 52 16.65 2.86 -12.34
C ALA A 52 15.83 2.51 -11.11
N PRO A 53 14.93 1.53 -11.20
CA PRO A 53 14.11 1.13 -10.07
C PRO A 53 14.86 0.40 -8.98
N ILE A 54 14.41 0.55 -7.71
CA ILE A 54 15.08 -0.10 -6.58
C ILE A 54 14.14 -1.11 -5.95
N SER A 55 14.69 -2.32 -5.67
CA SER A 55 13.94 -3.41 -5.04
C SER A 55 13.97 -3.25 -3.52
N PHE A 56 12.76 -3.20 -2.90
CA PHE A 56 12.67 -3.10 -1.45
C PHE A 56 11.81 -4.24 -0.93
N VAL A 57 11.86 -4.48 0.40
CA VAL A 57 11.09 -5.55 1.03
C VAL A 57 10.12 -4.86 1.98
N ALA A 58 8.79 -5.15 1.96
CA ALA A 58 7.89 -4.47 2.91
C ALA A 58 7.11 -5.50 3.66
N THR A 59 6.99 -5.30 5.00
CA THR A 59 6.26 -6.24 5.85
C THR A 59 5.43 -5.42 6.80
N TRP A 60 4.16 -5.81 7.06
CA TRP A 60 3.30 -5.06 7.96
C TRP A 60 2.36 -6.01 8.69
N THR A 61 1.73 -5.51 9.79
CA THR A 61 0.79 -6.32 10.59
C THR A 61 -0.62 -5.86 10.24
N VAL A 62 -1.58 -6.81 10.22
CA VAL A 62 -2.96 -6.51 9.84
C VAL A 62 -3.88 -6.62 11.05
N THR A 63 -4.79 -5.61 11.19
CA THR A 63 -5.78 -5.60 12.29
C THR A 63 -7.15 -5.38 11.64
N PRO A 64 -8.21 -5.94 12.22
CA PRO A 64 -9.58 -5.83 11.64
C PRO A 64 -10.29 -4.51 11.83
N LEU A 65 -9.89 -3.67 12.81
CA LEU A 65 -10.59 -2.40 13.03
C LEU A 65 -9.92 -1.32 12.18
N PRO A 66 -10.70 -0.54 11.41
CA PRO A 66 -10.14 0.51 10.55
C PRO A 66 -9.54 1.69 11.28
N ALA A 67 -9.88 1.83 12.59
CA ALA A 67 -9.35 2.92 13.40
C ALA A 67 -8.03 2.50 14.05
N ASP A 68 -7.60 1.21 13.87
CA ASP A 68 -6.35 0.76 14.45
C ASP A 68 -5.19 1.19 13.55
N MET A 69 -3.99 1.30 14.15
CA MET A 69 -2.81 1.71 13.42
C MET A 69 -1.97 0.47 13.12
N THR A 70 -1.49 0.39 11.86
CA THR A 70 -0.68 -0.75 11.41
C THR A 70 0.76 -0.30 11.47
N ARG A 71 1.71 -1.24 11.78
CA ARG A 71 3.13 -0.88 11.81
C ARG A 71 3.68 -1.52 10.57
N CYS A 72 4.23 -0.70 9.65
CA CYS A 72 4.77 -1.19 8.40
C CYS A 72 6.27 -0.96 8.42
N HIS A 73 7.01 -2.04 8.08
CA HIS A 73 8.46 -2.03 8.05
C HIS A 73 8.87 -2.13 6.60
N LEU A 74 9.77 -1.21 6.18
CA LEU A 74 10.26 -1.19 4.80
C LEU A 74 11.76 -1.21 4.86
N GLN A 75 12.37 -2.14 4.08
CA GLN A 75 13.82 -2.26 4.01
C GLN A 75 14.20 -2.17 2.55
N PHE A 76 15.10 -1.22 2.19
CA PHE A 76 15.49 -1.02 0.79
C PHE A 76 16.85 -1.68 0.52
N ASN A 77 16.91 -2.43 -0.63
CA ASN A 77 18.14 -3.09 -1.10
C ASN A 77 18.69 -4.10 -0.08
N ASN A 78 17.81 -4.64 0.82
CA ASN A 78 18.20 -5.64 1.84
C ASN A 78 19.31 -5.07 2.74
N ASP A 79 19.30 -3.73 2.98
CA ASP A 79 20.32 -3.10 3.80
C ASP A 79 19.69 -2.71 5.13
N ALA A 80 20.34 -3.13 6.25
CA ALA A 80 19.86 -2.85 7.60
C ALA A 80 19.83 -1.34 7.86
N GLU A 81 20.82 -0.59 7.30
CA GLU A 81 20.89 0.87 7.50
C GLU A 81 19.70 1.56 6.84
N LEU A 82 19.22 1.01 5.68
CA LEU A 82 18.10 1.63 4.97
C LEU A 82 16.82 0.93 5.40
N THR A 83 16.46 1.08 6.69
CA THR A 83 15.25 0.48 7.25
C THR A 83 14.36 1.61 7.71
N TYR A 84 13.06 1.50 7.40
CA TYR A 84 12.11 2.52 7.79
C TYR A 84 10.94 1.85 8.49
N GLU A 85 10.40 2.54 9.51
CA GLU A 85 9.25 2.07 10.26
C GLU A 85 8.26 3.20 10.23
N ILE A 86 7.06 2.86 9.74
CA ILE A 86 5.96 3.79 9.60
C ILE A 86 4.74 3.16 10.22
N LEU A 87 4.11 3.97 11.09
CA LEU A 87 2.95 3.64 11.87
C LEU A 87 1.95 4.70 11.49
N LEU A 88 0.70 4.29 11.17
CA LEU A 88 -0.32 5.21 10.72
C LEU A 88 -1.60 4.37 10.68
N PRO A 89 -2.78 5.00 10.64
CA PRO A 89 -4.06 4.27 10.61
C PRO A 89 -4.29 3.37 9.41
N ASN A 90 -5.08 2.27 9.64
CA ASN A 90 -5.44 1.33 8.57
C ASN A 90 -6.16 2.06 7.43
N HIS A 91 -7.05 3.03 7.79
CA HIS A 91 -7.76 3.85 6.80
C HIS A 91 -6.77 4.56 5.89
N GLU A 92 -5.71 5.19 6.46
CA GLU A 92 -4.71 5.88 5.66
C GLU A 92 -3.84 4.87 4.92
N PHE A 93 -3.50 3.71 5.56
CA PHE A 93 -2.64 2.69 4.92
C PHE A 93 -3.33 2.15 3.66
N LEU A 94 -4.66 1.87 3.73
CA LEU A 94 -5.37 1.36 2.56
C LEU A 94 -5.52 2.47 1.52
N GLU A 95 -5.55 3.78 1.91
CA GLU A 95 -5.62 4.86 0.91
C GLU A 95 -4.33 4.81 0.08
N TYR A 96 -3.17 4.58 0.75
CA TYR A 96 -1.87 4.41 0.10
C TYR A 96 -1.89 3.17 -0.78
N LEU A 97 -2.37 2.01 -0.26
CA LEU A 97 -2.43 0.78 -1.08
C LEU A 97 -3.37 0.98 -2.29
N ILE A 98 -4.51 1.69 -2.13
CA ILE A 98 -5.40 1.96 -3.26
C ILE A 98 -4.69 2.87 -4.26
N ASP A 99 -3.95 3.91 -3.79
CA ASP A 99 -3.20 4.81 -4.70
C ASP A 99 -2.12 4.01 -5.44
N MET A 100 -1.50 3.02 -4.73
CA MET A 100 -0.50 2.12 -5.34
C MET A 100 -1.15 1.34 -6.47
N LEU A 101 -2.40 0.86 -6.24
CA LEU A 101 -3.12 0.10 -7.27
C LEU A 101 -3.49 1.00 -8.43
N MET A 102 -3.78 2.30 -8.16
CA MET A 102 -4.07 3.25 -9.24
C MET A 102 -2.80 3.45 -10.08
N GLY A 103 -1.60 3.53 -9.43
CA GLY A 103 -0.32 3.66 -10.16
C GLY A 103 -0.07 2.40 -10.97
N TYR A 104 -0.37 1.22 -10.37
CA TYR A 104 -0.24 -0.08 -11.04
C TYR A 104 -1.15 -0.12 -12.26
N GLN A 105 -2.43 0.25 -12.07
CA GLN A 105 -3.42 0.26 -13.14
C GLN A 105 -3.02 1.18 -14.28
N ARG A 106 -2.49 2.41 -13.98
CA ARG A 106 -2.16 3.37 -15.03
C ARG A 106 -0.92 2.96 -15.84
N MET A 107 0.15 2.42 -15.16
CA MET A 107 1.40 2.10 -15.89
C MET A 107 1.51 0.62 -16.25
N GLN A 108 0.77 -0.27 -15.52
CA GLN A 108 0.79 -1.72 -15.76
C GLN A 108 2.11 -2.32 -15.27
N LYS A 109 2.74 -1.67 -14.25
CA LYS A 109 3.99 -2.13 -13.67
C LYS A 109 3.89 -1.93 -12.18
N THR A 110 4.70 -2.66 -11.37
CA THR A 110 4.65 -2.52 -9.90
C THR A 110 5.41 -1.27 -9.53
N ASP A 111 4.74 -0.31 -8.86
CA ASP A 111 5.39 0.91 -8.46
C ASP A 111 4.64 1.43 -7.24
N PHE A 112 5.38 2.06 -6.30
CA PHE A 112 4.78 2.62 -5.09
C PHE A 112 4.61 4.12 -5.34
N PRO A 113 3.62 4.74 -4.70
CA PRO A 113 3.39 6.17 -4.87
C PRO A 113 4.40 7.05 -4.17
N GLY A 114 4.68 8.24 -4.77
CA GLY A 114 5.65 9.20 -4.22
C GLY A 114 5.25 9.69 -2.85
N ALA A 115 3.92 9.87 -2.61
CA ALA A 115 3.43 10.36 -1.32
C ALA A 115 3.78 9.38 -0.20
N PHE A 116 3.88 8.05 -0.51
CA PHE A 116 4.23 7.07 0.53
C PHE A 116 5.64 7.34 1.03
N TYR A 117 6.61 7.52 0.09
CA TYR A 117 8.01 7.76 0.46
C TYR A 117 8.15 9.13 1.11
N ARG A 118 7.30 10.11 0.69
CA ARG A 118 7.32 11.46 1.26
C ARG A 118 7.03 11.40 2.77
N ARG A 119 6.04 10.54 3.15
CA ARG A 119 5.63 10.38 4.54
C ARG A 119 6.61 9.43 5.23
N LEU A 120 7.14 8.43 4.48
CA LEU A 120 8.10 7.46 5.01
C LEU A 120 9.37 8.19 5.46
N LEU A 121 9.84 9.20 4.67
CA LEU A 121 11.02 9.99 5.04
C LEU A 121 10.67 10.90 6.22
N GLY A 122 9.38 11.35 6.29
CA GLY A 122 8.94 12.21 7.38
C GLY A 122 9.01 13.66 6.96
N TYR A 123 8.71 13.97 5.67
CA TYR A 123 8.77 15.37 5.21
C TYR A 123 7.66 16.21 5.83
N ASP A 124 6.54 15.56 6.24
CA ASP A 124 5.44 16.29 6.86
C ASP A 124 5.58 16.20 8.38
N SER A 125 6.79 15.78 8.89
CA SER A 125 6.98 15.67 10.34
C SER A 125 7.45 17.04 10.91
N MET A 1 4.76 -12.83 -8.63
CA MET A 1 3.36 -12.47 -8.25
C MET A 1 2.98 -11.07 -8.73
N ARG A 2 2.15 -10.99 -9.81
CA ARG A 2 1.74 -9.71 -10.35
C ARG A 2 0.53 -9.21 -9.56
N ILE A 3 0.35 -7.88 -9.48
CA ILE A 3 -0.78 -7.27 -8.78
C ILE A 3 -2.09 -7.66 -9.49
N ASP A 4 -2.08 -7.71 -10.86
CA ASP A 4 -3.28 -8.09 -11.62
C ASP A 4 -3.65 -9.56 -11.36
N GLU A 5 -2.73 -10.37 -10.77
CA GLU A 5 -3.00 -11.77 -10.50
C GLU A 5 -3.59 -11.91 -9.10
N LEU A 6 -3.76 -10.79 -8.35
CA LEU A 6 -4.33 -10.86 -7.01
C LEU A 6 -5.83 -11.00 -7.14
N VAL A 7 -6.41 -11.99 -6.44
CA VAL A 7 -7.84 -12.21 -6.49
C VAL A 7 -8.49 -11.25 -5.51
N PRO A 8 -9.69 -10.78 -5.83
CA PRO A 8 -10.40 -9.86 -4.94
C PRO A 8 -10.95 -10.51 -3.70
N ALA A 9 -11.02 -9.74 -2.60
CA ALA A 9 -11.56 -10.23 -1.34
C ALA A 9 -13.07 -10.39 -1.47
N ASP A 10 -13.69 -11.18 -0.55
CA ASP A 10 -15.12 -11.44 -0.59
C ASP A 10 -15.89 -10.12 -0.40
N PRO A 11 -17.00 -9.95 -1.15
CA PRO A 11 -17.80 -8.71 -1.11
C PRO A 11 -18.43 -8.40 0.22
N ARG A 12 -18.73 -9.44 1.05
CA ARG A 12 -19.32 -9.24 2.37
C ARG A 12 -18.33 -8.52 3.28
N ALA A 13 -17.04 -8.93 3.18
CA ALA A 13 -15.96 -8.35 3.97
C ALA A 13 -15.59 -6.99 3.43
N VAL A 14 -15.47 -6.85 2.09
CA VAL A 14 -15.05 -5.57 1.49
C VAL A 14 -16.13 -4.52 1.62
N SER A 15 -17.43 -4.89 1.39
CA SER A 15 -18.52 -3.88 1.43
C SER A 15 -18.72 -3.37 2.84
N LEU A 16 -18.21 -4.13 3.85
CA LEU A 16 -18.34 -3.74 5.24
C LEU A 16 -17.32 -2.64 5.53
N TYR A 17 -16.18 -2.56 4.78
CA TYR A 17 -15.20 -1.50 5.04
C TYR A 17 -15.57 -0.25 4.25
N THR A 18 -16.32 -0.41 3.12
CA THR A 18 -16.72 0.71 2.22
C THR A 18 -17.33 1.93 2.95
N PRO A 19 -18.35 1.78 3.84
CA PRO A 19 -18.94 2.95 4.52
C PRO A 19 -18.02 3.70 5.46
N TYR A 20 -16.81 3.14 5.74
CA TYR A 20 -15.85 3.80 6.61
C TYR A 20 -14.95 4.70 5.79
N TYR A 21 -15.13 4.73 4.44
CA TYR A 21 -14.27 5.54 3.56
C TYR A 21 -15.17 6.49 2.78
N SER A 22 -15.64 6.07 1.58
CA SER A 22 -16.49 6.91 0.75
C SER A 22 -16.90 6.07 -0.43
N GLN A 23 -17.71 6.65 -1.35
CA GLN A 23 -18.14 5.94 -2.55
C GLN A 23 -17.60 6.70 -3.74
N ALA A 24 -16.68 6.06 -4.51
CA ALA A 24 -16.07 6.69 -5.65
C ALA A 24 -15.25 5.62 -6.35
N ASN A 25 -14.18 6.01 -7.09
CA ASN A 25 -13.33 5.04 -7.81
C ASN A 25 -12.49 4.25 -6.82
N ARG A 26 -12.45 4.67 -5.53
CA ARG A 26 -11.69 3.96 -4.51
C ARG A 26 -12.29 2.59 -4.24
N ARG A 27 -13.65 2.44 -4.32
CA ARG A 27 -14.29 1.15 -4.05
C ARG A 27 -13.94 0.13 -5.13
N ARG A 28 -13.50 0.59 -6.32
CA ARG A 28 -13.09 -0.27 -7.41
C ARG A 28 -11.82 -1.04 -7.03
N TYR A 29 -10.87 -0.37 -6.32
CA TYR A 29 -9.60 -1.01 -5.95
C TYR A 29 -9.67 -1.55 -4.54
N LEU A 30 -10.77 -1.29 -3.79
CA LEU A 30 -10.88 -1.78 -2.40
C LEU A 30 -10.79 -3.31 -2.32
N PRO A 31 -11.57 -4.08 -3.11
CA PRO A 31 -11.47 -5.55 -3.07
C PRO A 31 -10.11 -6.11 -3.38
N TYR A 32 -9.33 -5.42 -4.25
CA TYR A 32 -8.02 -5.91 -4.63
C TYR A 32 -6.97 -5.47 -3.60
N ALA A 33 -7.12 -4.23 -3.05
CA ALA A 33 -6.15 -3.72 -2.09
C ALA A 33 -6.39 -4.35 -0.73
N LEU A 34 -7.65 -4.80 -0.42
CA LEU A 34 -7.92 -5.46 0.86
C LEU A 34 -7.17 -6.80 0.86
N SER A 35 -7.12 -7.52 -0.31
CA SER A 35 -6.36 -8.77 -0.42
C SER A 35 -4.87 -8.50 -0.25
N LEU A 36 -4.36 -7.37 -0.84
CA LEU A 36 -2.95 -7.00 -0.72
C LEU A 36 -2.64 -6.69 0.75
N TYR A 37 -3.55 -5.93 1.41
CA TYR A 37 -3.45 -5.58 2.83
C TYR A 37 -3.37 -6.83 3.68
N GLN A 38 -4.26 -7.83 3.42
CA GLN A 38 -4.31 -9.10 4.16
C GLN A 38 -3.00 -9.89 4.02
N GLY A 39 -2.25 -9.68 2.91
CA GLY A 39 -0.97 -10.36 2.63
C GLY A 39 0.05 -10.11 3.72
N SER A 40 0.13 -8.87 4.26
CA SER A 40 1.06 -8.53 5.37
C SER A 40 2.54 -8.47 4.96
N SER A 41 2.92 -9.03 3.79
CA SER A 41 4.31 -9.00 3.35
C SER A 41 4.30 -8.95 1.85
N ILE A 42 5.05 -7.99 1.24
CA ILE A 42 5.08 -7.88 -0.21
C ILE A 42 6.42 -7.29 -0.63
N GLU A 43 6.84 -7.57 -1.90
CA GLU A 43 8.06 -7.01 -2.45
C GLU A 43 7.61 -5.86 -3.31
N GLY A 44 8.28 -4.69 -3.22
CA GLY A 44 7.85 -3.51 -3.96
C GLY A 44 8.97 -3.01 -4.79
N SER A 45 8.67 -2.22 -5.86
CA SER A 45 9.73 -1.65 -6.69
C SER A 45 9.47 -0.17 -6.69
N ARG A 46 10.50 0.66 -6.38
CA ARG A 46 10.30 2.11 -6.39
C ARG A 46 10.95 2.61 -7.65
N ALA A 47 10.15 3.24 -8.55
CA ALA A 47 10.67 3.77 -9.80
C ALA A 47 11.08 5.22 -9.55
N VAL A 48 12.29 5.57 -10.04
CA VAL A 48 12.81 6.92 -9.87
C VAL A 48 12.89 7.54 -11.24
N GLU A 49 12.26 8.74 -11.42
CA GLU A 49 12.26 9.41 -12.71
C GLU A 49 13.65 9.95 -12.98
N GLY A 50 14.29 9.47 -14.09
CA GLY A 50 15.65 9.91 -14.44
C GLY A 50 16.65 8.96 -13.84
N GLY A 51 16.19 7.88 -13.17
CA GLY A 51 17.08 6.91 -12.55
C GLY A 51 16.60 5.54 -12.91
N ALA A 52 17.01 4.54 -12.09
CA ALA A 52 16.63 3.15 -12.31
C ALA A 52 15.81 2.75 -11.10
N PRO A 53 14.91 1.77 -11.26
CA PRO A 53 14.07 1.32 -10.14
C PRO A 53 14.83 0.51 -9.10
N ILE A 54 14.40 0.61 -7.81
CA ILE A 54 15.08 -0.11 -6.73
C ILE A 54 14.11 -1.10 -6.10
N SER A 55 14.65 -2.24 -5.61
CA SER A 55 13.86 -3.29 -4.96
C SER A 55 13.87 -3.09 -3.46
N PHE A 56 12.63 -3.06 -2.86
CA PHE A 56 12.51 -2.93 -1.41
C PHE A 56 11.66 -4.06 -0.88
N VAL A 57 11.71 -4.29 0.46
CA VAL A 57 10.93 -5.35 1.09
C VAL A 57 9.98 -4.64 2.03
N ALA A 58 8.64 -4.92 2.00
CA ALA A 58 7.75 -4.22 2.93
C ALA A 58 6.90 -5.22 3.67
N THR A 59 6.77 -5.02 5.01
CA THR A 59 5.95 -5.91 5.85
C THR A 59 5.09 -5.03 6.73
N TRP A 60 3.95 -5.53 7.23
CA TRP A 60 3.10 -4.70 8.10
C TRP A 60 2.18 -5.58 8.91
N THR A 61 1.59 -4.99 9.98
CA THR A 61 0.65 -5.71 10.86
C THR A 61 -0.76 -5.38 10.41
N VAL A 62 -1.66 -6.39 10.41
CA VAL A 62 -3.04 -6.18 9.95
C VAL A 62 -4.00 -6.29 11.11
N THR A 63 -4.95 -5.32 11.21
CA THR A 63 -5.95 -5.30 12.26
C THR A 63 -7.32 -5.16 11.59
N PRO A 64 -8.37 -5.73 12.18
CA PRO A 64 -9.73 -5.69 11.61
C PRO A 64 -10.50 -4.39 11.79
N LEU A 65 -10.09 -3.52 12.74
CA LEU A 65 -10.81 -2.28 12.98
C LEU A 65 -10.16 -1.19 12.15
N PRO A 66 -10.92 -0.45 11.33
CA PRO A 66 -10.36 0.59 10.46
C PRO A 66 -9.81 1.79 11.20
N ALA A 67 -10.21 2.00 12.47
CA ALA A 67 -9.71 3.13 13.25
C ALA A 67 -8.38 2.78 13.91
N ASP A 68 -7.90 1.51 13.76
CA ASP A 68 -6.63 1.11 14.36
C ASP A 68 -5.49 1.56 13.45
N MET A 69 -4.27 1.68 14.05
CA MET A 69 -3.11 2.10 13.31
C MET A 69 -2.26 0.88 13.03
N THR A 70 -1.74 0.79 11.78
CA THR A 70 -0.92 -0.35 11.35
C THR A 70 0.53 0.08 11.43
N ARG A 71 1.47 -0.85 11.76
CA ARG A 71 2.89 -0.48 11.77
C ARG A 71 3.46 -1.17 10.55
N CYS A 72 4.03 -0.38 9.63
CA CYS A 72 4.61 -0.92 8.41
C CYS A 72 6.10 -0.70 8.46
N HIS A 73 6.84 -1.77 8.11
CA HIS A 73 8.29 -1.77 8.10
C HIS A 73 8.71 -1.89 6.66
N LEU A 74 9.64 -0.99 6.24
CA LEU A 74 10.15 -0.98 4.87
C LEU A 74 11.66 -1.02 4.95
N GLN A 75 12.26 -1.93 4.16
CA GLN A 75 13.70 -2.07 4.08
C GLN A 75 14.07 -1.97 2.62
N PHE A 76 14.96 -1.01 2.24
CA PHE A 76 15.33 -0.82 0.84
C PHE A 76 16.67 -1.47 0.54
N ASN A 77 16.70 -2.27 -0.58
CA ASN A 77 17.91 -2.94 -1.08
C ASN A 77 18.52 -3.89 -0.05
N ASN A 78 17.69 -4.41 0.91
CA ASN A 78 18.15 -5.34 1.96
C ASN A 78 19.26 -4.70 2.82
N ASP A 79 19.25 -3.36 2.95
CA ASP A 79 20.26 -2.66 3.72
C ASP A 79 19.66 -2.31 5.08
N ALA A 80 20.30 -2.77 6.17
CA ALA A 80 19.83 -2.53 7.54
C ALA A 80 19.83 -1.02 7.87
N GLU A 81 20.74 -0.23 7.24
CA GLU A 81 20.81 1.21 7.50
C GLU A 81 19.70 1.94 6.74
N LEU A 82 18.99 1.25 5.81
CA LEU A 82 17.90 1.87 5.05
C LEU A 82 16.62 1.19 5.48
N THR A 83 16.34 1.22 6.80
CA THR A 83 15.14 0.62 7.36
C THR A 83 14.25 1.74 7.84
N TYR A 84 12.94 1.64 7.55
CA TYR A 84 12.00 2.68 7.95
C TYR A 84 10.82 2.03 8.65
N GLU A 85 10.27 2.75 9.65
CA GLU A 85 9.10 2.30 10.41
C GLU A 85 8.12 3.44 10.28
N ILE A 86 6.92 3.10 9.77
CA ILE A 86 5.86 4.06 9.56
C ILE A 86 4.59 3.46 10.15
N LEU A 87 3.96 4.29 10.98
CA LEU A 87 2.76 4.00 11.73
C LEU A 87 1.79 5.08 11.32
N LEU A 88 0.54 4.69 10.99
CA LEU A 88 -0.45 5.62 10.52
C LEU A 88 -1.74 4.80 10.50
N PRO A 89 -2.91 5.45 10.43
CA PRO A 89 -4.20 4.73 10.42
C PRO A 89 -4.42 3.80 9.24
N ASN A 90 -5.25 2.74 9.46
CA ASN A 90 -5.60 1.79 8.39
C ASN A 90 -6.25 2.53 7.22
N HIS A 91 -7.11 3.54 7.51
CA HIS A 91 -7.74 4.34 6.44
C HIS A 91 -6.67 4.97 5.54
N GLU A 92 -5.62 5.58 6.14
CA GLU A 92 -4.56 6.21 5.36
C GLU A 92 -3.71 5.17 4.67
N PHE A 93 -3.44 4.00 5.35
CA PHE A 93 -2.61 2.96 4.74
C PHE A 93 -3.29 2.42 3.48
N LEU A 94 -4.64 2.20 3.52
CA LEU A 94 -5.34 1.69 2.33
C LEU A 94 -5.46 2.77 1.27
N GLU A 95 -5.45 4.10 1.62
CA GLU A 95 -5.48 5.14 0.58
C GLU A 95 -4.20 5.03 -0.25
N TYR A 96 -3.07 4.77 0.45
CA TYR A 96 -1.76 4.55 -0.18
C TYR A 96 -1.82 3.29 -1.04
N LEU A 97 -2.32 2.14 -0.48
CA LEU A 97 -2.41 0.91 -1.28
C LEU A 97 -3.33 1.09 -2.49
N ILE A 98 -4.46 1.83 -2.34
CA ILE A 98 -5.36 2.08 -3.47
C ILE A 98 -4.65 2.97 -4.51
N ASP A 99 -3.91 4.03 -4.06
CA ASP A 99 -3.17 4.89 -5.00
C ASP A 99 -2.10 4.06 -5.73
N MET A 100 -1.46 3.09 -5.00
CA MET A 100 -0.47 2.18 -5.59
C MET A 100 -1.13 1.36 -6.70
N LEU A 101 -2.37 0.85 -6.44
CA LEU A 101 -3.09 0.05 -7.44
C LEU A 101 -3.50 0.93 -8.61
N MET A 102 -3.82 2.23 -8.37
CA MET A 102 -4.16 3.15 -9.45
C MET A 102 -2.92 3.39 -10.32
N GLY A 103 -1.71 3.54 -9.69
CA GLY A 103 -0.45 3.69 -10.45
C GLY A 103 -0.19 2.45 -11.26
N TYR A 104 -0.46 1.25 -10.66
CA TYR A 104 -0.32 -0.04 -11.33
C TYR A 104 -1.27 -0.09 -12.52
N GLN A 105 -2.55 0.29 -12.30
CA GLN A 105 -3.56 0.29 -13.35
C GLN A 105 -3.17 1.17 -14.53
N ARG A 106 -2.58 2.38 -14.30
CA ARG A 106 -2.27 3.26 -15.42
C ARG A 106 -0.94 2.92 -16.09
N MET A 107 0.12 2.51 -15.32
CA MET A 107 1.43 2.25 -15.93
C MET A 107 1.63 0.77 -16.26
N GLN A 108 0.83 -0.14 -15.64
CA GLN A 108 0.91 -1.59 -15.87
C GLN A 108 2.27 -2.12 -15.42
N LYS A 109 2.75 -1.61 -14.25
CA LYS A 109 4.02 -2.05 -13.70
C LYS A 109 3.93 -1.76 -12.21
N THR A 110 4.64 -2.56 -11.36
CA THR A 110 4.58 -2.36 -9.90
C THR A 110 5.36 -1.12 -9.54
N ASP A 111 4.70 -0.14 -8.90
CA ASP A 111 5.36 1.09 -8.52
C ASP A 111 4.60 1.63 -7.32
N PHE A 112 5.34 2.21 -6.35
CA PHE A 112 4.73 2.79 -5.15
C PHE A 112 4.62 4.28 -5.39
N PRO A 113 3.65 4.94 -4.78
CA PRO A 113 3.48 6.39 -4.95
C PRO A 113 4.52 7.22 -4.21
N GLY A 114 4.90 8.38 -4.83
CA GLY A 114 5.90 9.29 -4.25
C GLY A 114 5.47 9.82 -2.90
N ALA A 115 4.13 9.99 -2.70
CA ALA A 115 3.60 10.51 -1.44
C ALA A 115 3.88 9.52 -0.29
N PHE A 116 4.11 8.21 -0.60
CA PHE A 116 4.39 7.23 0.45
C PHE A 116 5.78 7.50 0.99
N TYR A 117 6.78 7.68 0.09
CA TYR A 117 8.16 7.92 0.51
C TYR A 117 8.29 9.32 1.13
N ARG A 118 7.43 10.28 0.67
CA ARG A 118 7.44 11.64 1.19
C ARG A 118 7.10 11.64 2.69
N ARG A 119 6.09 10.80 3.08
CA ARG A 119 5.66 10.69 4.47
C ARG A 119 6.60 9.76 5.21
N LEU A 120 7.19 8.77 4.48
CA LEU A 120 8.13 7.82 5.07
C LEU A 120 9.38 8.57 5.54
N LEU A 121 9.88 9.56 4.74
CA LEU A 121 11.03 10.37 5.15
C LEU A 121 10.60 11.32 6.26
N GLY A 122 9.32 11.77 6.23
CA GLY A 122 8.79 12.68 7.24
C GLY A 122 8.88 14.10 6.77
N TYR A 123 8.66 14.35 5.44
CA TYR A 123 8.75 15.71 4.91
C TYR A 123 7.59 16.57 5.40
N ASP A 124 6.43 15.93 5.69
CA ASP A 124 5.26 16.66 6.17
C ASP A 124 5.23 16.61 7.70
N SER A 125 6.38 16.24 8.35
CA SER A 125 6.42 16.17 9.82
C SER A 125 6.73 17.56 10.42
N MET A 1 4.77 -10.72 -9.25
CA MET A 1 3.69 -10.14 -8.37
C MET A 1 2.82 -9.13 -9.12
N ARG A 2 1.96 -9.62 -10.06
CA ARG A 2 1.09 -8.75 -10.81
C ARG A 2 -0.19 -8.52 -10.02
N ILE A 3 -0.55 -7.23 -9.82
CA ILE A 3 -1.75 -6.84 -9.06
C ILE A 3 -3.02 -7.31 -9.79
N ASP A 4 -3.06 -7.22 -11.15
CA ASP A 4 -4.25 -7.66 -11.91
C ASP A 4 -4.45 -9.18 -11.79
N GLU A 5 -3.42 -9.94 -11.32
CA GLU A 5 -3.55 -11.39 -11.18
C GLU A 5 -3.90 -11.73 -9.74
N LEU A 6 -4.10 -10.69 -8.86
CA LEU A 6 -4.46 -10.96 -7.47
C LEU A 6 -5.95 -11.21 -7.42
N VAL A 7 -6.37 -12.20 -6.61
CA VAL A 7 -7.78 -12.51 -6.47
C VAL A 7 -8.34 -11.53 -5.44
N PRO A 8 -9.53 -11.00 -5.68
CA PRO A 8 -10.14 -10.05 -4.75
C PRO A 8 -10.66 -10.68 -3.49
N ALA A 9 -10.75 -9.86 -2.41
CA ALA A 9 -11.26 -10.35 -1.14
C ALA A 9 -12.77 -10.54 -1.26
N ASP A 10 -13.37 -11.31 -0.31
CA ASP A 10 -14.81 -11.60 -0.35
C ASP A 10 -15.61 -10.29 -0.20
N PRO A 11 -16.72 -10.17 -0.95
CA PRO A 11 -17.55 -8.94 -0.93
C PRO A 11 -18.19 -8.61 0.40
N ARG A 12 -18.47 -9.65 1.23
CA ARG A 12 -19.07 -9.44 2.56
C ARG A 12 -18.07 -8.70 3.45
N ALA A 13 -16.78 -9.10 3.36
CA ALA A 13 -15.72 -8.50 4.14
C ALA A 13 -15.35 -7.13 3.58
N VAL A 14 -15.25 -7.00 2.24
CA VAL A 14 -14.85 -5.72 1.63
C VAL A 14 -15.95 -4.68 1.77
N SER A 15 -17.24 -5.07 1.55
CA SER A 15 -18.35 -4.09 1.60
C SER A 15 -18.55 -3.58 3.01
N LEU A 16 -18.01 -4.32 4.01
CA LEU A 16 -18.12 -3.93 5.41
C LEU A 16 -17.12 -2.81 5.68
N TYR A 17 -16.00 -2.70 4.90
CA TYR A 17 -15.05 -1.63 5.15
C TYR A 17 -15.47 -0.38 4.38
N THR A 18 -16.23 -0.55 3.26
CA THR A 18 -16.67 0.55 2.37
C THR A 18 -17.27 1.77 3.10
N PRO A 19 -18.24 1.63 4.03
CA PRO A 19 -18.82 2.81 4.72
C PRO A 19 -17.85 3.62 5.58
N TYR A 20 -16.63 3.08 5.82
CA TYR A 20 -15.63 3.78 6.62
C TYR A 20 -14.76 4.64 5.71
N TYR A 21 -14.99 4.59 4.37
CA TYR A 21 -14.16 5.35 3.42
C TYR A 21 -15.08 6.26 2.62
N SER A 22 -15.59 5.78 1.45
CA SER A 22 -16.48 6.58 0.63
C SER A 22 -16.94 5.70 -0.50
N GLN A 23 -17.87 6.20 -1.34
CA GLN A 23 -18.38 5.45 -2.48
C GLN A 23 -17.91 6.17 -3.73
N ALA A 24 -16.92 5.57 -4.45
CA ALA A 24 -16.38 6.19 -5.64
C ALA A 24 -15.49 5.15 -6.29
N ASN A 25 -14.48 5.62 -7.09
CA ASN A 25 -13.56 4.72 -7.79
C ASN A 25 -12.69 3.95 -6.78
N ARG A 26 -12.57 4.46 -5.53
CA ARG A 26 -11.78 3.78 -4.50
C ARG A 26 -12.40 2.43 -4.16
N ARG A 27 -13.75 2.31 -4.31
CA ARG A 27 -14.46 1.06 -4.00
C ARG A 27 -14.03 -0.02 -4.99
N ARG A 28 -13.73 0.37 -6.26
CA ARG A 28 -13.30 -0.56 -7.30
C ARG A 28 -11.97 -1.24 -6.96
N TYR A 29 -11.01 -0.49 -6.36
CA TYR A 29 -9.69 -1.04 -6.06
C TYR A 29 -9.66 -1.59 -4.64
N LEU A 30 -10.73 -1.37 -3.84
CA LEU A 30 -10.77 -1.82 -2.44
C LEU A 30 -10.62 -3.35 -2.33
N PRO A 31 -11.42 -4.18 -3.04
CA PRO A 31 -11.27 -5.64 -2.97
C PRO A 31 -9.91 -6.17 -3.33
N TYR A 32 -9.21 -5.48 -4.28
CA TYR A 32 -7.90 -5.96 -4.72
C TYR A 32 -6.83 -5.48 -3.74
N ALA A 33 -6.97 -4.24 -3.20
CA ALA A 33 -5.98 -3.72 -2.27
C ALA A 33 -6.17 -4.36 -0.91
N LEU A 34 -7.42 -4.78 -0.56
CA LEU A 34 -7.67 -5.47 0.72
C LEU A 34 -6.96 -6.82 0.66
N SER A 35 -6.99 -7.48 -0.54
CA SER A 35 -6.30 -8.77 -0.74
C SER A 35 -4.79 -8.57 -0.60
N LEU A 36 -4.22 -7.48 -1.21
CA LEU A 36 -2.77 -7.19 -1.11
C LEU A 36 -2.41 -6.90 0.36
N TYR A 37 -3.31 -6.14 1.05
CA TYR A 37 -3.17 -5.79 2.47
C TYR A 37 -3.06 -7.06 3.33
N GLN A 38 -3.95 -8.07 3.08
CA GLN A 38 -3.95 -9.33 3.85
C GLN A 38 -2.66 -10.13 3.62
N GLY A 39 -1.95 -9.89 2.48
CA GLY A 39 -0.69 -10.58 2.14
C GLY A 39 0.37 -10.31 3.20
N SER A 40 0.44 -9.05 3.72
CA SER A 40 1.37 -8.66 4.80
C SER A 40 2.84 -8.64 4.35
N SER A 41 3.14 -8.92 3.06
CA SER A 41 4.51 -8.93 2.60
C SER A 41 4.45 -8.76 1.10
N ILE A 42 5.18 -7.75 0.56
CA ILE A 42 5.16 -7.52 -0.87
C ILE A 42 6.47 -6.88 -1.29
N GLU A 43 6.86 -7.09 -2.58
CA GLU A 43 8.06 -6.47 -3.12
C GLU A 43 7.53 -5.30 -3.92
N GLY A 44 8.15 -4.12 -3.77
CA GLY A 44 7.64 -2.93 -4.43
C GLY A 44 8.78 -2.21 -5.10
N SER A 45 8.48 -1.33 -6.07
CA SER A 45 9.54 -0.58 -6.73
C SER A 45 9.18 0.88 -6.67
N ARG A 46 10.19 1.72 -6.35
CA ARG A 46 9.99 3.16 -6.31
C ARG A 46 10.51 3.68 -7.63
N ALA A 47 9.63 4.42 -8.37
CA ALA A 47 10.01 4.96 -9.66
C ALA A 47 10.53 6.37 -9.45
N VAL A 48 11.73 6.65 -10.01
CA VAL A 48 12.36 7.95 -9.89
C VAL A 48 12.43 8.55 -11.28
N GLU A 49 11.90 9.78 -11.47
CA GLU A 49 11.92 10.42 -12.77
C GLU A 49 13.32 10.92 -13.05
N GLY A 50 13.92 10.46 -14.18
CA GLY A 50 15.29 10.85 -14.54
C GLY A 50 16.27 9.89 -13.93
N GLY A 51 15.76 8.80 -13.28
CA GLY A 51 16.64 7.81 -12.66
C GLY A 51 16.15 6.44 -13.05
N ALA A 52 16.52 5.43 -12.24
CA ALA A 52 16.12 4.06 -12.49
C ALA A 52 15.37 3.61 -11.25
N PRO A 53 14.45 2.65 -11.40
CA PRO A 53 13.67 2.17 -10.26
C PRO A 53 14.47 1.35 -9.28
N ILE A 54 14.10 1.40 -7.97
CA ILE A 54 14.81 0.67 -6.94
C ILE A 54 13.89 -0.36 -6.31
N SER A 55 14.39 -1.60 -6.15
CA SER A 55 13.65 -2.71 -5.55
C SER A 55 13.78 -2.64 -4.04
N PHE A 56 12.61 -2.58 -3.34
CA PHE A 56 12.62 -2.57 -1.88
C PHE A 56 11.78 -3.73 -1.38
N VAL A 57 11.87 -4.04 -0.06
CA VAL A 57 11.11 -5.14 0.54
C VAL A 57 10.16 -4.50 1.53
N ALA A 58 8.82 -4.79 1.52
CA ALA A 58 7.94 -4.15 2.50
C ALA A 58 7.11 -5.20 3.20
N THR A 59 6.99 -5.07 4.55
CA THR A 59 6.18 -6.00 5.35
C THR A 59 5.35 -5.16 6.29
N TRP A 60 4.21 -5.70 6.80
CA TRP A 60 3.38 -4.91 7.71
C TRP A 60 2.48 -5.83 8.51
N THR A 61 1.89 -5.26 9.60
CA THR A 61 0.96 -6.00 10.46
C THR A 61 -0.45 -5.63 10.03
N VAL A 62 -1.39 -6.61 10.05
CA VAL A 62 -2.77 -6.36 9.62
C VAL A 62 -3.70 -6.40 10.81
N THR A 63 -4.61 -5.39 10.91
CA THR A 63 -5.58 -5.32 11.99
C THR A 63 -6.97 -5.21 11.34
N PRO A 64 -8.00 -5.73 11.99
CA PRO A 64 -9.37 -5.71 11.44
C PRO A 64 -10.17 -4.45 11.66
N LEU A 65 -9.72 -3.56 12.58
CA LEU A 65 -10.48 -2.33 12.85
C LEU A 65 -9.86 -1.19 12.06
N PRO A 66 -10.71 -0.31 11.50
CA PRO A 66 -10.24 0.82 10.68
C PRO A 66 -9.54 1.93 11.45
N ALA A 67 -9.77 1.99 12.78
CA ALA A 67 -9.15 3.03 13.62
C ALA A 67 -7.83 2.55 14.21
N ASP A 68 -7.41 1.29 13.93
CA ASP A 68 -6.15 0.78 14.48
C ASP A 68 -5.01 1.23 13.58
N MET A 69 -3.78 1.30 14.16
CA MET A 69 -2.60 1.70 13.41
C MET A 69 -1.83 0.46 13.05
N THR A 70 -1.34 0.42 11.78
CA THR A 70 -0.56 -0.72 11.28
C THR A 70 0.89 -0.31 11.34
N ARG A 71 1.83 -1.27 11.62
CA ARG A 71 3.25 -0.92 11.62
C ARG A 71 3.77 -1.52 10.35
N CYS A 72 4.31 -0.68 9.46
CA CYS A 72 4.84 -1.15 8.20
C CYS A 72 6.34 -0.92 8.21
N HIS A 73 7.08 -1.96 7.80
CA HIS A 73 8.53 -1.94 7.75
C HIS A 73 8.94 -1.98 6.30
N LEU A 74 9.85 -1.06 5.93
CA LEU A 74 10.35 -0.96 4.57
C LEU A 74 11.86 -0.99 4.62
N GLN A 75 12.45 -1.85 3.73
CA GLN A 75 13.90 -1.97 3.61
C GLN A 75 14.24 -1.79 2.15
N PHE A 76 15.12 -0.82 1.83
CA PHE A 76 15.51 -0.58 0.43
C PHE A 76 16.83 -1.26 0.15
N ASN A 77 16.86 -2.07 -0.94
CA ASN A 77 18.08 -2.78 -1.40
C ASN A 77 18.61 -3.75 -0.33
N ASN A 78 17.72 -4.28 0.57
CA ASN A 78 18.10 -5.23 1.63
C ASN A 78 19.20 -4.64 2.53
N ASP A 79 19.13 -3.31 2.81
CA ASP A 79 20.14 -2.66 3.62
C ASP A 79 19.50 -2.34 4.98
N ALA A 80 20.12 -2.87 6.07
CA ALA A 80 19.62 -2.66 7.43
C ALA A 80 19.73 -1.19 7.84
N GLU A 81 20.64 -0.41 7.20
CA GLU A 81 20.80 1.00 7.52
C GLU A 81 19.73 1.83 6.80
N LEU A 82 18.96 1.20 5.87
CA LEU A 82 17.91 1.89 5.13
C LEU A 82 16.59 1.30 5.56
N THR A 83 16.45 1.08 6.89
CA THR A 83 15.22 0.51 7.46
C THR A 83 14.30 1.65 7.82
N TYR A 84 13.03 1.56 7.39
CA TYR A 84 12.06 2.59 7.70
C TYR A 84 10.90 1.93 8.43
N GLU A 85 10.36 2.64 9.45
CA GLU A 85 9.21 2.18 10.21
C GLU A 85 8.20 3.29 10.11
N ILE A 86 7.01 2.94 9.62
CA ILE A 86 5.93 3.87 9.42
C ILE A 86 4.66 3.27 10.01
N LEU A 87 3.98 4.16 10.78
CA LEU A 87 2.75 3.89 11.49
C LEU A 87 1.80 4.95 11.01
N LEU A 88 0.54 4.55 10.78
CA LEU A 88 -0.48 5.44 10.29
C LEU A 88 -1.74 4.60 10.46
N PRO A 89 -2.91 5.22 10.51
CA PRO A 89 -4.17 4.47 10.65
C PRO A 89 -4.45 3.53 9.51
N ASN A 90 -5.20 2.43 9.80
CA ASN A 90 -5.59 1.43 8.80
C ASN A 90 -6.32 2.11 7.64
N HIS A 91 -7.26 3.06 7.97
CA HIS A 91 -8.00 3.81 6.95
C HIS A 91 -7.04 4.55 6.00
N GLU A 92 -6.03 5.25 6.57
CA GLU A 92 -5.07 6.00 5.76
C GLU A 92 -4.13 5.05 5.04
N PHE A 93 -3.74 3.90 5.66
CA PHE A 93 -2.83 2.95 5.03
C PHE A 93 -3.43 2.38 3.74
N LEU A 94 -4.77 2.11 3.74
CA LEU A 94 -5.42 1.58 2.53
C LEU A 94 -5.51 2.67 1.47
N GLU A 95 -5.46 3.99 1.82
CA GLU A 95 -5.49 5.06 0.81
C GLU A 95 -4.22 4.97 -0.04
N TYR A 96 -3.07 4.67 0.62
CA TYR A 96 -1.78 4.47 -0.06
C TYR A 96 -1.88 3.27 -0.98
N LEU A 97 -2.37 2.11 -0.45
CA LEU A 97 -2.48 0.89 -1.29
C LEU A 97 -3.48 1.11 -2.44
N ILE A 98 -4.60 1.83 -2.22
CA ILE A 98 -5.55 2.12 -3.31
C ILE A 98 -4.91 3.07 -4.34
N ASP A 99 -4.17 4.12 -3.88
CA ASP A 99 -3.50 5.06 -4.82
C ASP A 99 -2.42 4.29 -5.62
N MET A 100 -1.77 3.29 -4.97
CA MET A 100 -0.77 2.42 -5.62
C MET A 100 -1.44 1.66 -6.77
N LEU A 101 -2.72 1.20 -6.56
CA LEU A 101 -3.43 0.46 -7.59
C LEU A 101 -3.78 1.39 -8.74
N MET A 102 -4.04 2.71 -8.46
CA MET A 102 -4.31 3.67 -9.52
C MET A 102 -3.03 3.84 -10.36
N GLY A 103 -1.84 3.94 -9.70
CA GLY A 103 -0.56 4.05 -10.42
C GLY A 103 -0.30 2.80 -11.23
N TYR A 104 -0.61 1.62 -10.64
CA TYR A 104 -0.47 0.32 -11.30
C TYR A 104 -1.35 0.29 -12.53
N GLN A 105 -2.63 0.67 -12.37
CA GLN A 105 -3.58 0.69 -13.47
C GLN A 105 -3.15 1.63 -14.60
N ARG A 106 -2.67 2.85 -14.28
CA ARG A 106 -2.35 3.82 -15.32
C ARG A 106 -1.06 3.46 -16.08
N MET A 107 -0.01 2.96 -15.36
CA MET A 107 1.29 2.68 -16.03
C MET A 107 1.43 1.21 -16.42
N GLN A 108 0.62 0.31 -15.79
CA GLN A 108 0.66 -1.14 -16.06
C GLN A 108 1.98 -1.76 -15.61
N LYS A 109 2.50 -1.26 -14.46
CA LYS A 109 3.74 -1.75 -13.88
C LYS A 109 3.60 -1.54 -12.38
N THR A 110 4.41 -2.26 -11.55
CA THR A 110 4.31 -2.11 -10.10
C THR A 110 5.19 -0.94 -9.70
N ASP A 111 4.56 0.20 -9.35
CA ASP A 111 5.30 1.38 -8.95
C ASP A 111 4.59 1.96 -7.75
N PHE A 112 5.35 2.27 -6.68
CA PHE A 112 4.75 2.87 -5.50
C PHE A 112 4.66 4.38 -5.72
N PRO A 113 3.65 5.03 -5.13
CA PRO A 113 3.47 6.47 -5.30
C PRO A 113 4.46 7.30 -4.50
N GLY A 114 4.84 8.48 -5.07
CA GLY A 114 5.80 9.39 -4.43
C GLY A 114 5.31 9.90 -3.09
N ALA A 115 3.96 10.02 -2.93
CA ALA A 115 3.39 10.50 -1.67
C ALA A 115 3.65 9.51 -0.53
N PHE A 116 3.85 8.21 -0.85
CA PHE A 116 4.12 7.21 0.18
C PHE A 116 5.51 7.46 0.75
N TYR A 117 6.52 7.68 -0.14
CA TYR A 117 7.89 7.92 0.30
C TYR A 117 7.99 9.30 0.98
N ARG A 118 7.14 10.27 0.56
CA ARG A 118 7.14 11.61 1.15
C ARG A 118 6.79 11.53 2.64
N ARG A 119 5.80 10.66 2.98
CA ARG A 119 5.36 10.48 4.36
C ARG A 119 6.31 9.53 5.07
N LEU A 120 6.97 8.63 4.31
CA LEU A 120 7.95 7.68 4.86
C LEU A 120 9.15 8.47 5.38
N LEU A 121 9.58 9.54 4.64
CA LEU A 121 10.68 10.39 5.08
C LEU A 121 10.22 11.23 6.27
N GLY A 122 8.90 11.58 6.31
CA GLY A 122 8.35 12.37 7.39
C GLY A 122 8.36 13.83 7.02
N TYR A 123 8.18 14.15 5.71
CA TYR A 123 8.20 15.55 5.25
C TYR A 123 6.97 16.28 5.76
N ASP A 124 5.86 15.55 6.01
CA ASP A 124 4.63 16.16 6.51
C ASP A 124 4.60 16.06 8.03
N SER A 125 5.74 15.69 8.69
CA SER A 125 5.75 15.57 10.15
C SER A 125 6.02 16.96 10.78
N MET A 1 2.48 -12.58 -7.45
CA MET A 1 3.50 -11.48 -7.46
C MET A 1 2.99 -10.23 -8.17
N ARG A 2 2.26 -10.40 -9.31
CA ARG A 2 1.73 -9.26 -10.05
C ARG A 2 0.42 -8.84 -9.42
N ILE A 3 0.18 -7.51 -9.34
CA ILE A 3 -1.04 -6.95 -8.75
C ILE A 3 -2.26 -7.37 -9.57
N ASP A 4 -2.15 -7.40 -10.94
CA ASP A 4 -3.27 -7.80 -11.80
C ASP A 4 -3.63 -9.29 -11.59
N GLU A 5 -2.71 -10.09 -10.98
CA GLU A 5 -2.97 -11.51 -10.75
C GLU A 5 -3.55 -11.70 -9.35
N LEU A 6 -3.76 -10.60 -8.58
CA LEU A 6 -4.32 -10.73 -7.24
C LEU A 6 -5.82 -10.90 -7.36
N VAL A 7 -6.36 -11.93 -6.68
CA VAL A 7 -7.78 -12.18 -6.70
C VAL A 7 -8.42 -11.26 -5.68
N PRO A 8 -9.64 -10.80 -5.94
CA PRO A 8 -10.31 -9.90 -5.02
C PRO A 8 -10.82 -10.57 -3.77
N ALA A 9 -10.91 -9.78 -2.66
CA ALA A 9 -11.39 -10.30 -1.40
C ALA A 9 -12.90 -10.50 -1.50
N ASP A 10 -13.48 -11.29 -0.56
CA ASP A 10 -14.92 -11.59 -0.59
C ASP A 10 -15.73 -10.28 -0.39
N PRO A 11 -16.84 -10.15 -1.12
CA PRO A 11 -17.68 -8.92 -1.04
C PRO A 11 -18.29 -8.64 0.30
N ARG A 12 -18.55 -9.69 1.11
CA ARG A 12 -19.13 -9.51 2.45
C ARG A 12 -18.14 -8.78 3.34
N ALA A 13 -16.83 -9.16 3.21
CA ALA A 13 -15.77 -8.55 4.00
C ALA A 13 -15.42 -7.18 3.45
N VAL A 14 -15.33 -7.04 2.11
CA VAL A 14 -14.94 -5.76 1.50
C VAL A 14 -16.04 -4.72 1.66
N SER A 15 -17.33 -5.12 1.47
CA SER A 15 -18.44 -4.14 1.53
C SER A 15 -18.58 -3.57 2.93
N LEU A 16 -18.01 -4.26 3.94
CA LEU A 16 -18.07 -3.80 5.32
C LEU A 16 -17.08 -2.65 5.50
N TYR A 17 -15.96 -2.58 4.71
CA TYR A 17 -15.02 -1.47 4.87
C TYR A 17 -15.46 -0.28 4.01
N THR A 18 -16.29 -0.56 2.96
CA THR A 18 -16.78 0.46 1.99
C THR A 18 -17.39 1.72 2.63
N PRO A 19 -18.30 1.65 3.63
CA PRO A 19 -18.87 2.88 4.23
C PRO A 19 -17.89 3.84 4.88
N TYR A 20 -16.62 3.42 5.05
CA TYR A 20 -15.60 4.29 5.64
C TYR A 20 -14.93 5.11 4.55
N TYR A 21 -15.28 4.87 3.24
CA TYR A 21 -14.65 5.58 2.14
C TYR A 21 -15.74 6.20 1.28
N SER A 22 -15.78 7.56 1.21
CA SER A 22 -16.79 8.23 0.41
C SER A 22 -16.21 8.53 -0.97
N GLN A 23 -15.97 7.47 -1.77
CA GLN A 23 -15.42 7.67 -3.10
C GLN A 23 -15.69 6.42 -3.92
N ALA A 24 -16.41 6.58 -5.07
CA ALA A 24 -16.74 5.46 -5.95
C ALA A 24 -15.48 4.85 -6.56
N ASN A 25 -14.49 5.70 -6.92
CA ASN A 25 -13.24 5.22 -7.53
C ASN A 25 -12.47 4.33 -6.56
N ARG A 26 -12.45 4.67 -5.24
CA ARG A 26 -11.73 3.87 -4.26
C ARG A 26 -12.44 2.54 -4.04
N ARG A 27 -13.79 2.50 -4.21
CA ARG A 27 -14.58 1.27 -4.03
C ARG A 27 -14.12 0.21 -5.04
N ARG A 28 -13.76 0.66 -6.27
CA ARG A 28 -13.31 -0.23 -7.33
C ARG A 28 -12.01 -0.96 -6.97
N TYR A 29 -11.04 -0.27 -6.32
CA TYR A 29 -9.75 -0.89 -5.99
C TYR A 29 -9.77 -1.47 -4.59
N LEU A 30 -10.84 -1.20 -3.79
CA LEU A 30 -10.94 -1.71 -2.42
C LEU A 30 -10.80 -3.23 -2.32
N PRO A 31 -11.55 -4.05 -3.09
CA PRO A 31 -11.41 -5.50 -2.97
C PRO A 31 -10.08 -6.05 -3.42
N TYR A 32 -9.34 -5.31 -4.28
CA TYR A 32 -8.06 -5.79 -4.76
C TYR A 32 -6.96 -5.34 -3.81
N ALA A 33 -7.10 -4.10 -3.23
CA ALA A 33 -6.10 -3.59 -2.30
C ALA A 33 -6.27 -4.26 -0.95
N LEU A 34 -7.52 -4.69 -0.59
CA LEU A 34 -7.75 -5.40 0.67
C LEU A 34 -7.03 -6.74 0.58
N SER A 35 -7.05 -7.39 -0.62
CA SER A 35 -6.35 -8.65 -0.85
C SER A 35 -4.84 -8.46 -0.67
N LEU A 36 -4.27 -7.34 -1.22
CA LEU A 36 -2.83 -7.04 -1.08
C LEU A 36 -2.51 -6.79 0.40
N TYR A 37 -3.41 -6.03 1.09
CA TYR A 37 -3.30 -5.72 2.52
C TYR A 37 -3.22 -7.01 3.34
N GLN A 38 -4.12 -8.00 3.06
CA GLN A 38 -4.14 -9.27 3.81
C GLN A 38 -2.85 -10.07 3.59
N GLY A 39 -2.13 -9.79 2.47
CA GLY A 39 -0.85 -10.45 2.14
C GLY A 39 0.19 -10.21 3.22
N SER A 40 0.20 -8.98 3.81
CA SER A 40 1.12 -8.63 4.92
C SER A 40 2.56 -8.44 4.47
N SER A 41 2.89 -8.72 3.19
CA SER A 41 4.25 -8.55 2.72
C SER A 41 4.20 -8.48 1.21
N ILE A 42 4.95 -7.52 0.63
CA ILE A 42 4.96 -7.38 -0.82
C ILE A 42 6.30 -6.78 -1.22
N GLU A 43 6.71 -7.01 -2.50
CA GLU A 43 7.94 -6.44 -3.02
C GLU A 43 7.46 -5.27 -3.84
N GLY A 44 8.11 -4.10 -3.71
CA GLY A 44 7.62 -2.91 -4.38
C GLY A 44 8.76 -2.16 -4.99
N SER A 45 8.48 -1.30 -5.98
CA SER A 45 9.53 -0.52 -6.61
C SER A 45 9.15 0.93 -6.51
N ARG A 46 10.11 1.77 -6.11
CA ARG A 46 9.89 3.20 -6.01
C ARG A 46 10.42 3.81 -7.28
N ALA A 47 9.55 4.53 -8.03
CA ALA A 47 9.93 5.12 -9.30
C ALA A 47 10.57 6.48 -9.04
N VAL A 48 11.67 6.77 -9.78
CA VAL A 48 12.38 8.03 -9.64
C VAL A 48 12.32 8.72 -10.98
N GLU A 49 11.85 10.00 -11.01
CA GLU A 49 11.75 10.71 -12.27
C GLU A 49 13.13 11.17 -12.70
N GLY A 50 13.59 10.68 -13.88
CA GLY A 50 14.92 11.03 -14.39
C GLY A 50 15.95 10.06 -13.86
N GLY A 51 15.50 8.98 -13.16
CA GLY A 51 16.41 8.00 -12.60
C GLY A 51 15.90 6.63 -12.92
N ALA A 52 16.35 5.63 -12.14
CA ALA A 52 15.93 4.25 -12.32
C ALA A 52 15.19 3.85 -11.04
N PRO A 53 14.27 2.89 -11.13
CA PRO A 53 13.51 2.44 -9.96
C PRO A 53 14.34 1.63 -8.97
N ILE A 54 13.97 1.69 -7.67
CA ILE A 54 14.72 0.95 -6.65
C ILE A 54 13.79 -0.11 -6.03
N SER A 55 14.32 -1.34 -5.89
CA SER A 55 13.61 -2.47 -5.31
C SER A 55 13.73 -2.44 -3.79
N PHE A 56 12.56 -2.48 -3.11
CA PHE A 56 12.54 -2.51 -1.65
C PHE A 56 11.74 -3.72 -1.18
N VAL A 57 11.84 -4.05 0.13
CA VAL A 57 11.12 -5.18 0.71
C VAL A 57 10.15 -4.57 1.71
N ALA A 58 8.82 -4.90 1.71
CA ALA A 58 7.92 -4.29 2.69
C ALA A 58 7.12 -5.35 3.43
N THR A 59 6.95 -5.14 4.76
CA THR A 59 6.16 -6.06 5.60
C THR A 59 5.28 -5.19 6.49
N TRP A 60 4.12 -5.71 6.98
CA TRP A 60 3.27 -4.91 7.84
C TRP A 60 2.36 -5.81 8.67
N THR A 61 1.77 -5.25 9.75
CA THR A 61 0.85 -6.00 10.63
C THR A 61 -0.58 -5.65 10.23
N VAL A 62 -1.46 -6.66 10.18
CA VAL A 62 -2.85 -6.44 9.74
C VAL A 62 -3.81 -6.60 10.92
N THR A 63 -4.77 -5.64 11.05
CA THR A 63 -5.78 -5.69 12.10
C THR A 63 -7.13 -5.47 11.41
N PRO A 64 -8.20 -6.06 11.94
CA PRO A 64 -9.54 -5.96 11.32
C PRO A 64 -10.30 -4.65 11.47
N LEU A 65 -9.95 -3.82 12.49
CA LEU A 65 -10.69 -2.57 12.69
C LEU A 65 -10.02 -1.46 11.89
N PRO A 66 -10.80 -0.69 11.11
CA PRO A 66 -10.23 0.39 10.28
C PRO A 66 -9.69 1.57 11.06
N ALA A 67 -10.08 1.68 12.36
CA ALA A 67 -9.62 2.77 13.21
C ALA A 67 -8.29 2.39 13.88
N ASP A 68 -7.83 1.11 13.71
CA ASP A 68 -6.57 0.68 14.31
C ASP A 68 -5.41 1.17 13.44
N MET A 69 -4.20 1.26 14.06
CA MET A 69 -3.01 1.71 13.34
C MET A 69 -2.17 0.49 13.01
N THR A 70 -1.64 0.46 11.76
CA THR A 70 -0.80 -0.66 11.30
C THR A 70 0.63 -0.18 11.32
N ARG A 71 1.62 -1.06 11.61
CA ARG A 71 3.02 -0.65 11.56
C ARG A 71 3.59 -1.35 10.36
N CYS A 72 4.13 -0.57 9.40
CA CYS A 72 4.69 -1.10 8.19
C CYS A 72 6.18 -0.83 8.22
N HIS A 73 6.96 -1.87 7.86
CA HIS A 73 8.41 -1.82 7.82
C HIS A 73 8.82 -1.92 6.38
N LEU A 74 9.72 -0.99 5.97
CA LEU A 74 10.21 -0.93 4.61
C LEU A 74 11.72 -0.95 4.68
N GLN A 75 12.34 -1.85 3.88
CA GLN A 75 13.80 -1.97 3.81
C GLN A 75 14.17 -1.82 2.35
N PHE A 76 15.02 -0.80 2.03
CA PHE A 76 15.40 -0.54 0.64
C PHE A 76 16.75 -1.17 0.30
N ASN A 77 16.79 -1.84 -0.91
CA ASN A 77 18.02 -2.47 -1.44
C ASN A 77 18.56 -3.55 -0.49
N ASN A 78 17.68 -4.10 0.40
CA ASN A 78 18.05 -5.14 1.37
C ASN A 78 19.18 -4.62 2.28
N ASP A 79 19.20 -3.29 2.57
CA ASP A 79 20.22 -2.70 3.40
C ASP A 79 19.57 -2.34 4.74
N ALA A 80 20.11 -2.92 5.84
CA ALA A 80 19.57 -2.68 7.19
C ALA A 80 19.70 -1.21 7.59
N GLU A 81 20.66 -0.45 6.99
CA GLU A 81 20.85 0.96 7.31
C GLU A 81 19.80 1.81 6.58
N LEU A 82 19.05 1.20 5.62
CA LEU A 82 18.02 1.93 4.88
C LEU A 82 16.69 1.31 5.25
N THR A 83 16.41 1.26 6.57
CA THR A 83 15.18 0.69 7.09
C THR A 83 14.30 1.82 7.55
N TYR A 84 12.99 1.73 7.21
CA TYR A 84 12.04 2.76 7.58
C TYR A 84 10.85 2.10 8.26
N GLU A 85 10.27 2.82 9.24
CA GLU A 85 9.10 2.37 9.96
C GLU A 85 8.08 3.46 9.79
N ILE A 86 6.89 3.04 9.30
CA ILE A 86 5.78 3.94 9.05
C ILE A 86 4.56 3.29 9.67
N LEU A 87 3.94 4.06 10.56
CA LEU A 87 2.78 3.68 11.33
C LEU A 87 1.78 4.77 11.07
N LEU A 88 0.52 4.36 10.74
CA LEU A 88 -0.51 5.30 10.39
C LEU A 88 -1.78 4.45 10.48
N PRO A 89 -2.96 5.06 10.52
CA PRO A 89 -4.23 4.32 10.59
C PRO A 89 -4.50 3.42 9.40
N ASN A 90 -5.24 2.30 9.63
CA ASN A 90 -5.62 1.36 8.55
C ASN A 90 -6.38 2.08 7.45
N HIS A 91 -7.30 3.01 7.82
CA HIS A 91 -8.05 3.79 6.83
C HIS A 91 -7.09 4.55 5.91
N GLU A 92 -6.07 5.24 6.48
CA GLU A 92 -5.11 5.98 5.70
C GLU A 92 -4.14 5.05 4.98
N PHE A 93 -3.75 3.90 5.60
CA PHE A 93 -2.82 2.95 4.98
C PHE A 93 -3.42 2.39 3.69
N LEU A 94 -4.74 2.09 3.68
CA LEU A 94 -5.37 1.56 2.47
C LEU A 94 -5.50 2.67 1.43
N GLU A 95 -5.52 3.98 1.80
CA GLU A 95 -5.58 5.05 0.79
C GLU A 95 -4.29 5.00 -0.04
N TYR A 96 -3.14 4.73 0.65
CA TYR A 96 -1.84 4.57 -0.02
C TYR A 96 -1.88 3.37 -0.96
N LEU A 97 -2.35 2.19 -0.44
CA LEU A 97 -2.43 0.98 -1.28
C LEU A 97 -3.39 1.18 -2.45
N ILE A 98 -4.53 1.89 -2.25
CA ILE A 98 -5.47 2.16 -3.35
C ILE A 98 -4.81 3.11 -4.36
N ASP A 99 -4.07 4.16 -3.89
CA ASP A 99 -3.40 5.10 -4.82
C ASP A 99 -2.33 4.33 -5.61
N MET A 100 -1.65 3.35 -4.95
CA MET A 100 -0.66 2.48 -5.59
C MET A 100 -1.33 1.70 -6.72
N LEU A 101 -2.58 1.20 -6.48
CA LEU A 101 -3.30 0.43 -7.51
C LEU A 101 -3.70 1.36 -8.65
N MET A 102 -3.99 2.66 -8.36
CA MET A 102 -4.29 3.62 -9.42
C MET A 102 -3.03 3.82 -10.28
N GLY A 103 -1.82 3.93 -9.64
CA GLY A 103 -0.55 4.06 -10.38
C GLY A 103 -0.30 2.81 -11.20
N TYR A 104 -0.59 1.63 -10.61
CA TYR A 104 -0.45 0.33 -11.27
C TYR A 104 -1.35 0.28 -12.50
N GLN A 105 -2.63 0.66 -12.32
CA GLN A 105 -3.60 0.66 -13.42
C GLN A 105 -3.19 1.59 -14.55
N ARG A 106 -2.72 2.83 -14.22
CA ARG A 106 -2.41 3.81 -15.25
C ARG A 106 -1.14 3.47 -16.03
N MET A 107 -0.08 2.96 -15.35
CA MET A 107 1.20 2.70 -16.03
C MET A 107 1.35 1.24 -16.43
N GLN A 108 0.62 0.31 -15.75
CA GLN A 108 0.67 -1.13 -16.04
C GLN A 108 2.01 -1.71 -15.56
N LYS A 109 2.51 -1.21 -14.39
CA LYS A 109 3.76 -1.67 -13.83
C LYS A 109 3.68 -1.37 -12.35
N THR A 110 4.39 -2.14 -11.47
CA THR A 110 4.31 -1.90 -10.02
C THR A 110 5.23 -0.77 -9.67
N ASP A 111 4.63 0.41 -9.37
CA ASP A 111 5.39 1.59 -9.00
C ASP A 111 4.68 2.19 -7.81
N PHE A 112 5.42 2.43 -6.71
CA PHE A 112 4.83 3.03 -5.52
C PHE A 112 4.75 4.54 -5.73
N PRO A 113 3.73 5.19 -5.17
CA PRO A 113 3.55 6.63 -5.33
C PRO A 113 4.51 7.47 -4.50
N GLY A 114 4.88 8.66 -5.04
CA GLY A 114 5.80 9.58 -4.38
C GLY A 114 5.28 10.05 -3.04
N ALA A 115 3.93 10.16 -2.88
CA ALA A 115 3.34 10.62 -1.62
C ALA A 115 3.61 9.62 -0.50
N PHE A 116 3.82 8.31 -0.85
CA PHE A 116 4.09 7.30 0.17
C PHE A 116 5.49 7.55 0.74
N TYR A 117 6.49 7.81 -0.15
CA TYR A 117 7.86 8.05 0.30
C TYR A 117 7.95 9.41 1.01
N ARG A 118 7.07 10.37 0.61
CA ARG A 118 7.05 11.71 1.23
C ARG A 118 6.73 11.59 2.74
N ARG A 119 5.74 10.69 3.06
CA ARG A 119 5.31 10.47 4.45
C ARG A 119 6.29 9.52 5.12
N LEU A 120 6.92 8.61 4.33
CA LEU A 120 7.91 7.67 4.85
C LEU A 120 9.13 8.43 5.38
N LEU A 121 9.56 9.50 4.63
CA LEU A 121 10.68 10.33 5.08
C LEU A 121 10.25 11.17 6.27
N GLY A 122 8.94 11.54 6.33
CA GLY A 122 8.42 12.33 7.43
C GLY A 122 8.40 13.79 7.08
N TYR A 123 8.13 14.14 5.80
CA TYR A 123 8.10 15.56 5.39
C TYR A 123 6.91 16.28 6.00
N ASP A 124 5.82 15.55 6.31
CA ASP A 124 4.64 16.16 6.91
C ASP A 124 4.72 16.00 8.42
N SER A 125 5.91 15.67 8.98
CA SER A 125 6.05 15.49 10.43
C SER A 125 6.31 16.86 11.12
N MET A 1 3.22 -11.72 -9.71
CA MET A 1 3.25 -11.56 -11.19
C MET A 1 2.65 -10.23 -11.63
N ARG A 2 1.30 -10.12 -11.66
CA ARG A 2 0.63 -8.88 -12.04
C ARG A 2 -0.42 -8.59 -10.99
N ILE A 3 -0.69 -7.28 -10.74
CA ILE A 3 -1.65 -6.89 -9.70
C ILE A 3 -3.09 -7.15 -10.18
N ASP A 4 -3.29 -7.19 -11.53
CA ASP A 4 -4.62 -7.42 -12.10
C ASP A 4 -4.96 -8.92 -12.02
N GLU A 5 -3.99 -9.78 -11.63
CA GLU A 5 -4.24 -11.22 -11.52
C GLU A 5 -4.55 -11.57 -10.08
N LEU A 6 -4.66 -10.55 -9.18
CA LEU A 6 -4.97 -10.82 -7.79
C LEU A 6 -6.47 -11.05 -7.67
N VAL A 7 -6.87 -11.96 -6.77
CA VAL A 7 -8.27 -12.26 -6.59
C VAL A 7 -8.82 -11.30 -5.52
N PRO A 8 -10.01 -10.73 -5.76
CA PRO A 8 -10.64 -9.83 -4.78
C PRO A 8 -10.97 -10.49 -3.46
N ALA A 9 -10.94 -9.68 -2.37
CA ALA A 9 -11.30 -10.18 -1.05
C ALA A 9 -12.82 -10.39 -1.01
N ASP A 10 -13.32 -11.16 -0.01
CA ASP A 10 -14.75 -11.45 0.09
C ASP A 10 -15.55 -10.15 0.29
N PRO A 11 -16.70 -10.02 -0.40
CA PRO A 11 -17.52 -8.80 -0.32
C PRO A 11 -18.09 -8.48 1.03
N ARG A 12 -18.33 -9.53 1.86
CA ARG A 12 -18.85 -9.33 3.22
C ARG A 12 -17.81 -8.61 4.06
N ALA A 13 -16.52 -8.97 3.87
CA ALA A 13 -15.43 -8.38 4.62
C ALA A 13 -15.11 -7.00 4.07
N VAL A 14 -15.06 -6.86 2.71
CA VAL A 14 -14.69 -5.58 2.10
C VAL A 14 -15.80 -4.55 2.28
N SER A 15 -17.10 -4.95 2.18
CA SER A 15 -18.20 -3.96 2.28
C SER A 15 -18.24 -3.31 3.67
N LEU A 16 -17.55 -3.92 4.68
CA LEU A 16 -17.47 -3.37 6.03
C LEU A 16 -16.49 -2.18 6.02
N TYR A 17 -15.57 -2.11 5.01
CA TYR A 17 -14.63 -1.00 4.91
C TYR A 17 -15.30 0.18 4.22
N THR A 18 -16.27 -0.10 3.30
CA THR A 18 -16.97 0.92 2.49
C THR A 18 -17.59 2.09 3.27
N PRO A 19 -18.39 1.88 4.35
CA PRO A 19 -19.01 3.01 5.08
C PRO A 19 -18.04 3.98 5.74
N TYR A 20 -16.72 3.64 5.77
CA TYR A 20 -15.73 4.52 6.37
C TYR A 20 -15.20 5.49 5.32
N TYR A 21 -15.68 5.36 4.04
CA TYR A 21 -15.22 6.22 2.96
C TYR A 21 -16.46 6.86 2.33
N SER A 22 -16.91 6.32 1.16
CA SER A 22 -18.08 6.85 0.47
C SER A 22 -18.36 5.88 -0.67
N GLN A 23 -19.20 6.30 -1.64
CA GLN A 23 -19.52 5.45 -2.79
C GLN A 23 -18.92 6.10 -4.02
N ALA A 24 -17.98 5.40 -4.69
CA ALA A 24 -17.35 5.94 -5.88
C ALA A 24 -16.62 4.81 -6.56
N ASN A 25 -16.03 5.07 -7.76
CA ASN A 25 -15.29 4.05 -8.50
C ASN A 25 -13.96 3.75 -7.81
N ARG A 26 -13.52 4.63 -6.87
CA ARG A 26 -12.27 4.44 -6.13
C ARG A 26 -12.39 3.19 -5.25
N ARG A 27 -13.61 2.95 -4.71
CA ARG A 27 -13.87 1.81 -3.84
C ARG A 27 -13.82 0.51 -4.62
N ARG A 28 -13.90 0.54 -5.97
CA ARG A 28 -13.79 -0.66 -6.79
C ARG A 28 -12.34 -1.19 -6.73
N TYR A 29 -11.36 -0.34 -6.32
CA TYR A 29 -9.97 -0.81 -6.20
C TYR A 29 -9.74 -1.28 -4.77
N LEU A 30 -10.74 -1.12 -3.86
CA LEU A 30 -10.57 -1.52 -2.45
C LEU A 30 -10.45 -3.04 -2.33
N PRO A 31 -11.36 -3.87 -2.91
CA PRO A 31 -11.23 -5.34 -2.82
C PRO A 31 -9.92 -5.89 -3.33
N TYR A 32 -9.35 -5.26 -4.40
CA TYR A 32 -8.10 -5.72 -4.97
C TYR A 32 -6.93 -5.36 -4.05
N ALA A 33 -6.99 -4.13 -3.44
CA ALA A 33 -5.92 -3.68 -2.55
C ALA A 33 -6.03 -4.38 -1.20
N LEU A 34 -7.27 -4.79 -0.81
CA LEU A 34 -7.47 -5.50 0.45
C LEU A 34 -6.78 -6.86 0.38
N SER A 35 -6.65 -7.44 -0.84
CA SER A 35 -5.97 -8.73 -1.02
C SER A 35 -4.48 -8.55 -0.68
N LEU A 36 -3.85 -7.45 -1.16
CA LEU A 36 -2.43 -7.16 -0.85
C LEU A 36 -2.29 -6.87 0.63
N TYR A 37 -3.28 -6.11 1.19
CA TYR A 37 -3.32 -5.75 2.59
C TYR A 37 -3.35 -7.01 3.45
N GLN A 38 -4.24 -7.99 3.13
CA GLN A 38 -4.33 -9.26 3.88
C GLN A 38 -3.06 -10.08 3.71
N GLY A 39 -2.42 -10.02 2.49
CA GLY A 39 -1.19 -10.77 2.20
C GLY A 39 -0.08 -10.37 3.17
N SER A 40 0.02 -9.05 3.50
CA SER A 40 0.98 -8.55 4.50
C SER A 40 2.44 -8.64 4.06
N SER A 41 2.73 -8.92 2.78
CA SER A 41 4.11 -9.03 2.33
C SER A 41 4.08 -8.84 0.84
N ILE A 42 4.82 -7.82 0.32
CA ILE A 42 4.83 -7.58 -1.11
C ILE A 42 6.17 -6.94 -1.48
N GLU A 43 6.59 -7.13 -2.77
CA GLU A 43 7.81 -6.53 -3.26
C GLU A 43 7.34 -5.34 -4.06
N GLY A 44 7.99 -4.17 -3.89
CA GLY A 44 7.52 -2.96 -4.56
C GLY A 44 8.68 -2.24 -5.14
N SER A 45 8.42 -1.33 -6.12
CA SER A 45 9.50 -0.57 -6.72
C SER A 45 9.15 0.89 -6.60
N ARG A 46 10.14 1.71 -6.19
CA ARG A 46 9.94 3.15 -6.07
C ARG A 46 10.50 3.75 -7.34
N ALA A 47 9.66 4.54 -8.06
CA ALA A 47 10.08 5.14 -9.32
C ALA A 47 10.71 6.49 -9.04
N VAL A 48 11.86 6.74 -9.70
CA VAL A 48 12.59 8.00 -9.55
C VAL A 48 12.64 8.64 -10.92
N GLU A 49 12.19 9.91 -11.04
CA GLU A 49 12.20 10.60 -12.32
C GLU A 49 13.62 11.03 -12.62
N GLY A 50 14.18 10.56 -13.77
CA GLY A 50 15.56 10.89 -14.16
C GLY A 50 16.52 9.90 -13.55
N GLY A 51 15.98 8.83 -12.91
CA GLY A 51 16.82 7.81 -12.29
C GLY A 51 16.29 6.46 -12.67
N ALA A 52 16.65 5.44 -11.88
CA ALA A 52 16.22 4.07 -12.13
C ALA A 52 15.44 3.63 -10.90
N PRO A 53 14.51 2.68 -11.06
CA PRO A 53 13.72 2.20 -9.93
C PRO A 53 14.50 1.35 -8.95
N ILE A 54 14.08 1.38 -7.65
CA ILE A 54 14.78 0.63 -6.62
C ILE A 54 13.84 -0.42 -6.05
N SER A 55 14.37 -1.66 -5.90
CA SER A 55 13.62 -2.79 -5.34
C SER A 55 13.70 -2.75 -3.83
N PHE A 56 12.51 -2.69 -3.17
CA PHE A 56 12.46 -2.71 -1.71
C PHE A 56 11.64 -3.89 -1.23
N VAL A 57 11.68 -4.14 0.10
CA VAL A 57 10.93 -5.24 0.72
C VAL A 57 9.95 -4.61 1.68
N ALA A 58 8.63 -4.95 1.67
CA ALA A 58 7.72 -4.33 2.65
C ALA A 58 6.93 -5.41 3.36
N THR A 59 6.76 -5.22 4.68
CA THR A 59 6.03 -6.19 5.50
C THR A 59 5.17 -5.39 6.48
N TRP A 60 3.95 -5.86 6.83
CA TRP A 60 3.11 -5.12 7.77
C TRP A 60 2.19 -6.10 8.49
N THR A 61 1.40 -5.60 9.48
CA THR A 61 0.47 -6.47 10.22
C THR A 61 -0.93 -5.90 10.05
N VAL A 62 -1.96 -6.79 9.98
CA VAL A 62 -3.34 -6.36 9.75
C VAL A 62 -4.17 -6.59 11.00
N THR A 63 -5.00 -5.56 11.37
CA THR A 63 -5.89 -5.65 12.52
C THR A 63 -7.31 -5.47 11.98
N PRO A 64 -8.31 -6.09 12.63
CA PRO A 64 -9.71 -6.02 12.16
C PRO A 64 -10.43 -4.70 12.34
N LEU A 65 -9.94 -3.81 13.23
CA LEU A 65 -10.63 -2.54 13.46
C LEU A 65 -10.00 -1.49 12.54
N PRO A 66 -10.81 -0.84 11.67
CA PRO A 66 -10.28 0.17 10.73
C PRO A 66 -9.77 1.45 11.37
N ALA A 67 -10.12 1.66 12.68
CA ALA A 67 -9.67 2.83 13.41
C ALA A 67 -8.31 2.55 14.05
N ASP A 68 -7.79 1.29 13.96
CA ASP A 68 -6.50 0.95 14.54
C ASP A 68 -5.40 1.33 13.56
N MET A 69 -4.15 1.43 14.07
CA MET A 69 -3.02 1.80 13.24
C MET A 69 -2.23 0.54 12.93
N THR A 70 -1.75 0.44 11.67
CA THR A 70 -0.95 -0.71 11.23
C THR A 70 0.49 -0.25 11.22
N ARG A 71 1.46 -1.14 11.57
CA ARG A 71 2.85 -0.75 11.54
C ARG A 71 3.43 -1.47 10.34
N CYS A 72 4.01 -0.70 9.42
CA CYS A 72 4.58 -1.24 8.20
C CYS A 72 6.07 -1.01 8.27
N HIS A 73 6.82 -2.08 7.97
CA HIS A 73 8.26 -2.06 7.96
C HIS A 73 8.66 -2.13 6.51
N LEU A 74 9.52 -1.18 6.09
CA LEU A 74 9.97 -1.11 4.70
C LEU A 74 11.48 -1.06 4.73
N GLN A 75 12.12 -1.95 3.93
CA GLN A 75 13.58 -2.04 3.88
C GLN A 75 13.98 -1.94 2.41
N PHE A 76 14.92 -1.02 2.08
CA PHE A 76 15.33 -0.81 0.68
C PHE A 76 16.61 -1.58 0.37
N ASN A 77 16.59 -2.31 -0.79
CA ASN A 77 17.75 -3.07 -1.31
C ASN A 77 18.27 -4.10 -0.29
N ASN A 78 17.40 -4.55 0.66
CA ASN A 78 17.77 -5.51 1.70
C ASN A 78 18.91 -4.95 2.58
N ASP A 79 18.99 -3.60 2.69
CA ASP A 79 20.03 -2.97 3.49
C ASP A 79 19.42 -2.61 4.84
N ALA A 80 19.98 -3.18 5.94
CA ALA A 80 19.49 -2.95 7.30
C ALA A 80 19.62 -1.48 7.70
N GLU A 81 20.59 -0.73 7.10
CA GLU A 81 20.78 0.68 7.42
C GLU A 81 19.72 1.53 6.73
N LEU A 82 18.95 0.94 5.77
CA LEU A 82 17.91 1.68 5.06
C LEU A 82 16.59 1.05 5.43
N THR A 83 16.29 1.04 6.75
CA THR A 83 15.05 0.45 7.26
C THR A 83 14.17 1.58 7.73
N TYR A 84 12.86 1.50 7.37
CA TYR A 84 11.91 2.52 7.75
C TYR A 84 10.74 1.85 8.44
N GLU A 85 10.19 2.55 9.45
CA GLU A 85 9.03 2.07 10.20
C GLU A 85 8.03 3.19 10.08
N ILE A 86 6.83 2.83 9.59
CA ILE A 86 5.74 3.75 9.39
C ILE A 86 4.50 3.13 10.01
N LEU A 87 3.88 3.95 10.88
CA LEU A 87 2.70 3.63 11.64
C LEU A 87 1.70 4.66 11.18
N LEU A 88 0.51 4.21 10.71
CA LEU A 88 -0.50 5.12 10.17
C LEU A 88 -1.80 4.35 10.34
N PRO A 89 -2.95 5.03 10.36
CA PRO A 89 -4.25 4.36 10.50
C PRO A 89 -4.58 3.40 9.36
N ASN A 90 -5.34 2.30 9.67
CA ASN A 90 -5.74 1.33 8.64
C ASN A 90 -6.55 2.02 7.55
N HIS A 91 -7.47 2.93 7.93
CA HIS A 91 -8.27 3.71 6.98
C HIS A 91 -7.38 4.52 6.03
N GLU A 92 -6.33 5.17 6.57
CA GLU A 92 -5.42 5.98 5.77
C GLU A 92 -4.46 5.10 4.96
N PHE A 93 -4.03 3.94 5.53
CA PHE A 93 -3.07 3.03 4.86
C PHE A 93 -3.64 2.52 3.53
N LEU A 94 -4.96 2.23 3.47
CA LEU A 94 -5.56 1.72 2.23
C LEU A 94 -5.67 2.83 1.19
N GLU A 95 -5.62 4.13 1.57
CA GLU A 95 -5.69 5.22 0.59
C GLU A 95 -4.41 5.17 -0.26
N TYR A 96 -3.27 4.87 0.40
CA TYR A 96 -1.98 4.70 -0.28
C TYR A 96 -2.04 3.49 -1.20
N LEU A 97 -2.54 2.33 -0.70
CA LEU A 97 -2.64 1.13 -1.55
C LEU A 97 -3.59 1.36 -2.74
N ILE A 98 -4.72 2.08 -2.54
CA ILE A 98 -5.63 2.39 -3.64
C ILE A 98 -4.97 3.36 -4.63
N ASP A 99 -4.23 4.41 -4.12
CA ASP A 99 -3.53 5.35 -5.01
C ASP A 99 -2.45 4.62 -5.82
N MET A 100 -1.79 3.61 -5.19
CA MET A 100 -0.80 2.78 -5.86
C MET A 100 -1.44 2.06 -7.05
N LEU A 101 -2.70 1.57 -6.88
CA LEU A 101 -3.40 0.87 -7.97
C LEU A 101 -3.71 1.86 -9.09
N MET A 102 -4.00 3.14 -8.78
CA MET A 102 -4.24 4.15 -9.82
C MET A 102 -2.94 4.35 -10.62
N GLY A 103 -1.77 4.44 -9.92
CA GLY A 103 -0.46 4.59 -10.62
C GLY A 103 -0.18 3.35 -11.45
N TYR A 104 -0.52 2.16 -10.89
CA TYR A 104 -0.36 0.88 -11.58
C TYR A 104 -1.20 0.89 -12.84
N GLN A 105 -2.47 1.30 -12.71
CA GLN A 105 -3.41 1.36 -13.83
C GLN A 105 -2.93 2.30 -14.93
N ARG A 106 -2.41 3.51 -14.57
CA ARG A 106 -2.04 4.48 -15.60
C ARG A 106 -0.76 4.07 -16.35
N MET A 107 0.28 3.52 -15.64
CA MET A 107 1.55 3.20 -16.32
C MET A 107 1.65 1.72 -16.69
N GLN A 108 0.80 0.85 -16.07
CA GLN A 108 0.80 -0.61 -16.33
C GLN A 108 2.10 -1.25 -15.85
N LYS A 109 2.68 -0.70 -14.74
CA LYS A 109 3.91 -1.22 -14.16
C LYS A 109 3.77 -1.07 -12.66
N THR A 110 4.59 -1.82 -11.86
CA THR A 110 4.49 -1.73 -10.40
C THR A 110 5.34 -0.56 -9.96
N ASP A 111 4.70 0.56 -9.56
CA ASP A 111 5.42 1.74 -9.13
C ASP A 111 4.70 2.28 -7.92
N PHE A 112 5.44 2.49 -6.80
CA PHE A 112 4.84 3.05 -5.60
C PHE A 112 4.80 4.57 -5.78
N PRO A 113 3.79 5.22 -5.20
CA PRO A 113 3.67 6.67 -5.31
C PRO A 113 4.65 7.44 -4.47
N GLY A 114 5.09 8.62 -4.98
CA GLY A 114 6.07 9.47 -4.26
C GLY A 114 5.53 9.96 -2.94
N ALA A 115 4.17 10.05 -2.80
CA ALA A 115 3.57 10.50 -1.55
C ALA A 115 3.80 9.47 -0.45
N PHE A 116 4.04 8.18 -0.81
CA PHE A 116 4.29 7.16 0.21
C PHE A 116 5.66 7.41 0.82
N TYR A 117 6.69 7.68 -0.04
CA TYR A 117 8.05 7.93 0.44
C TYR A 117 8.10 9.27 1.16
N ARG A 118 7.25 10.25 0.75
CA ARG A 118 7.20 11.56 1.38
C ARG A 118 6.86 11.43 2.87
N ARG A 119 5.88 10.55 3.19
CA ARG A 119 5.44 10.33 4.56
C ARG A 119 6.38 9.34 5.24
N LEU A 120 6.89 8.34 4.48
CA LEU A 120 7.83 7.34 4.99
C LEU A 120 9.12 8.01 5.45
N LEU A 121 9.65 9.00 4.67
CA LEU A 121 10.86 9.73 5.05
C LEU A 121 10.54 10.66 6.21
N GLY A 122 9.29 11.20 6.25
CA GLY A 122 8.88 12.08 7.34
C GLY A 122 8.99 13.52 6.93
N TYR A 123 8.67 13.86 5.64
CA TYR A 123 8.76 15.26 5.19
C TYR A 123 7.69 16.11 5.83
N ASP A 124 6.55 15.49 6.21
CA ASP A 124 5.46 16.23 6.84
C ASP A 124 5.60 16.12 8.36
N SER A 125 6.79 15.69 8.86
CA SER A 125 6.99 15.56 10.32
C SER A 125 7.39 16.94 10.92
N MET A 1 4.93 -11.75 -8.19
CA MET A 1 3.50 -11.51 -7.81
C MET A 1 3.01 -10.15 -8.26
N ARG A 2 2.31 -10.09 -9.43
CA ARG A 2 1.79 -8.84 -9.94
C ARG A 2 0.44 -8.56 -9.28
N ILE A 3 0.07 -7.26 -9.15
CA ILE A 3 -1.20 -6.86 -8.53
C ILE A 3 -2.38 -7.38 -9.34
N ASP A 4 -2.28 -7.37 -10.71
CA ASP A 4 -3.36 -7.86 -11.57
C ASP A 4 -3.56 -9.38 -11.38
N GLU A 5 -2.57 -10.08 -10.74
CA GLU A 5 -2.68 -11.51 -10.50
C GLU A 5 -3.27 -11.76 -9.12
N LEU A 6 -3.56 -10.68 -8.34
CA LEU A 6 -4.11 -10.85 -7.00
C LEU A 6 -5.61 -11.05 -7.12
N VAL A 7 -6.15 -12.04 -6.37
CA VAL A 7 -7.57 -12.30 -6.39
C VAL A 7 -8.22 -11.37 -5.37
N PRO A 8 -9.42 -10.90 -5.64
CA PRO A 8 -10.11 -10.00 -4.73
C PRO A 8 -10.62 -10.65 -3.47
N ALA A 9 -10.69 -9.86 -2.38
CA ALA A 9 -11.19 -10.37 -1.11
C ALA A 9 -12.70 -10.56 -1.21
N ASP A 10 -13.27 -11.38 -0.29
CA ASP A 10 -14.71 -11.68 -0.30
C ASP A 10 -15.51 -10.38 -0.09
N PRO A 11 -16.64 -10.24 -0.82
CA PRO A 11 -17.47 -9.02 -0.75
C PRO A 11 -18.09 -8.75 0.59
N ARG A 12 -18.34 -9.81 1.41
CA ARG A 12 -18.93 -9.64 2.74
C ARG A 12 -17.94 -8.90 3.64
N ALA A 13 -16.64 -9.26 3.53
CA ALA A 13 -15.58 -8.66 4.32
C ALA A 13 -15.25 -7.28 3.78
N VAL A 14 -15.16 -7.13 2.44
CA VAL A 14 -14.78 -5.84 1.84
C VAL A 14 -15.89 -4.81 2.01
N SER A 15 -17.18 -5.22 1.80
CA SER A 15 -18.30 -4.25 1.88
C SER A 15 -18.47 -3.75 3.30
N LEU A 16 -17.90 -4.47 4.29
CA LEU A 16 -17.99 -4.07 5.68
C LEU A 16 -17.01 -2.94 5.93
N TYR A 17 -15.90 -2.81 5.16
CA TYR A 17 -14.96 -1.70 5.38
C TYR A 17 -15.40 -0.49 4.57
N THR A 18 -16.22 -0.72 3.49
CA THR A 18 -16.70 0.35 2.58
C THR A 18 -17.33 1.57 3.27
N PRO A 19 -18.25 1.45 4.24
CA PRO A 19 -18.86 2.63 4.90
C PRO A 19 -17.89 3.54 5.66
N TYR A 20 -16.61 3.12 5.82
CA TYR A 20 -15.63 3.93 6.51
C TYR A 20 -14.91 4.84 5.50
N TYR A 21 -15.27 4.73 4.19
CA TYR A 21 -14.62 5.52 3.14
C TYR A 21 -15.69 6.22 2.34
N SER A 22 -15.32 7.32 1.63
CA SER A 22 -16.27 8.06 0.80
C SER A 22 -16.52 7.26 -0.47
N GLN A 23 -17.77 7.35 -1.01
CA GLN A 23 -18.13 6.61 -2.21
C GLN A 23 -17.45 7.25 -3.41
N ALA A 24 -16.70 6.42 -4.18
CA ALA A 24 -15.97 6.92 -5.34
C ALA A 24 -15.39 5.71 -6.04
N ASN A 25 -14.25 5.89 -6.77
CA ASN A 25 -13.62 4.79 -7.49
C ASN A 25 -12.69 4.03 -6.54
N ARG A 26 -12.61 4.47 -5.25
CA ARG A 26 -11.78 3.80 -4.26
C ARG A 26 -12.37 2.44 -3.93
N ARG A 27 -13.72 2.29 -4.05
CA ARG A 27 -14.40 1.03 -3.75
C ARG A 27 -13.99 -0.04 -4.75
N ARG A 28 -13.66 0.40 -5.99
CA ARG A 28 -13.22 -0.49 -7.07
C ARG A 28 -11.89 -1.18 -6.71
N TYR A 29 -10.96 -0.45 -6.05
CA TYR A 29 -9.65 -1.02 -5.72
C TYR A 29 -9.65 -1.55 -4.30
N LEU A 30 -10.75 -1.34 -3.53
CA LEU A 30 -10.83 -1.82 -2.14
C LEU A 30 -10.67 -3.34 -2.02
N PRO A 31 -11.41 -4.18 -2.77
CA PRO A 31 -11.24 -5.64 -2.65
C PRO A 31 -9.91 -6.17 -3.09
N TYR A 32 -9.18 -5.43 -3.97
CA TYR A 32 -7.89 -5.89 -4.44
C TYR A 32 -6.81 -5.42 -3.48
N ALA A 33 -6.97 -4.19 -2.90
CA ALA A 33 -5.99 -3.66 -1.97
C ALA A 33 -6.16 -4.33 -0.61
N LEU A 34 -7.40 -4.78 -0.27
CA LEU A 34 -7.63 -5.47 1.00
C LEU A 34 -6.91 -6.82 0.92
N SER A 35 -6.90 -7.46 -0.28
CA SER A 35 -6.20 -8.73 -0.51
C SER A 35 -4.69 -8.50 -0.34
N LEU A 36 -4.16 -7.37 -0.91
CA LEU A 36 -2.72 -7.04 -0.78
C LEU A 36 -2.39 -6.79 0.69
N TYR A 37 -3.29 -6.05 1.40
CA TYR A 37 -3.17 -5.73 2.83
C TYR A 37 -3.07 -7.01 3.64
N GLN A 38 -3.96 -8.01 3.37
CA GLN A 38 -3.97 -9.30 4.08
C GLN A 38 -2.65 -10.06 3.90
N GLY A 39 -1.96 -9.84 2.75
CA GLY A 39 -0.66 -10.50 2.43
C GLY A 39 0.38 -10.21 3.49
N SER A 40 0.43 -8.96 4.03
CA SER A 40 1.35 -8.58 5.13
C SER A 40 2.83 -8.53 4.73
N SER A 41 3.22 -9.04 3.54
CA SER A 41 4.62 -9.02 3.12
C SER A 41 4.62 -8.93 1.61
N ILE A 42 5.34 -7.94 1.05
CA ILE A 42 5.37 -7.80 -0.41
C ILE A 42 6.69 -7.15 -0.82
N GLU A 43 7.12 -7.42 -2.08
CA GLU A 43 8.33 -6.83 -2.62
C GLU A 43 7.83 -5.71 -3.50
N GLY A 44 8.45 -4.52 -3.39
CA GLY A 44 7.97 -3.36 -4.13
C GLY A 44 9.06 -2.82 -5.00
N SER A 45 8.68 -2.00 -6.02
CA SER A 45 9.69 -1.40 -6.88
C SER A 45 9.39 0.09 -6.85
N ARG A 46 10.39 0.95 -6.55
CA ARG A 46 10.14 2.38 -6.53
C ARG A 46 10.80 2.96 -7.76
N ALA A 47 10.00 3.59 -8.65
CA ALA A 47 10.54 4.15 -9.87
C ALA A 47 11.03 5.56 -9.61
N VAL A 48 12.16 5.93 -10.26
CA VAL A 48 12.75 7.24 -10.09
C VAL A 48 12.73 7.88 -11.46
N GLU A 49 12.14 9.11 -11.58
CA GLU A 49 12.07 9.78 -12.87
C GLU A 49 13.44 10.31 -13.24
N GLY A 50 13.98 9.82 -14.39
CA GLY A 50 15.32 10.23 -14.85
C GLY A 50 16.35 9.27 -14.29
N GLY A 51 15.90 8.21 -13.58
CA GLY A 51 16.81 7.23 -13.00
C GLY A 51 16.29 5.85 -13.30
N ALA A 52 16.75 4.87 -12.50
CA ALA A 52 16.33 3.49 -12.67
C ALA A 52 15.56 3.12 -11.42
N PRO A 53 14.63 2.15 -11.52
CA PRO A 53 13.85 1.72 -10.36
C PRO A 53 14.64 0.94 -9.33
N ILE A 54 14.23 1.02 -8.05
CA ILE A 54 14.96 0.32 -6.98
C ILE A 54 14.04 -0.72 -6.34
N SER A 55 14.63 -1.83 -5.88
CA SER A 55 13.90 -2.93 -5.24
C SER A 55 13.88 -2.71 -3.74
N PHE A 56 12.64 -2.72 -3.13
CA PHE A 56 12.53 -2.58 -1.69
C PHE A 56 11.71 -3.74 -1.15
N VAL A 57 11.79 -3.97 0.19
CA VAL A 57 11.06 -5.06 0.82
C VAL A 57 10.10 -4.41 1.79
N ALA A 58 8.77 -4.74 1.81
CA ALA A 58 7.87 -4.09 2.78
C ALA A 58 7.08 -5.15 3.52
N THR A 59 6.95 -4.98 4.86
CA THR A 59 6.18 -5.91 5.69
C THR A 59 5.33 -5.08 6.61
N TRP A 60 4.20 -5.63 7.12
CA TRP A 60 3.36 -4.86 8.03
C TRP A 60 2.48 -5.79 8.85
N THR A 61 1.89 -5.24 9.95
CA THR A 61 1.00 -6.01 10.84
C THR A 61 -0.43 -5.68 10.45
N VAL A 62 -1.33 -6.70 10.43
CA VAL A 62 -2.73 -6.49 10.03
C VAL A 62 -3.65 -6.64 11.22
N THR A 63 -4.61 -5.68 11.38
CA THR A 63 -5.59 -5.72 12.45
C THR A 63 -6.97 -5.54 11.80
N PRO A 64 -8.02 -6.14 12.37
CA PRO A 64 -9.38 -6.08 11.79
C PRO A 64 -10.15 -4.78 11.96
N LEU A 65 -9.78 -3.92 12.94
CA LEU A 65 -10.52 -2.68 13.15
C LEU A 65 -9.88 -1.58 12.32
N PRO A 66 -10.67 -0.81 11.54
CA PRO A 66 -10.12 0.26 10.69
C PRO A 66 -9.58 1.45 11.45
N ALA A 67 -9.94 1.58 12.75
CA ALA A 67 -9.47 2.68 13.58
C ALA A 67 -8.13 2.32 14.22
N ASP A 68 -7.66 1.05 14.05
CA ASP A 68 -6.38 0.64 14.63
C ASP A 68 -5.25 1.12 13.74
N MET A 69 -4.04 1.24 14.33
CA MET A 69 -2.86 1.69 13.59
C MET A 69 -2.00 0.48 13.27
N THR A 70 -1.52 0.42 12.01
CA THR A 70 -0.68 -0.68 11.56
C THR A 70 0.76 -0.20 11.57
N ARG A 71 1.76 -1.08 11.86
CA ARG A 71 3.15 -0.64 11.79
C ARG A 71 3.71 -1.32 10.57
N CYS A 72 4.21 -0.53 9.62
CA CYS A 72 4.76 -1.03 8.39
C CYS A 72 6.24 -0.76 8.40
N HIS A 73 7.03 -1.80 8.02
CA HIS A 73 8.48 -1.74 7.97
C HIS A 73 8.88 -1.83 6.51
N LEU A 74 9.77 -0.90 6.09
CA LEU A 74 10.25 -0.85 4.72
C LEU A 74 11.77 -0.83 4.75
N GLN A 75 12.37 -1.69 3.88
CA GLN A 75 13.82 -1.77 3.73
C GLN A 75 14.11 -1.59 2.27
N PHE A 76 14.99 -0.63 1.91
CA PHE A 76 15.32 -0.40 0.51
C PHE A 76 16.66 -1.02 0.18
N ASN A 77 16.69 -1.84 -0.93
CA ASN A 77 17.90 -2.50 -1.41
C ASN A 77 18.52 -3.44 -0.36
N ASN A 78 17.66 -4.03 0.54
CA ASN A 78 18.10 -4.97 1.59
C ASN A 78 19.21 -4.36 2.45
N ASP A 79 19.09 -3.05 2.77
CA ASP A 79 20.10 -2.38 3.57
C ASP A 79 19.49 -2.06 4.92
N ALA A 80 20.11 -2.60 6.02
CA ALA A 80 19.63 -2.38 7.38
C ALA A 80 19.73 -0.91 7.78
N GLU A 81 20.64 -0.13 7.12
CA GLU A 81 20.81 1.29 7.45
C GLU A 81 19.73 2.12 6.73
N LEU A 82 18.94 1.48 5.83
CA LEU A 82 17.87 2.17 5.11
C LEU A 82 16.57 1.56 5.55
N THR A 83 16.43 1.37 6.88
CA THR A 83 15.23 0.79 7.46
C THR A 83 14.29 1.93 7.82
N TYR A 84 13.01 1.81 7.38
CA TYR A 84 12.03 2.83 7.68
C TYR A 84 10.87 2.18 8.40
N GLU A 85 10.30 2.91 9.38
CA GLU A 85 9.16 2.44 10.15
C GLU A 85 8.11 3.52 9.99
N ILE A 86 6.94 3.11 9.48
CA ILE A 86 5.82 4.00 9.26
C ILE A 86 4.62 3.33 9.87
N LEU A 87 4.01 4.09 10.81
CA LEU A 87 2.87 3.68 11.58
C LEU A 87 1.86 4.77 11.35
N LEU A 88 0.61 4.37 11.01
CA LEU A 88 -0.44 5.30 10.68
C LEU A 88 -1.69 4.44 10.75
N PRO A 89 -2.88 5.04 10.80
CA PRO A 89 -4.14 4.27 10.84
C PRO A 89 -4.39 3.38 9.64
N ASN A 90 -5.14 2.26 9.87
CA ASN A 90 -5.50 1.33 8.79
C ASN A 90 -6.25 2.05 7.68
N HIS A 91 -7.16 2.98 8.06
CA HIS A 91 -7.90 3.80 7.08
C HIS A 91 -6.94 4.56 6.17
N GLU A 92 -5.92 5.23 6.76
CA GLU A 92 -4.96 5.99 5.97
C GLU A 92 -4.00 5.05 5.25
N PHE A 93 -3.62 3.89 5.88
CA PHE A 93 -2.69 2.94 5.22
C PHE A 93 -3.33 2.37 3.95
N LEU A 94 -4.64 2.04 4.00
CA LEU A 94 -5.33 1.52 2.82
C LEU A 94 -5.50 2.63 1.78
N GLU A 95 -5.54 3.93 2.20
CA GLU A 95 -5.64 5.03 1.23
C GLU A 95 -4.37 5.02 0.37
N TYR A 96 -3.20 4.79 1.04
CA TYR A 96 -1.90 4.66 0.34
C TYR A 96 -1.95 3.48 -0.61
N LEU A 97 -2.38 2.28 -0.12
CA LEU A 97 -2.45 1.08 -0.99
C LEU A 97 -3.42 1.30 -2.15
N ILE A 98 -4.57 1.97 -1.93
CA ILE A 98 -5.52 2.24 -3.03
C ILE A 98 -4.90 3.21 -4.04
N ASP A 99 -4.20 4.30 -3.55
CA ASP A 99 -3.56 5.26 -4.47
C ASP A 99 -2.45 4.55 -5.25
N MET A 100 -1.74 3.61 -4.58
CA MET A 100 -0.69 2.79 -5.21
C MET A 100 -1.30 1.95 -6.32
N LEU A 101 -2.52 1.39 -6.07
CA LEU A 101 -3.20 0.56 -7.06
C LEU A 101 -3.63 1.42 -8.24
N MET A 102 -3.98 2.71 -8.01
CA MET A 102 -4.33 3.62 -9.11
C MET A 102 -3.09 3.85 -9.97
N GLY A 103 -1.88 4.02 -9.34
CA GLY A 103 -0.62 4.18 -10.10
C GLY A 103 -0.34 2.92 -10.90
N TYR A 104 -0.58 1.74 -10.27
CA TYR A 104 -0.42 0.44 -10.92
C TYR A 104 -1.36 0.35 -12.11
N GLN A 105 -2.65 0.67 -11.90
CA GLN A 105 -3.66 0.61 -12.93
C GLN A 105 -3.32 1.51 -14.12
N ARG A 106 -2.86 2.77 -13.86
CA ARG A 106 -2.59 3.70 -14.96
C ARG A 106 -1.31 3.37 -15.72
N MET A 107 -0.21 2.95 -15.01
CA MET A 107 1.07 2.70 -15.69
C MET A 107 1.23 1.24 -16.08
N GLN A 108 0.50 0.32 -15.39
CA GLN A 108 0.57 -1.13 -15.65
C GLN A 108 1.93 -1.68 -15.28
N LYS A 109 2.54 -1.07 -14.22
CA LYS A 109 3.84 -1.48 -13.70
C LYS A 109 3.77 -1.31 -12.20
N THR A 110 4.65 -2.01 -11.43
CA THR A 110 4.63 -1.88 -9.97
C THR A 110 5.37 -0.61 -9.61
N ASP A 111 4.67 0.35 -8.97
CA ASP A 111 5.29 1.60 -8.58
C ASP A 111 4.50 2.15 -7.41
N PHE A 112 5.21 2.73 -6.41
CA PHE A 112 4.55 3.30 -5.24
C PHE A 112 4.46 4.82 -5.46
N PRO A 113 3.46 5.46 -4.86
CA PRO A 113 3.27 6.91 -5.04
C PRO A 113 4.25 7.77 -4.26
N GLY A 114 4.50 9.00 -4.81
CA GLY A 114 5.43 9.97 -4.21
C GLY A 114 4.99 10.37 -2.82
N ALA A 115 3.66 10.49 -2.59
CA ALA A 115 3.14 10.90 -1.28
C ALA A 115 3.47 9.86 -0.21
N PHE A 116 3.64 8.55 -0.59
CA PHE A 116 3.97 7.52 0.39
C PHE A 116 5.38 7.76 0.92
N TYR A 117 6.36 8.02 -0.01
CA TYR A 117 7.74 8.24 0.39
C TYR A 117 7.86 9.60 1.10
N ARG A 118 6.97 10.57 0.74
CA ARG A 118 6.97 11.90 1.36
C ARG A 118 6.68 11.76 2.86
N ARG A 119 5.70 10.88 3.20
CA ARG A 119 5.30 10.64 4.59
C ARG A 119 6.30 9.70 5.24
N LEU A 120 6.86 8.74 4.46
CA LEU A 120 7.86 7.79 4.94
C LEU A 120 9.11 8.55 5.41
N LEU A 121 9.54 9.60 4.65
CA LEU A 121 10.69 10.43 5.05
C LEU A 121 10.31 11.29 6.25
N GLY A 122 9.02 11.68 6.34
CA GLY A 122 8.55 12.52 7.45
C GLY A 122 8.56 13.97 7.06
N TYR A 123 8.33 14.28 5.75
CA TYR A 123 8.33 15.68 5.31
C TYR A 123 7.13 16.42 5.87
N ASP A 124 5.98 15.72 6.03
CA ASP A 124 4.78 16.34 6.57
C ASP A 124 4.71 16.05 8.07
N SER A 125 5.87 15.85 8.74
CA SER A 125 5.87 15.57 10.18
C SER A 125 5.82 16.91 10.97
N MET A 1 5.47 -12.43 -9.26
CA MET A 1 4.07 -12.07 -8.86
C MET A 1 3.64 -10.72 -9.43
N ARG A 2 2.32 -10.60 -9.76
CA ARG A 2 1.79 -9.36 -10.31
C ARG A 2 0.56 -8.98 -9.51
N ILE A 3 0.31 -7.64 -9.39
CA ILE A 3 -0.86 -7.11 -8.67
C ILE A 3 -2.14 -7.55 -9.36
N ASP A 4 -2.14 -7.56 -10.74
CA ASP A 4 -3.32 -7.98 -11.51
C ASP A 4 -3.67 -9.46 -11.26
N GLU A 5 -2.71 -10.25 -10.70
CA GLU A 5 -2.94 -11.67 -10.44
C GLU A 5 -3.48 -11.85 -9.03
N LEU A 6 -3.66 -10.75 -8.25
CA LEU A 6 -4.19 -10.87 -6.90
C LEU A 6 -5.68 -11.06 -6.98
N VAL A 7 -6.22 -12.04 -6.21
CA VAL A 7 -7.64 -12.29 -6.21
C VAL A 7 -8.30 -11.31 -5.23
N PRO A 8 -9.50 -10.86 -5.54
CA PRO A 8 -10.21 -9.93 -4.67
C PRO A 8 -10.75 -10.56 -3.41
N ALA A 9 -10.81 -9.76 -2.32
CA ALA A 9 -11.32 -10.24 -1.05
C ALA A 9 -12.83 -10.39 -1.15
N ASP A 10 -13.43 -11.17 -0.20
CA ASP A 10 -14.88 -11.43 -0.22
C ASP A 10 -15.65 -10.11 -0.02
N PRO A 11 -16.78 -9.96 -0.73
CA PRO A 11 -17.58 -8.72 -0.68
C PRO A 11 -18.18 -8.40 0.66
N ARG A 12 -18.46 -9.43 1.51
CA ARG A 12 -19.02 -9.21 2.84
C ARG A 12 -18.00 -8.47 3.70
N ALA A 13 -16.71 -8.86 3.58
CA ALA A 13 -15.64 -8.24 4.33
C ALA A 13 -15.29 -6.88 3.74
N VAL A 14 -15.19 -6.79 2.39
CA VAL A 14 -14.80 -5.53 1.75
C VAL A 14 -15.89 -4.47 1.87
N SER A 15 -17.18 -4.86 1.64
CA SER A 15 -18.28 -3.86 1.67
C SER A 15 -18.47 -3.30 3.07
N LEU A 16 -17.94 -4.02 4.10
CA LEU A 16 -18.04 -3.57 5.48
C LEU A 16 -17.03 -2.45 5.70
N TYR A 17 -15.90 -2.38 4.94
CA TYR A 17 -14.93 -1.30 5.16
C TYR A 17 -15.33 -0.07 4.32
N THR A 18 -16.11 -0.29 3.22
CA THR A 18 -16.53 0.80 2.30
C THR A 18 -17.18 2.03 2.98
N PRO A 19 -18.16 1.89 3.89
CA PRO A 19 -18.79 3.07 4.53
C PRO A 19 -17.88 3.90 5.41
N TYR A 20 -16.63 3.42 5.66
CA TYR A 20 -15.68 4.16 6.48
C TYR A 20 -14.89 5.13 5.59
N TYR A 21 -15.18 5.14 4.25
CA TYR A 21 -14.46 6.03 3.33
C TYR A 21 -15.50 6.89 2.63
N SER A 22 -15.95 6.46 1.43
CA SER A 22 -16.93 7.21 0.66
C SER A 22 -17.27 6.35 -0.54
N GLN A 23 -18.18 6.83 -1.41
CA GLN A 23 -18.56 6.10 -2.60
C GLN A 23 -17.88 6.77 -3.78
N ALA A 24 -16.93 6.06 -4.41
CA ALA A 24 -16.19 6.61 -5.53
C ALA A 24 -15.47 5.45 -6.19
N ASN A 25 -14.49 5.75 -7.09
CA ASN A 25 -13.75 4.70 -7.80
C ASN A 25 -12.79 3.98 -6.83
N ARG A 26 -12.63 4.48 -5.59
CA ARG A 26 -11.75 3.84 -4.62
C ARG A 26 -12.31 2.48 -4.20
N ARG A 27 -13.67 2.29 -4.25
CA ARG A 27 -14.26 1.00 -3.84
C ARG A 27 -13.92 -0.08 -4.86
N ARG A 28 -13.54 0.33 -6.10
CA ARG A 28 -13.15 -0.59 -7.16
C ARG A 28 -11.83 -1.29 -6.80
N TYR A 29 -10.88 -0.56 -6.17
CA TYR A 29 -9.57 -1.13 -5.84
C TYR A 29 -9.58 -1.65 -4.40
N LEU A 30 -10.67 -1.41 -3.63
CA LEU A 30 -10.74 -1.88 -2.23
C LEU A 30 -10.61 -3.40 -2.12
N PRO A 31 -11.38 -4.21 -2.89
CA PRO A 31 -11.25 -5.68 -2.81
C PRO A 31 -9.87 -6.20 -3.14
N TYR A 32 -9.14 -5.50 -4.04
CA TYR A 32 -7.82 -5.98 -4.44
C TYR A 32 -6.77 -5.51 -3.43
N ALA A 33 -6.94 -4.26 -2.89
CA ALA A 33 -5.96 -3.73 -1.94
C ALA A 33 -6.18 -4.35 -0.57
N LEU A 34 -7.42 -4.81 -0.24
CA LEU A 34 -7.67 -5.46 1.04
C LEU A 34 -6.91 -6.78 1.05
N SER A 35 -6.88 -7.52 -0.10
CA SER A 35 -6.12 -8.78 -0.20
C SER A 35 -4.63 -8.49 -0.04
N LEU A 36 -4.14 -7.36 -0.65
CA LEU A 36 -2.72 -6.98 -0.53
C LEU A 36 -2.41 -6.66 0.93
N TYR A 37 -3.33 -5.92 1.61
CA TYR A 37 -3.19 -5.57 3.02
C TYR A 37 -3.07 -6.83 3.88
N GLN A 38 -3.93 -7.86 3.63
CA GLN A 38 -3.91 -9.11 4.38
C GLN A 38 -2.63 -9.91 4.12
N GLY A 39 -1.88 -9.58 3.03
CA GLY A 39 -0.62 -10.23 2.67
C GLY A 39 0.42 -10.06 3.76
N SER A 40 0.45 -8.87 4.42
CA SER A 40 1.37 -8.61 5.56
C SER A 40 2.81 -8.34 5.11
N SER A 41 3.28 -8.94 3.99
CA SER A 41 4.65 -8.71 3.54
C SER A 41 4.64 -8.74 2.03
N ILE A 42 5.33 -7.78 1.38
CA ILE A 42 5.35 -7.72 -0.08
C ILE A 42 6.65 -7.08 -0.53
N GLU A 43 7.05 -7.37 -1.81
CA GLU A 43 8.24 -6.76 -2.40
C GLU A 43 7.69 -5.66 -3.29
N GLY A 44 8.32 -4.46 -3.28
CA GLY A 44 7.77 -3.35 -4.06
C GLY A 44 8.89 -2.50 -4.58
N SER A 45 8.62 -1.67 -5.60
CA SER A 45 9.66 -0.83 -6.17
C SER A 45 9.22 0.61 -6.13
N ARG A 46 10.19 1.49 -5.80
CA ARG A 46 9.95 2.92 -5.75
C ARG A 46 10.51 3.49 -7.03
N ALA A 47 9.67 4.19 -7.83
CA ALA A 47 10.09 4.76 -9.10
C ALA A 47 10.73 6.11 -8.85
N VAL A 48 11.84 6.37 -9.59
CA VAL A 48 12.56 7.63 -9.46
C VAL A 48 12.47 8.31 -10.81
N GLU A 49 11.99 9.58 -10.85
CA GLU A 49 11.86 10.29 -12.12
C GLU A 49 13.24 10.75 -12.56
N GLY A 50 13.68 10.27 -13.76
CA GLY A 50 14.99 10.64 -14.30
C GLY A 50 16.04 9.67 -13.79
N GLY A 51 15.61 8.61 -13.06
CA GLY A 51 16.56 7.63 -12.53
C GLY A 51 16.01 6.26 -12.80
N ALA A 52 16.50 5.27 -12.01
CA ALA A 52 16.07 3.89 -12.16
C ALA A 52 15.31 3.55 -10.88
N PRO A 53 14.37 2.61 -10.95
CA PRO A 53 13.60 2.21 -9.76
C PRO A 53 14.41 1.42 -8.75
N ILE A 54 14.04 1.53 -7.45
CA ILE A 54 14.77 0.83 -6.39
C ILE A 54 13.84 -0.20 -5.74
N SER A 55 14.35 -1.45 -5.61
CA SER A 55 13.63 -2.55 -4.99
C SER A 55 13.76 -2.47 -3.48
N PHE A 56 12.58 -2.48 -2.79
CA PHE A 56 12.56 -2.47 -1.33
C PHE A 56 11.76 -3.66 -0.84
N VAL A 57 11.85 -3.95 0.47
CA VAL A 57 11.11 -5.07 1.07
C VAL A 57 10.17 -4.42 2.08
N ALA A 58 8.83 -4.73 2.08
CA ALA A 58 7.96 -4.09 3.07
C ALA A 58 7.22 -5.15 3.83
N THR A 59 7.13 -4.94 5.16
CA THR A 59 6.43 -5.88 6.04
C THR A 59 5.60 -5.06 6.99
N TRP A 60 4.34 -5.47 7.29
CA TRP A 60 3.49 -4.70 8.19
C TRP A 60 2.58 -5.62 8.96
N THR A 61 2.02 -5.10 10.09
CA THR A 61 1.08 -5.86 10.93
C THR A 61 -0.33 -5.50 10.48
N VAL A 62 -1.24 -6.48 10.44
CA VAL A 62 -2.60 -6.25 9.94
C VAL A 62 -3.60 -6.35 11.09
N THR A 63 -4.52 -5.34 11.16
CA THR A 63 -5.55 -5.33 12.21
C THR A 63 -6.91 -5.20 11.51
N PRO A 64 -7.97 -5.78 12.09
CA PRO A 64 -9.32 -5.75 11.49
C PRO A 64 -10.14 -4.50 11.73
N LEU A 65 -9.77 -3.66 12.72
CA LEU A 65 -10.55 -2.46 13.00
C LEU A 65 -9.96 -1.31 12.18
N PRO A 66 -10.78 -0.61 11.39
CA PRO A 66 -10.28 0.49 10.54
C PRO A 66 -9.72 1.70 11.28
N ALA A 67 -10.10 1.87 12.57
CA ALA A 67 -9.61 3.00 13.35
C ALA A 67 -8.26 2.67 13.98
N ASP A 68 -7.73 1.42 13.77
CA ASP A 68 -6.45 1.04 14.34
C ASP A 68 -5.32 1.54 13.43
N MET A 69 -4.11 1.68 14.01
CA MET A 69 -2.95 2.13 13.27
C MET A 69 -2.07 0.92 13.02
N THR A 70 -1.57 0.80 11.76
CA THR A 70 -0.71 -0.33 11.38
C THR A 70 0.72 0.17 11.42
N ARG A 71 1.70 -0.69 11.79
CA ARG A 71 3.10 -0.27 11.77
C ARG A 71 3.71 -1.03 10.61
N CYS A 72 4.29 -0.29 9.66
CA CYS A 72 4.89 -0.88 8.48
C CYS A 72 6.38 -0.61 8.51
N HIS A 73 7.16 -1.68 8.24
CA HIS A 73 8.60 -1.63 8.20
C HIS A 73 9.00 -1.74 6.75
N LEU A 74 9.90 -0.84 6.31
CA LEU A 74 10.38 -0.80 4.94
C LEU A 74 11.90 -0.80 4.97
N GLN A 75 12.50 -1.71 4.17
CA GLN A 75 13.94 -1.82 4.04
C GLN A 75 14.26 -1.67 2.57
N PHE A 76 15.14 -0.70 2.22
CA PHE A 76 15.50 -0.48 0.83
C PHE A 76 16.81 -1.17 0.53
N ASN A 77 16.82 -1.97 -0.59
CA ASN A 77 18.02 -2.69 -1.06
C ASN A 77 18.58 -3.66 -0.02
N ASN A 78 17.70 -4.18 0.91
CA ASN A 78 18.10 -5.14 1.95
C ASN A 78 19.23 -4.57 2.82
N ASP A 79 19.20 -3.25 3.11
CA ASP A 79 20.25 -2.63 3.91
C ASP A 79 19.69 -2.37 5.30
N ALA A 80 20.45 -2.80 6.35
CA ALA A 80 20.04 -2.62 7.73
C ALA A 80 20.10 -1.14 8.13
N GLU A 81 20.89 -0.31 7.41
CA GLU A 81 21.00 1.11 7.73
C GLU A 81 19.91 1.90 7.00
N LEU A 82 19.07 1.22 6.17
CA LEU A 82 18.01 1.91 5.44
C LEU A 82 16.67 1.35 5.89
N THR A 83 16.50 1.17 7.22
CA THR A 83 15.25 0.66 7.77
C THR A 83 14.37 1.84 8.10
N TYR A 84 13.13 1.83 7.56
CA TYR A 84 12.19 2.90 7.79
C TYR A 84 10.99 2.31 8.50
N GLU A 85 10.40 3.08 9.44
CA GLU A 85 9.22 2.66 10.17
C GLU A 85 8.19 3.74 9.95
N ILE A 86 7.02 3.31 9.46
CA ILE A 86 5.92 4.20 9.17
C ILE A 86 4.68 3.57 9.79
N LEU A 87 4.05 4.39 10.64
CA LEU A 87 2.87 4.04 11.40
C LEU A 87 1.89 5.12 11.08
N LEU A 88 0.65 4.74 10.72
CA LEU A 88 -0.37 5.67 10.31
C LEU A 88 -1.65 4.83 10.38
N PRO A 89 -2.82 5.47 10.38
CA PRO A 89 -4.10 4.75 10.42
C PRO A 89 -4.37 3.83 9.25
N ASN A 90 -5.17 2.76 9.49
CA ASN A 90 -5.54 1.81 8.42
C ASN A 90 -6.23 2.53 7.26
N HIS A 91 -7.10 3.55 7.57
CA HIS A 91 -7.77 4.32 6.50
C HIS A 91 -6.74 4.96 5.58
N GLU A 92 -5.69 5.58 6.16
CA GLU A 92 -4.65 6.23 5.38
C GLU A 92 -3.73 5.21 4.75
N PHE A 93 -3.43 4.08 5.46
CA PHE A 93 -2.53 3.05 4.89
C PHE A 93 -3.16 2.45 3.64
N LEU A 94 -4.50 2.18 3.67
CA LEU A 94 -5.18 1.63 2.51
C LEU A 94 -5.33 2.71 1.43
N GLU A 95 -5.33 4.02 1.80
CA GLU A 95 -5.40 5.08 0.78
C GLU A 95 -4.13 5.00 -0.07
N TYR A 96 -2.96 4.75 0.59
CA TYR A 96 -1.68 4.56 -0.08
C TYR A 96 -1.75 3.35 -1.00
N LEU A 97 -2.22 2.18 -0.47
CA LEU A 97 -2.32 0.95 -1.29
C LEU A 97 -3.29 1.14 -2.46
N ILE A 98 -4.42 1.87 -2.26
CA ILE A 98 -5.36 2.11 -3.37
C ILE A 98 -4.71 3.03 -4.40
N ASP A 99 -3.96 4.09 -3.96
CA ASP A 99 -3.29 5.00 -4.91
C ASP A 99 -2.22 4.21 -5.69
N MET A 100 -1.55 3.25 -5.01
CA MET A 100 -0.56 2.36 -5.63
C MET A 100 -1.23 1.55 -6.74
N LEU A 101 -2.46 1.03 -6.47
CA LEU A 101 -3.19 0.22 -7.46
C LEU A 101 -3.59 1.11 -8.64
N MET A 102 -3.89 2.41 -8.40
CA MET A 102 -4.20 3.33 -9.50
C MET A 102 -2.96 3.52 -10.37
N GLY A 103 -1.75 3.66 -9.76
CA GLY A 103 -0.49 3.79 -10.52
C GLY A 103 -0.24 2.51 -11.29
N TYR A 104 -0.51 1.34 -10.65
CA TYR A 104 -0.38 0.04 -11.28
C TYR A 104 -1.32 -0.05 -12.47
N GLN A 105 -2.61 0.32 -12.28
CA GLN A 105 -3.59 0.25 -13.36
C GLN A 105 -3.17 1.05 -14.58
N ARG A 106 -2.59 2.27 -14.40
CA ARG A 106 -2.25 3.10 -15.54
C ARG A 106 -0.98 2.64 -16.27
N MET A 107 0.06 2.15 -15.52
CA MET A 107 1.34 1.78 -16.17
C MET A 107 1.50 0.27 -16.33
N GLN A 108 0.77 -0.54 -15.53
CA GLN A 108 0.84 -2.02 -15.55
C GLN A 108 2.21 -2.51 -15.09
N LYS A 109 2.78 -1.78 -14.10
CA LYS A 109 4.07 -2.13 -13.51
C LYS A 109 3.93 -1.87 -12.02
N THR A 110 4.68 -2.60 -11.17
CA THR A 110 4.56 -2.39 -9.72
C THR A 110 5.45 -1.23 -9.34
N ASP A 111 4.84 -0.07 -9.06
CA ASP A 111 5.57 1.12 -8.68
C ASP A 111 4.80 1.77 -7.55
N PHE A 112 5.49 2.08 -6.43
CA PHE A 112 4.85 2.74 -5.31
C PHE A 112 4.83 4.25 -5.58
N PRO A 113 3.82 4.94 -5.08
CA PRO A 113 3.69 6.38 -5.29
C PRO A 113 4.66 7.22 -4.48
N GLY A 114 5.09 8.38 -5.06
CA GLY A 114 6.04 9.29 -4.41
C GLY A 114 5.49 9.85 -3.12
N ALA A 115 4.14 9.93 -2.98
CA ALA A 115 3.55 10.47 -1.75
C ALA A 115 3.80 9.51 -0.58
N PHE A 116 4.02 8.20 -0.86
CA PHE A 116 4.29 7.24 0.20
C PHE A 116 5.66 7.52 0.78
N TYR A 117 6.68 7.75 -0.10
CA TYR A 117 8.04 8.02 0.36
C TYR A 117 8.10 9.41 1.00
N ARG A 118 7.22 10.35 0.55
CA ARG A 118 7.19 11.71 1.08
C ARG A 118 6.86 11.67 2.58
N ARG A 119 5.88 10.78 2.95
CA ARG A 119 5.45 10.64 4.34
C ARG A 119 6.44 9.75 5.08
N LEU A 120 7.07 8.80 4.34
CA LEU A 120 8.06 7.88 4.92
C LEU A 120 9.27 8.67 5.41
N LEU A 121 9.68 9.73 4.64
CA LEU A 121 10.80 10.57 5.05
C LEU A 121 10.35 11.60 6.08
N GLY A 122 9.01 11.77 6.26
CA GLY A 122 8.48 12.72 7.25
C GLY A 122 8.53 14.13 6.73
N TYR A 123 8.39 14.33 5.39
CA TYR A 123 8.44 15.69 4.84
C TYR A 123 7.22 16.49 5.26
N ASP A 124 6.05 15.82 5.39
CA ASP A 124 4.83 16.50 5.80
C ASP A 124 4.65 16.30 7.30
N SER A 125 5.76 16.14 8.07
CA SER A 125 5.67 15.95 9.53
C SER A 125 5.59 17.34 10.23
N MET A 1 4.72 -12.40 -11.09
CA MET A 1 4.03 -11.87 -9.86
C MET A 1 3.35 -10.54 -10.15
N ARG A 2 2.14 -10.61 -10.79
CA ARG A 2 1.38 -9.42 -11.11
C ARG A 2 0.37 -9.17 -9.99
N ILE A 3 0.03 -7.88 -9.73
CA ILE A 3 -0.92 -7.54 -8.66
C ILE A 3 -2.33 -7.93 -9.10
N ASP A 4 -2.55 -8.08 -10.44
CA ASP A 4 -3.86 -8.46 -10.97
C ASP A 4 -4.06 -9.97 -10.80
N GLU A 5 -3.02 -10.72 -10.33
CA GLU A 5 -3.15 -12.14 -10.11
C GLU A 5 -3.59 -12.38 -8.68
N LEU A 6 -3.74 -11.30 -7.87
CA LEU A 6 -4.20 -11.46 -6.49
C LEU A 6 -5.69 -11.66 -6.55
N VAL A 7 -6.21 -12.62 -5.75
CA VAL A 7 -7.62 -12.88 -5.72
C VAL A 7 -8.26 -11.87 -4.78
N PRO A 8 -9.45 -11.39 -5.11
CA PRO A 8 -10.13 -10.41 -4.27
C PRO A 8 -10.68 -10.99 -2.99
N ALA A 9 -10.78 -10.15 -1.95
CA ALA A 9 -11.31 -10.58 -0.66
C ALA A 9 -12.83 -10.75 -0.80
N ASP A 10 -13.46 -11.51 0.13
CA ASP A 10 -14.90 -11.77 0.06
C ASP A 10 -15.68 -10.45 0.20
N PRO A 11 -16.78 -10.32 -0.57
CA PRO A 11 -17.59 -9.08 -0.57
C PRO A 11 -18.23 -8.74 0.75
N ARG A 12 -18.52 -9.76 1.60
CA ARG A 12 -19.12 -9.54 2.90
C ARG A 12 -18.15 -8.76 3.79
N ALA A 13 -16.84 -9.09 3.69
CA ALA A 13 -15.82 -8.43 4.48
C ALA A 13 -15.44 -7.10 3.83
N VAL A 14 -15.29 -7.06 2.49
CA VAL A 14 -14.86 -5.83 1.80
C VAL A 14 -15.95 -4.77 1.85
N SER A 15 -17.24 -5.16 1.60
CA SER A 15 -18.34 -4.18 1.57
C SER A 15 -18.55 -3.55 2.93
N LEU A 16 -18.02 -4.19 4.00
CA LEU A 16 -18.15 -3.69 5.35
C LEU A 16 -17.16 -2.54 5.54
N TYR A 17 -16.01 -2.49 4.79
CA TYR A 17 -15.06 -1.39 4.98
C TYR A 17 -15.44 -0.22 4.06
N THR A 18 -16.23 -0.52 2.98
CA THR A 18 -16.64 0.47 1.95
C THR A 18 -17.20 1.79 2.48
N PRO A 19 -18.10 1.84 3.49
CA PRO A 19 -18.64 3.13 4.00
C PRO A 19 -17.61 4.12 4.46
N TYR A 20 -16.42 3.61 4.87
CA TYR A 20 -15.37 4.47 5.36
C TYR A 20 -14.65 5.16 4.20
N TYR A 21 -14.92 4.75 2.93
CA TYR A 21 -14.26 5.32 1.76
C TYR A 21 -15.36 5.76 0.83
N SER A 22 -16.10 6.84 1.23
CA SER A 22 -17.20 7.35 0.42
C SER A 22 -16.67 8.21 -0.71
N GLN A 23 -16.35 7.57 -1.85
CA GLN A 23 -15.85 8.28 -3.02
C GLN A 23 -16.51 7.66 -4.25
N ALA A 24 -15.76 6.82 -5.01
CA ALA A 24 -16.35 6.20 -6.19
C ALA A 24 -15.45 5.07 -6.68
N ASN A 25 -14.25 5.41 -7.21
CA ASN A 25 -13.35 4.39 -7.75
C ASN A 25 -12.58 3.66 -6.65
N ARG A 26 -12.62 4.14 -5.39
CA ARG A 26 -11.89 3.48 -4.30
C ARG A 26 -12.44 2.09 -4.02
N ARG A 27 -13.78 1.89 -4.10
CA ARG A 27 -14.37 0.58 -3.80
C ARG A 27 -13.96 -0.45 -4.84
N ARG A 28 -13.52 0.00 -6.05
CA ARG A 28 -13.06 -0.90 -7.10
C ARG A 28 -11.75 -1.58 -6.71
N TYR A 29 -10.83 -0.82 -6.06
CA TYR A 29 -9.52 -1.38 -5.70
C TYR A 29 -9.54 -1.91 -4.28
N LEU A 30 -10.62 -1.61 -3.50
CA LEU A 30 -10.74 -2.08 -2.12
C LEU A 30 -10.61 -3.60 -1.96
N PRO A 31 -11.34 -4.44 -2.73
CA PRO A 31 -11.22 -5.90 -2.55
C PRO A 31 -9.88 -6.46 -2.94
N TYR A 32 -9.12 -5.75 -3.82
CA TYR A 32 -7.82 -6.26 -4.25
C TYR A 32 -6.76 -5.74 -3.27
N ALA A 33 -6.93 -4.48 -2.76
CA ALA A 33 -5.97 -3.91 -1.83
C ALA A 33 -6.17 -4.53 -0.45
N LEU A 34 -7.42 -4.98 -0.11
CA LEU A 34 -7.68 -5.63 1.17
C LEU A 34 -6.94 -6.98 1.15
N SER A 35 -6.91 -7.65 -0.04
CA SER A 35 -6.18 -8.92 -0.22
C SER A 35 -4.67 -8.65 -0.06
N LEU A 36 -4.17 -7.54 -0.67
CA LEU A 36 -2.75 -7.15 -0.58
C LEU A 36 -2.40 -6.86 0.89
N TYR A 37 -3.31 -6.12 1.57
CA TYR A 37 -3.20 -5.77 2.99
C TYR A 37 -3.06 -7.04 3.84
N GLN A 38 -3.95 -8.04 3.59
CA GLN A 38 -3.98 -9.31 4.34
C GLN A 38 -2.66 -10.08 4.18
N GLY A 39 -1.97 -9.93 3.02
CA GLY A 39 -0.70 -10.61 2.73
C GLY A 39 0.36 -10.28 3.78
N SER A 40 0.39 -9.01 4.27
CA SER A 40 1.31 -8.57 5.34
C SER A 40 2.78 -8.45 4.89
N SER A 41 3.12 -8.85 3.65
CA SER A 41 4.48 -8.74 3.18
C SER A 41 4.44 -8.72 1.67
N ILE A 42 5.17 -7.77 1.05
CA ILE A 42 5.20 -7.68 -0.40
C ILE A 42 6.52 -7.08 -0.82
N GLU A 43 6.95 -7.36 -2.08
CA GLU A 43 8.16 -6.78 -2.62
C GLU A 43 7.66 -5.66 -3.51
N GLY A 44 8.26 -4.45 -3.38
CA GLY A 44 7.76 -3.30 -4.11
C GLY A 44 8.89 -2.59 -4.79
N SER A 45 8.62 -1.74 -5.79
CA SER A 45 9.68 -1.01 -6.46
C SER A 45 9.31 0.45 -6.47
N ARG A 46 10.30 1.31 -6.15
CA ARG A 46 10.10 2.75 -6.16
C ARG A 46 10.60 3.25 -7.50
N ALA A 47 9.74 3.98 -8.25
CA ALA A 47 10.11 4.49 -9.56
C ALA A 47 10.70 5.87 -9.38
N VAL A 48 11.89 6.10 -9.99
CA VAL A 48 12.56 7.38 -9.90
C VAL A 48 12.63 7.94 -11.31
N GLU A 49 12.12 9.18 -11.51
CA GLU A 49 12.12 9.79 -12.83
C GLU A 49 13.53 10.24 -13.15
N GLY A 50 14.11 9.68 -14.25
CA GLY A 50 15.48 10.02 -14.65
C GLY A 50 16.46 9.07 -13.99
N GLY A 51 15.93 8.03 -13.31
CA GLY A 51 16.79 7.05 -12.64
C GLY A 51 16.29 5.67 -12.97
N ALA A 52 16.66 4.69 -12.12
CA ALA A 52 16.26 3.32 -12.32
C ALA A 52 15.50 2.92 -11.06
N PRO A 53 14.61 1.94 -11.16
CA PRO A 53 13.83 1.49 -9.99
C PRO A 53 14.65 0.73 -8.96
N ILE A 54 14.26 0.84 -7.67
CA ILE A 54 14.98 0.18 -6.59
C ILE A 54 14.06 -0.85 -5.94
N SER A 55 14.60 -2.05 -5.69
CA SER A 55 13.87 -3.15 -5.03
C SER A 55 13.95 -2.99 -3.53
N PHE A 56 12.77 -2.90 -2.86
CA PHE A 56 12.73 -2.80 -1.40
C PHE A 56 11.94 -3.98 -0.85
N VAL A 57 12.02 -4.19 0.49
CA VAL A 57 11.30 -5.28 1.15
C VAL A 57 10.32 -4.61 2.07
N ALA A 58 8.99 -4.95 2.07
CA ALA A 58 8.08 -4.28 2.99
C ALA A 58 7.28 -5.31 3.76
N THR A 59 7.12 -5.09 5.09
CA THR A 59 6.34 -5.98 5.95
C THR A 59 5.46 -5.11 6.83
N TRP A 60 4.31 -5.64 7.32
CA TRP A 60 3.45 -4.85 8.18
C TRP A 60 2.54 -5.76 8.98
N THR A 61 1.88 -5.22 10.04
CA THR A 61 0.96 -6.00 10.88
C THR A 61 -0.45 -5.53 10.56
N VAL A 62 -1.43 -6.46 10.47
CA VAL A 62 -2.80 -6.10 10.12
C VAL A 62 -3.75 -6.27 11.29
N THR A 63 -4.86 -5.47 11.27
CA THR A 63 -5.89 -5.52 12.32
C THR A 63 -7.23 -5.29 11.63
N PRO A 64 -8.32 -5.84 12.19
CA PRO A 64 -9.67 -5.71 11.58
C PRO A 64 -10.37 -4.38 11.76
N LEU A 65 -9.93 -3.52 12.70
CA LEU A 65 -10.60 -2.24 12.93
C LEU A 65 -9.91 -1.16 12.08
N PRO A 66 -10.66 -0.41 11.27
CA PRO A 66 -10.08 0.63 10.40
C PRO A 66 -9.51 1.83 11.14
N ALA A 67 -9.90 2.00 12.42
CA ALA A 67 -9.41 3.12 13.23
C ALA A 67 -8.08 2.75 13.89
N ASP A 68 -7.65 1.45 13.79
CA ASP A 68 -6.39 1.03 14.41
C ASP A 68 -5.22 1.47 13.53
N MET A 69 -4.04 1.62 14.16
CA MET A 69 -2.84 2.05 13.43
C MET A 69 -1.98 0.83 13.19
N THR A 70 -1.41 0.74 11.96
CA THR A 70 -0.56 -0.39 11.55
C THR A 70 0.88 0.08 11.55
N ARG A 71 1.86 -0.80 11.89
CA ARG A 71 3.27 -0.41 11.82
C ARG A 71 3.82 -1.13 10.62
N CYS A 72 4.37 -0.36 9.65
CA CYS A 72 4.92 -0.94 8.44
C CYS A 72 6.41 -0.67 8.44
N HIS A 73 7.19 -1.73 8.12
CA HIS A 73 8.63 -1.67 8.08
C HIS A 73 9.02 -1.80 6.62
N LEU A 74 9.84 -0.83 6.15
CA LEU A 74 10.31 -0.81 4.77
C LEU A 74 11.82 -0.79 4.84
N GLN A 75 12.47 -1.73 4.12
CA GLN A 75 13.92 -1.83 4.08
C GLN A 75 14.32 -1.83 2.63
N PHE A 76 15.19 -0.86 2.23
CA PHE A 76 15.60 -0.73 0.82
C PHE A 76 16.94 -1.41 0.57
N ASN A 77 16.98 -2.26 -0.51
CA ASN A 77 18.19 -2.97 -0.96
C ASN A 77 18.78 -3.86 0.15
N ASN A 78 17.93 -4.32 1.12
CA ASN A 78 18.37 -5.18 2.23
C ASN A 78 19.43 -4.47 3.09
N ASP A 79 19.46 -3.11 3.07
CA ASP A 79 20.44 -2.36 3.83
C ASP A 79 19.79 -1.94 5.15
N ALA A 80 20.40 -2.36 6.29
CA ALA A 80 19.89 -2.04 7.62
C ALA A 80 19.91 -0.54 7.88
N GLU A 81 20.83 0.22 7.23
CA GLU A 81 20.92 1.66 7.43
C GLU A 81 19.82 2.37 6.63
N LEU A 82 19.10 1.64 5.73
CA LEU A 82 18.03 2.24 4.94
C LEU A 82 16.74 1.56 5.37
N THR A 83 16.45 1.63 6.68
CA THR A 83 15.24 1.04 7.25
C THR A 83 14.33 2.16 7.64
N TYR A 84 13.03 2.01 7.31
CA TYR A 84 12.05 3.02 7.63
C TYR A 84 10.91 2.36 8.36
N GLU A 85 10.38 3.05 9.39
CA GLU A 85 9.26 2.56 10.17
C GLU A 85 8.22 3.66 10.05
N ILE A 86 7.05 3.26 9.54
CA ILE A 86 5.95 4.16 9.32
C ILE A 86 4.73 3.52 9.97
N LEU A 87 4.09 4.35 10.82
CA LEU A 87 2.93 4.02 11.59
C LEU A 87 1.94 5.08 11.26
N LEU A 88 0.69 4.67 10.93
CA LEU A 88 -0.36 5.57 10.51
C LEU A 88 -1.61 4.71 10.56
N PRO A 89 -2.80 5.30 10.51
CA PRO A 89 -4.06 4.52 10.55
C PRO A 89 -4.27 3.56 9.40
N ASN A 90 -5.03 2.46 9.65
CA ASN A 90 -5.37 1.47 8.62
C ASN A 90 -6.09 2.14 7.45
N HIS A 91 -7.01 3.09 7.77
CA HIS A 91 -7.73 3.86 6.76
C HIS A 91 -6.76 4.60 5.84
N GLU A 92 -5.72 5.23 6.43
CA GLU A 92 -4.74 5.97 5.64
C GLU A 92 -3.79 5.00 4.94
N PHE A 93 -3.43 3.86 5.59
CA PHE A 93 -2.52 2.88 4.97
C PHE A 93 -3.17 2.28 3.73
N LEU A 94 -4.50 2.00 3.76
CA LEU A 94 -5.17 1.45 2.59
C LEU A 94 -5.31 2.52 1.52
N GLU A 95 -5.32 3.84 1.88
CA GLU A 95 -5.38 4.90 0.86
C GLU A 95 -4.08 4.83 0.02
N TYR A 96 -2.93 4.58 0.72
CA TYR A 96 -1.63 4.40 0.07
C TYR A 96 -1.67 3.16 -0.83
N LEU A 97 -2.14 2.00 -0.29
CA LEU A 97 -2.21 0.77 -1.11
C LEU A 97 -3.16 0.95 -2.30
N ILE A 98 -4.31 1.65 -2.14
CA ILE A 98 -5.22 1.90 -3.26
C ILE A 98 -4.55 2.81 -4.28
N ASP A 99 -3.81 3.89 -3.82
CA ASP A 99 -3.11 4.78 -4.75
C ASP A 99 -2.03 4.00 -5.52
N MET A 100 -1.38 3.01 -4.85
CA MET A 100 -0.37 2.14 -5.48
C MET A 100 -1.04 1.36 -6.62
N LEU A 101 -2.29 0.87 -6.39
CA LEU A 101 -3.01 0.11 -7.42
C LEU A 101 -3.39 1.05 -8.56
N MET A 102 -3.71 2.35 -8.27
CA MET A 102 -4.02 3.31 -9.32
C MET A 102 -2.76 3.56 -10.16
N GLY A 103 -1.55 3.68 -9.51
CA GLY A 103 -0.29 3.87 -10.24
C GLY A 103 0.01 2.63 -11.06
N TYR A 104 -0.28 1.43 -10.47
CA TYR A 104 -0.11 0.14 -11.14
C TYR A 104 -0.96 0.09 -12.39
N GLN A 105 -2.25 0.49 -12.26
CA GLN A 105 -3.18 0.51 -13.37
C GLN A 105 -2.72 1.41 -14.51
N ARG A 106 -2.23 2.63 -14.18
CA ARG A 106 -1.87 3.59 -15.22
C ARG A 106 -0.60 3.19 -15.98
N MET A 107 0.45 2.66 -15.27
CA MET A 107 1.72 2.34 -15.93
C MET A 107 1.84 0.85 -16.29
N GLN A 108 0.98 -0.02 -15.70
CA GLN A 108 0.99 -1.47 -15.97
C GLN A 108 2.29 -2.12 -15.48
N LYS A 109 2.83 -1.61 -14.34
CA LYS A 109 4.06 -2.14 -13.75
C LYS A 109 3.95 -1.88 -12.26
N THR A 110 4.77 -2.59 -11.42
CA THR A 110 4.71 -2.38 -9.97
C THR A 110 5.53 -1.15 -9.66
N ASP A 111 4.85 -0.02 -9.34
CA ASP A 111 5.55 1.21 -9.04
C ASP A 111 4.84 1.83 -7.85
N PHE A 112 5.59 2.07 -6.75
CA PHE A 112 5.01 2.70 -5.57
C PHE A 112 4.97 4.20 -5.83
N PRO A 113 3.95 4.88 -5.29
CA PRO A 113 3.81 6.32 -5.49
C PRO A 113 4.76 7.17 -4.68
N GLY A 114 5.15 8.35 -5.26
CA GLY A 114 6.08 9.29 -4.62
C GLY A 114 5.54 9.80 -3.31
N ALA A 115 4.19 9.96 -3.18
CA ALA A 115 3.59 10.47 -1.94
C ALA A 115 3.86 9.50 -0.77
N PHE A 116 3.98 8.18 -1.06
CA PHE A 116 4.24 7.20 -0.02
C PHE A 116 5.64 7.45 0.56
N TYR A 117 6.66 7.63 -0.33
CA TYR A 117 8.04 7.87 0.11
C TYR A 117 8.15 9.25 0.77
N ARG A 118 7.32 10.22 0.31
CA ARG A 118 7.32 11.58 0.87
C ARG A 118 6.97 11.52 2.37
N ARG A 119 5.94 10.70 2.72
CA ARG A 119 5.49 10.56 4.10
C ARG A 119 6.43 9.63 4.84
N LEU A 120 6.94 8.58 4.13
CA LEU A 120 7.89 7.61 4.70
C LEU A 120 9.16 8.32 5.15
N LEU A 121 9.71 9.25 4.32
CA LEU A 121 10.91 9.99 4.69
C LEU A 121 10.57 11.03 5.76
N GLY A 122 9.32 11.58 5.72
CA GLY A 122 8.90 12.58 6.69
C GLY A 122 8.98 13.97 6.11
N TYR A 123 8.97 14.10 4.75
CA TYR A 123 9.04 15.42 4.12
C TYR A 123 7.76 16.18 4.36
N ASP A 124 6.62 15.46 4.46
CA ASP A 124 5.34 16.10 4.68
C ASP A 124 5.04 16.07 6.19
N SER A 125 6.07 15.99 7.05
CA SER A 125 5.85 15.96 8.50
C SER A 125 5.67 17.42 9.03
N MET A 1 2.66 -11.94 -7.76
CA MET A 1 3.71 -10.94 -8.18
C MET A 1 3.13 -9.73 -8.91
N ARG A 2 1.92 -9.89 -9.53
CA ARG A 2 1.29 -8.80 -10.26
C ARG A 2 -0.06 -8.55 -9.62
N ILE A 3 -0.43 -7.25 -9.45
CA ILE A 3 -1.71 -6.87 -8.84
C ILE A 3 -2.86 -7.32 -9.73
N ASP A 4 -2.70 -7.22 -11.08
CA ASP A 4 -3.75 -7.64 -12.02
C ASP A 4 -4.05 -9.15 -11.88
N GLU A 5 -3.10 -9.93 -11.31
CA GLU A 5 -3.31 -11.37 -11.14
C GLU A 5 -3.81 -11.65 -9.71
N LEU A 6 -4.02 -10.60 -8.87
CA LEU A 6 -4.50 -10.83 -7.50
C LEU A 6 -5.99 -11.02 -7.56
N VAL A 7 -6.50 -12.00 -6.79
CA VAL A 7 -7.92 -12.25 -6.73
C VAL A 7 -8.50 -11.31 -5.69
N PRO A 8 -9.70 -10.79 -5.94
CA PRO A 8 -10.33 -9.87 -5.00
C PRO A 8 -10.84 -10.53 -3.75
N ALA A 9 -10.91 -9.75 -2.64
CA ALA A 9 -11.41 -10.26 -1.38
C ALA A 9 -12.92 -10.45 -1.49
N ASP A 10 -13.52 -11.25 -0.56
CA ASP A 10 -14.95 -11.53 -0.60
C ASP A 10 -15.74 -10.22 -0.42
N PRO A 11 -16.85 -10.07 -1.17
CA PRO A 11 -17.67 -8.84 -1.13
C PRO A 11 -18.31 -8.54 0.20
N ARG A 12 -18.57 -9.59 1.02
CA ARG A 12 -19.17 -9.41 2.35
C ARG A 12 -18.18 -8.68 3.25
N ALA A 13 -16.88 -9.03 3.13
CA ALA A 13 -15.82 -8.42 3.92
C ALA A 13 -15.47 -7.05 3.36
N VAL A 14 -15.35 -6.93 2.01
CA VAL A 14 -14.96 -5.66 1.40
C VAL A 14 -16.05 -4.61 1.55
N SER A 15 -17.33 -5.01 1.33
CA SER A 15 -18.45 -4.03 1.40
C SER A 15 -18.62 -3.51 2.81
N LEU A 16 -18.06 -4.23 3.81
CA LEU A 16 -18.15 -3.82 5.20
C LEU A 16 -17.16 -2.66 5.44
N TYR A 17 -16.05 -2.55 4.65
CA TYR A 17 -15.11 -1.46 4.85
C TYR A 17 -15.55 -0.24 4.04
N THR A 18 -16.38 -0.48 2.98
CA THR A 18 -16.87 0.58 2.05
C THR A 18 -17.48 1.81 2.74
N PRO A 19 -18.41 1.69 3.72
CA PRO A 19 -19.01 2.89 4.36
C PRO A 19 -18.04 3.81 5.09
N TYR A 20 -16.77 3.39 5.27
CA TYR A 20 -15.77 4.22 5.94
C TYR A 20 -15.07 5.10 4.91
N TYR A 21 -15.41 4.96 3.60
CA TYR A 21 -14.75 5.76 2.56
C TYR A 21 -15.83 6.37 1.69
N SER A 22 -15.67 7.66 1.30
CA SER A 22 -16.68 8.33 0.49
C SER A 22 -16.11 8.57 -0.90
N GLN A 23 -15.91 7.49 -1.69
CA GLN A 23 -15.38 7.64 -3.03
C GLN A 23 -15.69 6.37 -3.81
N ALA A 24 -16.38 6.53 -4.98
CA ALA A 24 -16.75 5.41 -5.84
C ALA A 24 -15.50 4.79 -6.46
N ASN A 25 -14.49 5.63 -6.84
CA ASN A 25 -13.26 5.15 -7.47
C ASN A 25 -12.47 4.30 -6.49
N ARG A 26 -12.45 4.69 -5.19
CA ARG A 26 -11.71 3.94 -4.18
C ARG A 26 -12.35 2.58 -3.96
N ARG A 27 -13.71 2.49 -4.07
CA ARG A 27 -14.42 1.22 -3.88
C ARG A 27 -13.97 0.20 -4.93
N ARG A 28 -13.67 0.68 -6.17
CA ARG A 28 -13.22 -0.19 -7.27
C ARG A 28 -11.89 -0.89 -6.94
N TYR A 29 -10.93 -0.18 -6.31
CA TYR A 29 -9.62 -0.79 -6.00
C TYR A 29 -9.62 -1.39 -4.61
N LEU A 30 -10.69 -1.14 -3.80
CA LEU A 30 -10.79 -1.64 -2.43
C LEU A 30 -10.67 -3.17 -2.33
N PRO A 31 -11.43 -3.99 -3.10
CA PRO A 31 -11.31 -5.45 -2.97
C PRO A 31 -9.99 -6.01 -3.42
N TYR A 32 -9.25 -5.27 -4.29
CA TYR A 32 -7.97 -5.76 -4.77
C TYR A 32 -6.88 -5.31 -3.81
N ALA A 33 -7.03 -4.10 -3.19
CA ALA A 33 -6.03 -3.60 -2.26
C ALA A 33 -6.22 -4.27 -0.91
N LEU A 34 -7.47 -4.70 -0.59
CA LEU A 34 -7.73 -5.41 0.67
C LEU A 34 -7.02 -6.77 0.57
N SER A 35 -7.04 -7.39 -0.64
CA SER A 35 -6.36 -8.68 -0.88
C SER A 35 -4.84 -8.48 -0.70
N LEU A 36 -4.27 -7.36 -1.24
CA LEU A 36 -2.83 -7.05 -1.10
C LEU A 36 -2.51 -6.80 0.38
N TYR A 37 -3.41 -6.08 1.10
CA TYR A 37 -3.28 -5.79 2.53
C TYR A 37 -3.13 -7.08 3.33
N GLN A 38 -3.96 -8.11 3.01
CA GLN A 38 -3.93 -9.41 3.70
C GLN A 38 -2.62 -10.16 3.43
N GLY A 39 -1.87 -9.75 2.37
CA GLY A 39 -0.58 -10.36 2.00
C GLY A 39 0.43 -10.22 3.11
N SER A 40 0.44 -9.06 3.82
CA SER A 40 1.35 -8.83 4.97
C SER A 40 2.78 -8.53 4.55
N SER A 41 3.28 -9.12 3.44
CA SER A 41 4.66 -8.87 3.01
C SER A 41 4.64 -8.84 1.50
N ILE A 42 5.34 -7.84 0.90
CA ILE A 42 5.36 -7.73 -0.55
C ILE A 42 6.67 -7.07 -0.98
N GLU A 43 7.07 -7.29 -2.27
CA GLU A 43 8.25 -6.66 -2.82
C GLU A 43 7.69 -5.51 -3.64
N GLY A 44 8.28 -4.29 -3.51
CA GLY A 44 7.73 -3.12 -4.19
C GLY A 44 8.85 -2.37 -4.85
N SER A 45 8.51 -1.49 -5.82
CA SER A 45 9.55 -0.70 -6.49
C SER A 45 9.19 0.74 -6.33
N ARG A 46 10.20 1.57 -5.94
CA ARG A 46 9.98 3.01 -5.78
C ARG A 46 10.49 3.65 -7.04
N ALA A 47 9.61 4.42 -7.73
CA ALA A 47 9.98 5.07 -8.97
C ALA A 47 10.61 6.42 -8.67
N VAL A 48 11.72 6.73 -9.38
CA VAL A 48 12.43 7.99 -9.19
C VAL A 48 12.37 8.73 -10.51
N GLU A 49 11.87 9.98 -10.51
CA GLU A 49 11.76 10.76 -11.74
C GLU A 49 13.15 11.23 -12.14
N GLY A 50 13.63 10.79 -13.33
CA GLY A 50 14.96 11.18 -13.82
C GLY A 50 15.98 10.18 -13.33
N GLY A 51 15.53 9.07 -12.69
CA GLY A 51 16.45 8.05 -12.19
C GLY A 51 15.92 6.70 -12.59
N ALA A 52 16.37 5.66 -11.87
CA ALA A 52 15.94 4.30 -12.13
C ALA A 52 15.22 3.83 -10.88
N PRO A 53 14.29 2.88 -11.02
CA PRO A 53 13.54 2.36 -9.88
C PRO A 53 14.37 1.51 -8.95
N ILE A 54 14.02 1.50 -7.64
CA ILE A 54 14.78 0.72 -6.66
C ILE A 54 13.87 -0.35 -6.08
N SER A 55 14.41 -1.58 -5.95
CA SER A 55 13.70 -2.73 -5.37
C SER A 55 13.82 -2.68 -3.86
N PHE A 56 12.66 -2.61 -3.16
CA PHE A 56 12.67 -2.60 -1.70
C PHE A 56 11.87 -3.78 -1.18
N VAL A 57 11.95 -4.03 0.14
CA VAL A 57 11.24 -5.14 0.77
C VAL A 57 10.27 -4.51 1.76
N ALA A 58 8.94 -4.83 1.77
CA ALA A 58 8.05 -4.22 2.76
C ALA A 58 7.26 -5.29 3.45
N THR A 59 7.12 -5.15 4.78
CA THR A 59 6.37 -6.10 5.58
C THR A 59 5.54 -5.29 6.55
N TRP A 60 4.25 -5.68 6.79
CA TRP A 60 3.42 -4.91 7.70
C TRP A 60 2.47 -5.84 8.45
N THR A 61 1.96 -5.35 9.61
CA THR A 61 1.00 -6.11 10.43
C THR A 61 -0.39 -5.79 9.92
N VAL A 62 -1.29 -6.80 9.89
CA VAL A 62 -2.63 -6.59 9.35
C VAL A 62 -3.64 -6.64 10.48
N THR A 63 -4.59 -5.66 10.52
CA THR A 63 -5.62 -5.61 11.56
C THR A 63 -6.98 -5.53 10.87
N PRO A 64 -8.03 -6.08 11.51
CA PRO A 64 -9.39 -6.06 10.94
C PRO A 64 -10.23 -4.84 11.20
N LEU A 65 -9.84 -3.97 12.16
CA LEU A 65 -10.62 -2.77 12.47
C LEU A 65 -9.97 -1.57 11.79
N PRO A 66 -10.78 -0.66 11.22
CA PRO A 66 -10.25 0.52 10.53
C PRO A 66 -9.63 1.57 11.43
N ALA A 67 -9.96 1.53 12.75
CA ALA A 67 -9.43 2.50 13.71
C ALA A 67 -8.11 2.01 14.30
N ASP A 68 -7.67 0.77 13.97
CA ASP A 68 -6.43 0.23 14.51
C ASP A 68 -5.27 0.80 13.70
N MET A 69 -4.05 0.78 14.29
CA MET A 69 -2.87 1.29 13.62
C MET A 69 -2.02 0.11 13.19
N THR A 70 -1.49 0.16 11.95
CA THR A 70 -0.65 -0.91 11.40
C THR A 70 0.78 -0.45 11.48
N ARG A 71 1.76 -1.38 11.70
CA ARG A 71 3.16 -0.98 11.71
C ARG A 71 3.75 -1.61 10.47
N CYS A 72 4.31 -0.77 9.58
CA CYS A 72 4.90 -1.26 8.35
C CYS A 72 6.39 -1.01 8.41
N HIS A 73 7.16 -2.07 8.08
CA HIS A 73 8.60 -2.02 8.06
C HIS A 73 8.99 -2.08 6.61
N LEU A 74 9.87 -1.14 6.20
CA LEU A 74 10.31 -1.05 4.82
C LEU A 74 11.82 -0.97 4.80
N GLN A 75 12.45 -1.86 3.99
CA GLN A 75 13.90 -1.91 3.84
C GLN A 75 14.23 -1.74 2.38
N PHE A 76 15.19 -0.85 2.05
CA PHE A 76 15.57 -0.63 0.67
C PHE A 76 16.82 -1.44 0.40
N ASN A 77 16.77 -2.26 -0.71
CA ASN A 77 17.88 -3.11 -1.13
C ASN A 77 18.26 -4.14 -0.05
N ASN A 78 17.29 -4.48 0.86
CA ASN A 78 17.50 -5.45 1.94
C ASN A 78 18.69 -5.03 2.83
N ASP A 79 18.81 -3.72 3.10
CA ASP A 79 19.91 -3.21 3.92
C ASP A 79 19.34 -2.88 5.29
N ALA A 80 20.00 -3.41 6.36
CA ALA A 80 19.58 -3.18 7.73
C ALA A 80 19.76 -1.71 8.14
N GLU A 81 20.71 -0.99 7.48
CA GLU A 81 20.96 0.42 7.81
C GLU A 81 19.93 1.31 7.12
N LEU A 82 19.08 0.73 6.22
CA LEU A 82 18.06 1.49 5.52
C LEU A 82 16.72 0.97 5.96
N THR A 83 16.56 0.76 7.29
CA THR A 83 15.32 0.24 7.84
C THR A 83 14.43 1.41 8.21
N TYR A 84 13.20 1.42 7.64
CA TYR A 84 12.25 2.48 7.93
C TYR A 84 11.04 1.85 8.60
N GLU A 85 10.46 2.56 9.59
CA GLU A 85 9.28 2.11 10.30
C GLU A 85 8.27 3.21 10.16
N ILE A 86 7.10 2.83 9.64
CA ILE A 86 6.00 3.75 9.41
C ILE A 86 4.76 3.09 10.00
N LEU A 87 4.11 3.90 10.85
CA LEU A 87 2.93 3.53 11.61
C LEU A 87 1.93 4.60 11.29
N LEU A 88 0.67 4.19 11.00
CA LEU A 88 -0.37 5.10 10.61
C LEU A 88 -1.64 4.26 10.78
N PRO A 89 -2.81 4.88 10.82
CA PRO A 89 -4.08 4.15 10.92
C PRO A 89 -4.36 3.22 9.76
N ASN A 90 -5.11 2.12 10.03
CA ASN A 90 -5.51 1.15 9.02
C ASN A 90 -6.27 1.84 7.90
N HIS A 91 -7.21 2.76 8.26
CA HIS A 91 -7.98 3.54 7.28
C HIS A 91 -7.05 4.31 6.34
N GLU A 92 -6.03 5.01 6.91
CA GLU A 92 -5.10 5.78 6.10
C GLU A 92 -4.15 4.86 5.33
N PHE A 93 -3.74 3.70 5.93
CA PHE A 93 -2.82 2.77 5.24
C PHE A 93 -3.47 2.25 3.96
N LEU A 94 -4.80 1.94 4.01
CA LEU A 94 -5.48 1.47 2.80
C LEU A 94 -5.64 2.61 1.81
N GLU A 95 -5.66 3.90 2.25
CA GLU A 95 -5.76 5.02 1.31
C GLU A 95 -4.47 5.03 0.46
N TYR A 96 -3.30 4.78 1.12
CA TYR A 96 -2.01 4.66 0.46
C TYR A 96 -2.02 3.46 -0.48
N LEU A 97 -2.45 2.26 0.01
CA LEU A 97 -2.49 1.06 -0.86
C LEU A 97 -3.42 1.28 -2.05
N ILE A 98 -4.58 1.95 -1.85
CA ILE A 98 -5.50 2.24 -2.96
C ILE A 98 -4.85 3.21 -3.95
N ASP A 99 -4.13 4.27 -3.45
CA ASP A 99 -3.45 5.23 -4.35
C ASP A 99 -2.36 4.49 -5.13
N MET A 100 -1.66 3.54 -4.46
CA MET A 100 -0.63 2.71 -5.08
C MET A 100 -1.26 1.87 -6.20
N LEU A 101 -2.49 1.32 -5.95
CA LEU A 101 -3.17 0.49 -6.93
C LEU A 101 -3.63 1.37 -8.10
N MET A 102 -3.97 2.65 -7.84
CA MET A 102 -4.33 3.57 -8.91
C MET A 102 -3.09 3.83 -9.77
N GLY A 103 -1.89 3.96 -9.14
CA GLY A 103 -0.62 4.14 -9.90
C GLY A 103 -0.37 2.89 -10.74
N TYR A 104 -0.65 1.70 -10.16
CA TYR A 104 -0.51 0.42 -10.87
C TYR A 104 -1.45 0.39 -12.06
N GLN A 105 -2.73 0.74 -11.83
CA GLN A 105 -3.75 0.76 -12.88
C GLN A 105 -3.38 1.73 -14.01
N ARG A 106 -2.86 2.94 -13.67
CA ARG A 106 -2.56 3.94 -14.71
C ARG A 106 -1.32 3.59 -15.52
N MET A 107 -0.24 3.07 -14.86
CA MET A 107 1.02 2.80 -15.57
C MET A 107 1.18 1.33 -15.98
N GLN A 108 0.38 0.43 -15.37
CA GLN A 108 0.43 -1.02 -15.65
C GLN A 108 1.77 -1.61 -15.23
N LYS A 109 2.28 -1.16 -14.05
CA LYS A 109 3.55 -1.64 -13.52
C LYS A 109 3.51 -1.38 -12.03
N THR A 110 4.26 -2.16 -11.21
CA THR A 110 4.23 -1.96 -9.75
C THR A 110 5.17 -0.83 -9.41
N ASP A 111 4.59 0.35 -9.06
CA ASP A 111 5.39 1.51 -8.70
C ASP A 111 4.72 2.14 -7.51
N PHE A 112 5.49 2.38 -6.42
CA PHE A 112 4.93 3.01 -5.23
C PHE A 112 4.93 4.53 -5.46
N PRO A 113 3.95 5.22 -4.90
CA PRO A 113 3.85 6.67 -5.05
C PRO A 113 4.83 7.45 -4.21
N GLY A 114 5.25 8.63 -4.71
CA GLY A 114 6.21 9.50 -4.00
C GLY A 114 5.66 9.99 -2.68
N ALA A 115 4.30 10.03 -2.53
CA ALA A 115 3.69 10.50 -1.29
C ALA A 115 3.93 9.47 -0.17
N PHE A 116 4.19 8.18 -0.53
CA PHE A 116 4.44 7.17 0.50
C PHE A 116 5.82 7.44 1.08
N TYR A 117 6.83 7.72 0.21
CA TYR A 117 8.19 7.99 0.68
C TYR A 117 8.24 9.33 1.40
N ARG A 118 7.35 10.29 1.01
CA ARG A 118 7.31 11.62 1.63
C ARG A 118 7.00 11.49 3.13
N ARG A 119 6.04 10.57 3.46
CA ARG A 119 5.62 10.34 4.84
C ARG A 119 6.60 9.37 5.50
N LEU A 120 7.20 8.45 4.70
CA LEU A 120 8.19 7.48 5.20
C LEU A 120 9.43 8.23 5.68
N LEU A 121 9.85 9.29 4.94
CA LEU A 121 11.00 10.12 5.34
C LEU A 121 10.58 10.99 6.51
N GLY A 122 9.28 11.38 6.56
CA GLY A 122 8.76 12.21 7.65
C GLY A 122 8.88 13.67 7.30
N TYR A 123 8.65 14.03 6.01
CA TYR A 123 8.76 15.44 5.59
C TYR A 123 7.60 16.25 6.13
N ASP A 124 6.46 15.59 6.45
CA ASP A 124 5.30 16.28 6.99
C ASP A 124 5.35 16.21 8.51
N SER A 125 6.51 15.80 9.10
CA SER A 125 6.61 15.70 10.56
C SER A 125 6.96 17.09 11.16
#